data_4J4P
#
_entry.id   4J4P
#
_cell.length_a   84.590
_cell.length_b   100.810
_cell.length_c   219.680
_cell.angle_alpha   90.00
_cell.angle_beta   90.00
_cell.angle_gamma   90.00
#
_symmetry.space_group_name_H-M   'P 21 21 21'
#
loop_
_entity.id
_entity.type
_entity.pdbx_description
1 polymer 'Ig epsilon chain C region'
2 polymer 'Immunoglobulin G Fab Fragment Heavy Chain'
3 polymer 'Immunoglobulin G Fab Fragment Light Chain'
4 branched beta-D-mannopyranose-(1-3)-[beta-D-mannopyranose-(1-6)]beta-D-mannopyranose-(1-4)-2-acetamido-2-deoxy-beta-D-glucopyranose-(1-4)-2-acetamido-2-deoxy-beta-D-glucopyranose
5 water water
#
loop_
_entity_poly.entity_id
_entity_poly.type
_entity_poly.pdbx_seq_one_letter_code
_entity_poly.pdbx_strand_id
1 'polypeptide(L)'
;CSRDFTPPTVKILQSSCDGGGHFPPTIQLLCLVSGYTPGTIQITWLEDGQVMDVDLSTASTTQEGELASTQSELTLSQKH
WLSDRTYTCQVTYQGHTFEDSTKKCADSNPRGVSAYLSRPSPFDLFIRKSPTITCLVVDLAPSKGTVQLTWSRASGKPVN
HSTRKEEKQRNGTLTVTSTLPVGTRDWIEGETYQCRVTHPHLPRALMRSTTKTSGPRAAPEVYAFATPEWPGSRDKRTLA
CLIQNFMPEDISVQWLHNEVQLPDARHSTTQPRKTKGSGFFVFSRLEVTRAEWEQKDEFICRAVHEAASPSQTVQRAVSV
NPG
;
A,B
2 'polypeptide(L)'
;MEWIWIFLFLLSVTTGVHSQVQLQQSGPGLVKPSQTLSLTCGISGDSVSSNSAAWNWLRQSPSRGLEWLGRTYYRSKWYN
DYAVSMKSRITINPDTSRNQFSLQLNSVTPEDTAVYYCARDGEISYDYYYYGMDVWGRGTLVTVSSASTKGPSVFPLAPS
SKSTSGGTAALGCLVKDYFPEPVTVSWNSGALTSGVHTFPAVLQSSGLYSLSSVVTVPSSSLGTQTYICNVNHKPSNTKV
DKKVEPKSC
;
H,C
3 'polypeptide(L)'
;MDWSPLLLTLLAHCTGSWAQSVLTQPPSASGTPGQRVTISCSGSSSNIGNNGVNWYQQVPGKPPKLLIYYDDLLPSGVSD
RFSGSKSGTSASLAISGLQSEDEADYYCEAWDDSLDGVVFGGGTKLTVLGQPKAAPSVTLFPPSSEELQANKATLVCLIS
DFYPGAVTVAWKADSSPVKAGVETTTPSKQSNNKYAASSYLSLTPEQWKSHRSYSCQVTHEGSTVEKTVAPTECS
;
L,D
#
loop_
_chem_comp.id
_chem_comp.type
_chem_comp.name
_chem_comp.formula
BMA D-saccharide, beta linking beta-D-mannopyranose 'C6 H12 O6'
NAG D-saccharide, beta linking 2-acetamido-2-deoxy-beta-D-glucopyranose 'C8 H15 N O6'
#
# COMPACT_ATOMS: atom_id res chain seq x y z
N THR A 6 -39.43 -25.42 22.55
CA THR A 6 -38.24 -24.70 22.10
C THR A 6 -38.52 -23.80 20.91
N PRO A 7 -37.75 -22.69 20.78
CA PRO A 7 -37.64 -21.91 19.54
C PRO A 7 -36.67 -22.58 18.56
N PRO A 8 -36.88 -22.38 17.25
CA PRO A 8 -36.00 -22.86 16.18
C PRO A 8 -34.79 -21.96 15.95
N THR A 9 -33.91 -22.36 15.06
CA THR A 9 -32.71 -21.58 14.81
C THR A 9 -32.41 -21.40 13.32
N VAL A 10 -32.04 -20.20 12.90
CA VAL A 10 -31.59 -20.02 11.52
C VAL A 10 -30.09 -19.85 11.35
N LYS A 11 -29.54 -20.56 10.36
CA LYS A 11 -28.21 -20.24 9.85
C LYS A 11 -28.27 -20.04 8.35
N ILE A 12 -27.36 -19.25 7.80
CA ILE A 12 -27.31 -19.06 6.35
C ILE A 12 -26.08 -19.74 5.80
N LEU A 13 -26.19 -20.33 4.63
CA LEU A 13 -25.02 -20.89 3.95
C LEU A 13 -24.93 -20.29 2.54
N GLN A 14 -23.72 -20.26 1.98
CA GLN A 14 -23.52 -19.67 0.65
C GLN A 14 -22.81 -20.60 -0.31
N SER A 15 -23.04 -20.38 -1.60
CA SER A 15 -22.19 -20.96 -2.62
C SER A 15 -20.79 -20.54 -2.32
N SER A 16 -19.86 -21.43 -2.64
CA SER A 16 -18.48 -21.31 -2.21
C SER A 16 -17.52 -21.09 -3.39
N CYS A 17 -16.38 -20.50 -3.09
CA CYS A 17 -15.41 -20.20 -4.13
C CYS A 17 -14.60 -21.43 -4.42
N ASP A 18 -14.14 -21.56 -5.66
CA ASP A 18 -13.42 -22.74 -6.12
C ASP A 18 -12.02 -22.88 -5.54
N GLY A 19 -11.31 -23.89 -6.05
CA GLY A 19 -9.95 -24.14 -5.63
C GLY A 19 -9.10 -22.88 -5.69
N GLY A 20 -9.18 -22.14 -6.80
CA GLY A 20 -8.41 -20.93 -6.93
C GLY A 20 -9.00 -19.78 -6.15
N GLY A 21 -9.98 -20.07 -5.29
CA GLY A 21 -10.54 -19.05 -4.43
C GLY A 21 -11.25 -17.95 -5.16
N HIS A 22 -11.89 -18.29 -6.27
CA HIS A 22 -12.60 -17.37 -7.15
C HIS A 22 -14.13 -17.56 -7.05
N PHE A 23 -14.91 -16.48 -7.01
CA PHE A 23 -16.37 -16.59 -7.04
C PHE A 23 -16.93 -17.20 -8.33
N PRO A 24 -18.10 -17.83 -8.24
CA PRO A 24 -18.80 -18.26 -9.47
C PRO A 24 -19.82 -17.21 -9.93
N PRO A 25 -20.41 -17.40 -11.12
CA PRO A 25 -21.24 -16.32 -11.67
C PRO A 25 -22.49 -16.00 -10.86
N THR A 26 -22.93 -16.98 -10.09
CA THR A 26 -24.15 -16.84 -9.30
C THR A 26 -23.94 -17.34 -7.86
N ILE A 27 -24.24 -16.46 -6.89
CA ILE A 27 -24.12 -16.77 -5.46
C ILE A 27 -25.46 -17.23 -4.95
N GLN A 28 -25.58 -18.52 -4.60
CA GLN A 28 -26.80 -18.99 -3.91
C GLN A 28 -26.63 -18.86 -2.39
N LEU A 29 -27.60 -18.21 -1.76
CA LEU A 29 -27.69 -18.19 -0.31
C LEU A 29 -28.88 -19.05 0.17
N LEU A 30 -28.63 -19.81 1.24
CA LEU A 30 -29.58 -20.78 1.74
C LEU A 30 -29.90 -20.52 3.22
N CYS A 31 -31.17 -20.29 3.53
CA CYS A 31 -31.62 -20.24 4.92
C CYS A 31 -31.98 -21.63 5.38
N LEU A 32 -31.43 -22.01 6.52
CA LEU A 32 -31.83 -23.23 7.19
C LEU A 32 -32.39 -22.86 8.55
N VAL A 33 -33.71 -23.00 8.68
CA VAL A 33 -34.37 -22.98 9.97
C VAL A 33 -34.45 -24.42 10.42
N SER A 34 -34.00 -24.69 11.64
CA SER A 34 -33.99 -26.06 12.12
C SER A 34 -34.40 -26.20 13.59
N GLY A 35 -34.83 -27.41 13.93
CA GLY A 35 -34.99 -27.85 15.30
C GLY A 35 -36.21 -27.34 16.03
N TYR A 36 -37.36 -27.40 15.38
CA TYR A 36 -38.55 -26.76 15.94
C TYR A 36 -39.78 -27.63 15.97
N THR A 37 -40.76 -27.13 16.71
CA THR A 37 -42.15 -27.51 16.56
C THR A 37 -42.63 -27.02 15.19
N PRO A 38 -43.36 -27.88 14.45
CA PRO A 38 -43.87 -27.64 13.08
C PRO A 38 -44.97 -26.61 13.04
N GLY A 39 -45.68 -26.56 11.92
CA GLY A 39 -46.77 -25.61 11.74
C GLY A 39 -46.35 -24.39 10.96
N THR A 40 -47.01 -23.26 11.19
CA THR A 40 -46.79 -22.07 10.39
C THR A 40 -45.32 -21.61 10.41
N ILE A 41 -44.72 -21.54 9.22
CA ILE A 41 -43.36 -21.04 9.03
C ILE A 41 -43.29 -20.09 7.84
N GLN A 42 -43.00 -18.83 8.12
CA GLN A 42 -42.95 -17.79 7.09
C GLN A 42 -41.54 -17.28 6.97
N ILE A 43 -41.01 -17.26 5.74
CA ILE A 43 -39.68 -16.72 5.51
C ILE A 43 -39.71 -15.49 4.62
N THR A 44 -39.14 -14.40 5.13
CA THR A 44 -38.90 -13.23 4.29
C THR A 44 -37.41 -13.09 4.03
N TRP A 45 -37.11 -12.56 2.84
CA TRP A 45 -35.77 -12.12 2.48
C TRP A 45 -35.69 -10.59 2.39
N LEU A 46 -34.80 -10.01 3.17
CA LEU A 46 -34.54 -8.57 3.08
C LEU A 46 -33.20 -8.26 2.40
N GLU A 47 -33.23 -7.46 1.34
CA GLU A 47 -31.99 -7.00 0.76
C GLU A 47 -31.65 -5.63 1.34
N ASP A 48 -30.61 -5.57 2.16
CA ASP A 48 -30.16 -4.28 2.67
C ASP A 48 -31.12 -3.67 3.70
N GLY A 49 -32.10 -4.47 4.10
CA GLY A 49 -33.08 -4.09 5.11
C GLY A 49 -34.45 -3.82 4.53
N GLN A 50 -34.66 -4.28 3.30
CA GLN A 50 -35.90 -4.08 2.59
C GLN A 50 -36.36 -5.37 1.91
N VAL A 51 -37.67 -5.57 1.81
CA VAL A 51 -38.22 -6.82 1.28
C VAL A 51 -37.87 -7.04 -0.19
N MET A 52 -37.89 -8.28 -0.61
CA MET A 52 -37.47 -8.63 -1.96
C MET A 52 -38.63 -9.20 -2.74
N ASP A 53 -38.51 -9.12 -4.06
CA ASP A 53 -39.42 -9.77 -4.98
C ASP A 53 -39.30 -11.27 -4.74
N VAL A 54 -40.43 -11.93 -4.51
CA VAL A 54 -40.44 -13.33 -4.07
C VAL A 54 -40.04 -14.37 -5.13
N ASP A 55 -39.95 -13.95 -6.39
CA ASP A 55 -39.78 -14.89 -7.52
C ASP A 55 -38.53 -15.78 -7.47
N LEU A 56 -37.37 -15.20 -7.14
CA LEU A 56 -36.14 -15.98 -7.04
C LEU A 56 -35.83 -16.50 -5.63
N SER A 57 -36.77 -16.28 -4.70
CA SER A 57 -36.72 -16.90 -3.36
C SER A 57 -37.67 -18.11 -3.28
N THR A 58 -37.13 -19.28 -2.96
CA THR A 58 -37.96 -20.50 -2.96
C THR A 58 -37.72 -21.45 -1.80
N ALA A 59 -38.79 -21.84 -1.11
CA ALA A 59 -38.69 -22.62 0.13
C ALA A 59 -38.96 -24.13 -0.04
N SER A 60 -38.85 -24.86 1.08
CA SER A 60 -39.01 -26.31 1.14
C SER A 60 -38.86 -26.79 2.61
N THR A 61 -39.44 -27.94 2.98
CA THR A 61 -39.40 -28.38 4.39
C THR A 61 -39.25 -29.90 4.60
N THR A 62 -38.19 -30.34 5.29
CA THR A 62 -38.01 -31.77 5.56
C THR A 62 -38.34 -32.07 7.01
N GLN A 63 -38.85 -33.28 7.26
CA GLN A 63 -39.11 -33.73 8.64
C GLN A 63 -38.88 -35.23 8.85
N GLU A 64 -38.23 -35.57 9.97
CA GLU A 64 -38.29 -36.95 10.43
C GLU A 64 -38.58 -37.00 11.92
N GLY A 65 -39.70 -37.62 12.24
CA GLY A 65 -40.19 -37.65 13.61
C GLY A 65 -40.37 -36.24 14.14
N GLU A 66 -39.65 -35.96 15.22
CA GLU A 66 -39.68 -34.66 15.87
C GLU A 66 -38.80 -33.60 15.17
N LEU A 67 -37.76 -34.03 14.45
CA LEU A 67 -36.85 -33.08 13.80
C LEU A 67 -37.49 -32.46 12.57
N ALA A 68 -37.45 -31.13 12.48
CA ALA A 68 -38.04 -30.45 11.33
C ALA A 68 -37.23 -29.26 10.84
N SER A 69 -36.88 -29.26 9.56
CA SER A 69 -36.04 -28.20 9.03
C SER A 69 -36.56 -27.60 7.72
N THR A 70 -36.89 -26.31 7.78
CA THR A 70 -37.22 -25.53 6.59
C THR A 70 -35.94 -24.97 5.95
N GLN A 71 -35.97 -24.85 4.62
CA GLN A 71 -34.92 -24.15 3.89
C GLN A 71 -35.45 -23.23 2.78
N SER A 72 -34.99 -22.00 2.80
CA SER A 72 -35.34 -21.09 1.72
C SER A 72 -34.08 -20.78 0.88
N GLU A 73 -34.23 -20.55 -0.42
CA GLU A 73 -33.05 -20.27 -1.21
C GLU A 73 -33.20 -19.10 -2.16
N LEU A 74 -32.23 -18.20 -2.07
CA LEU A 74 -32.18 -17.02 -2.91
C LEU A 74 -30.97 -17.14 -3.82
N THR A 75 -31.13 -16.80 -5.11
CA THR A 75 -29.95 -16.65 -5.95
C THR A 75 -29.62 -15.18 -6.28
N LEU A 76 -28.33 -14.86 -6.22
CA LEU A 76 -27.82 -13.54 -6.52
C LEU A 76 -26.85 -13.63 -7.68
N SER A 77 -26.69 -12.55 -8.43
CA SER A 77 -25.60 -12.50 -9.41
C SER A 77 -24.32 -12.07 -8.72
N GLN A 78 -23.19 -12.51 -9.25
CA GLN A 78 -21.89 -12.19 -8.67
C GLN A 78 -21.78 -10.68 -8.47
N LYS A 79 -22.31 -9.93 -9.44
CA LYS A 79 -22.37 -8.50 -9.35
C LYS A 79 -23.12 -7.99 -8.09
N HIS A 80 -24.31 -8.52 -7.81
CA HIS A 80 -25.09 -8.05 -6.66
C HIS A 80 -24.42 -8.31 -5.30
N TRP A 81 -23.86 -9.50 -5.18
CA TRP A 81 -23.13 -9.90 -4.02
C TRP A 81 -21.95 -8.94 -3.83
N LEU A 82 -21.23 -8.66 -4.91
CA LEU A 82 -20.00 -7.88 -4.83
C LEU A 82 -20.28 -6.38 -4.79
N SER A 83 -21.56 -6.02 -4.77
CA SER A 83 -22.02 -4.65 -4.58
C SER A 83 -22.16 -4.31 -3.10
N ASP A 84 -21.65 -5.18 -2.24
CA ASP A 84 -21.55 -4.90 -0.81
C ASP A 84 -22.87 -4.78 -0.06
N ARG A 85 -23.90 -5.43 -0.58
CA ARG A 85 -25.19 -5.39 0.06
C ARG A 85 -25.26 -6.38 1.23
N THR A 86 -26.13 -6.08 2.20
CA THR A 86 -26.37 -6.99 3.32
C THR A 86 -27.64 -7.80 3.04
N TYR A 87 -27.61 -9.10 3.34
CA TYR A 87 -28.77 -9.94 3.07
C TYR A 87 -29.31 -10.60 4.34
N THR A 88 -30.52 -10.18 4.72
CA THR A 88 -31.15 -10.63 5.95
C THR A 88 -32.22 -11.68 5.69
N CYS A 89 -32.10 -12.80 6.38
CA CYS A 89 -33.12 -13.84 6.39
C CYS A 89 -33.95 -13.74 7.67
N GLN A 90 -35.24 -13.44 7.47
CA GLN A 90 -36.17 -13.16 8.57
C GLN A 90 -37.28 -14.21 8.70
N VAL A 91 -37.32 -14.89 9.83
CA VAL A 91 -38.24 -16.02 10.04
C VAL A 91 -39.40 -15.74 10.99
N THR A 92 -40.61 -15.72 10.46
CA THR A 92 -41.81 -15.54 11.26
C THR A 92 -42.42 -16.89 11.63
N TYR A 93 -42.39 -17.18 12.92
CA TYR A 93 -42.89 -18.45 13.45
C TYR A 93 -43.68 -18.22 14.73
N GLN A 94 -44.97 -18.57 14.70
CA GLN A 94 -45.90 -18.29 15.80
C GLN A 94 -45.84 -16.83 16.23
N GLY A 95 -45.94 -15.92 15.26
CA GLY A 95 -45.99 -14.49 15.52
C GLY A 95 -44.70 -13.86 16.04
N HIS A 96 -43.60 -14.60 15.97
CA HIS A 96 -42.30 -14.06 16.36
C HIS A 96 -41.42 -13.93 15.13
N THR A 97 -40.23 -13.37 15.33
CA THR A 97 -39.24 -13.25 14.26
C THR A 97 -37.87 -13.74 14.73
N PHE A 98 -37.15 -14.37 13.80
CA PHE A 98 -35.80 -14.84 14.06
C PHE A 98 -34.97 -14.31 12.93
N GLU A 99 -33.70 -14.06 13.19
CA GLU A 99 -32.88 -13.41 12.16
C GLU A 99 -31.52 -14.01 11.99
N ASP A 100 -31.06 -14.04 10.74
CA ASP A 100 -29.62 -14.10 10.48
C ASP A 100 -29.37 -13.23 9.26
N SER A 101 -28.33 -12.40 9.29
CA SER A 101 -27.97 -11.71 8.06
C SER A 101 -26.60 -12.21 7.63
N THR A 102 -26.22 -11.79 6.43
CA THR A 102 -24.99 -12.25 5.78
C THR A 102 -24.53 -11.23 4.75
N LYS A 103 -23.23 -11.10 4.59
CA LYS A 103 -22.65 -10.09 3.73
C LYS A 103 -21.52 -10.80 3.02
N LYS A 104 -20.94 -10.20 1.98
CA LYS A 104 -19.69 -10.74 1.44
C LYS A 104 -18.63 -10.77 2.53
N CYS A 105 -17.78 -11.78 2.51
CA CYS A 105 -16.79 -11.87 3.55
C CYS A 105 -15.72 -10.78 3.37
N ALA A 106 -15.36 -10.12 4.46
CA ALA A 106 -14.43 -8.98 4.39
C ALA A 106 -12.98 -9.35 4.10
N ASP A 107 -12.32 -8.48 3.32
CA ASP A 107 -10.91 -8.64 2.96
C ASP A 107 -9.95 -8.85 4.14
N SER A 108 -9.01 -9.76 3.94
CA SER A 108 -8.03 -10.14 4.97
C SER A 108 -6.83 -9.19 5.04
N ASN A 109 -6.34 -8.79 3.87
CA ASN A 109 -5.25 -7.82 3.83
C ASN A 109 -5.48 -6.71 2.82
N PRO A 110 -6.47 -5.86 3.06
CA PRO A 110 -6.56 -4.69 2.18
C PRO A 110 -5.53 -3.63 2.61
N ARG A 111 -5.08 -2.83 1.65
CA ARG A 111 -4.58 -1.52 2.03
C ARG A 111 -5.90 -0.80 1.95
N GLY A 112 -6.34 -0.21 3.05
CA GLY A 112 -5.50 0.22 4.16
C GLY A 112 -5.43 1.71 3.88
N VAL A 113 -5.50 2.54 4.91
CA VAL A 113 -5.61 3.96 4.63
C VAL A 113 -4.53 4.75 5.35
N SER A 114 -4.04 5.78 4.67
CA SER A 114 -2.96 6.62 5.18
C SER A 114 -3.49 7.94 5.75
N ALA A 115 -2.83 8.46 6.77
CA ALA A 115 -3.22 9.74 7.31
C ALA A 115 -1.97 10.55 7.66
N TYR A 116 -1.99 11.83 7.33
CA TYR A 116 -0.82 12.67 7.51
C TYR A 116 -1.19 13.95 8.26
N LEU A 117 -0.41 14.29 9.28
CA LEU A 117 -0.65 15.54 9.97
C LEU A 117 0.57 16.48 9.91
N SER A 118 0.39 17.62 9.25
CA SER A 118 1.41 18.63 9.12
C SER A 118 1.68 19.38 10.44
N ARG A 119 2.92 19.85 10.61
CA ARG A 119 3.18 20.96 11.53
C ARG A 119 3.02 22.22 10.69
N PRO A 120 2.75 23.37 11.33
CA PRO A 120 2.67 24.64 10.61
C PRO A 120 4.05 25.05 10.20
N SER A 121 4.21 26.00 9.28
CA SER A 121 5.55 26.46 8.88
C SER A 121 6.04 27.65 9.73
N PRO A 122 7.36 27.78 9.91
CA PRO A 122 7.94 28.90 10.66
C PRO A 122 7.52 30.23 10.05
N PHE A 123 7.34 30.22 8.74
CA PHE A 123 6.81 31.36 8.03
C PHE A 123 5.39 31.62 8.56
N ASP A 124 4.52 30.62 8.46
CA ASP A 124 3.16 30.68 8.98
C ASP A 124 3.03 31.11 10.45
N LEU A 125 3.96 30.68 11.28
CA LEU A 125 3.92 30.99 12.70
C LEU A 125 4.30 32.43 12.92
N PHE A 126 5.48 32.74 12.41
CA PHE A 126 6.27 33.89 12.82
C PHE A 126 6.03 35.13 11.96
N ILE A 127 6.24 35.00 10.65
CA ILE A 127 6.07 36.13 9.78
C ILE A 127 4.60 36.53 9.61
N ARG A 128 3.82 35.78 8.86
CA ARG A 128 2.45 36.17 8.67
C ARG A 128 1.73 35.40 9.74
N LYS A 129 1.28 36.02 10.82
CA LYS A 129 1.03 35.16 11.96
C LYS A 129 -0.40 34.62 11.95
N SER A 130 -0.53 33.50 11.25
CA SER A 130 -1.77 32.81 11.07
C SER A 130 -1.41 31.37 10.76
N PRO A 131 -0.95 30.63 11.76
CA PRO A 131 -0.53 29.25 11.50
C PRO A 131 -1.71 28.30 11.35
N THR A 132 -1.49 27.16 10.69
CA THR A 132 -2.48 26.09 10.51
C THR A 132 -1.80 24.73 10.35
N ILE A 133 -2.55 23.69 10.66
CA ILE A 133 -2.15 22.30 10.40
C ILE A 133 -3.20 21.60 9.52
N THR A 134 -2.76 20.70 8.64
CA THR A 134 -3.70 19.96 7.82
C THR A 134 -3.66 18.48 8.15
N CYS A 135 -4.82 17.91 8.45
CA CYS A 135 -4.92 16.48 8.56
C CYS A 135 -5.54 15.97 7.27
N LEU A 136 -4.79 15.11 6.59
CA LEU A 136 -5.12 14.66 5.26
C LEU A 136 -5.30 13.15 5.32
N VAL A 137 -6.36 12.63 4.74
CA VAL A 137 -6.62 11.19 4.80
C VAL A 137 -6.85 10.73 3.37
N VAL A 138 -6.04 9.78 2.92
CA VAL A 138 -6.14 9.29 1.55
C VAL A 138 -6.56 7.81 1.52
N ASP A 139 -7.09 7.40 0.39
CA ASP A 139 -7.47 6.02 0.07
C ASP A 139 -8.65 5.49 0.82
N LEU A 140 -9.54 6.38 1.26
CA LEU A 140 -10.86 5.97 1.76
C LEU A 140 -11.74 5.43 0.63
N ALA A 141 -12.76 4.66 0.98
CA ALA A 141 -13.71 4.19 -0.01
C ALA A 141 -14.47 5.34 -0.62
N PRO A 142 -14.59 5.33 -1.94
CA PRO A 142 -15.22 6.43 -2.69
C PRO A 142 -16.72 6.62 -2.43
N SER A 143 -17.07 7.02 -1.22
CA SER A 143 -18.45 7.38 -0.91
C SER A 143 -18.47 8.51 0.14
N LYS A 144 -19.31 9.53 -0.06
CA LYS A 144 -19.19 10.67 0.84
C LYS A 144 -20.08 10.57 2.06
N GLY A 145 -19.91 11.51 2.98
CA GLY A 145 -20.77 11.59 4.13
C GLY A 145 -20.64 10.47 5.13
N THR A 146 -19.76 9.52 4.89
CA THR A 146 -19.58 8.43 5.85
C THR A 146 -18.52 8.78 6.87
N VAL A 147 -17.69 9.75 6.52
CA VAL A 147 -16.46 9.96 7.28
C VAL A 147 -16.68 11.03 8.36
N GLN A 148 -16.02 10.87 9.49
CA GLN A 148 -16.12 11.83 10.58
C GLN A 148 -14.72 12.25 10.97
N LEU A 149 -14.43 13.54 10.88
CA LEU A 149 -13.07 14.00 11.20
C LEU A 149 -13.15 15.07 12.26
N THR A 150 -12.50 14.82 13.39
CA THR A 150 -12.63 15.75 14.51
C THR A 150 -11.32 16.18 15.14
N TRP A 151 -11.25 17.47 15.47
CA TRP A 151 -10.06 18.12 16.00
C TRP A 151 -10.26 18.29 17.49
N SER A 152 -9.16 18.37 18.24
CA SER A 152 -9.19 18.43 19.70
C SER A 152 -7.81 18.71 20.24
N ARG A 153 -7.73 19.10 21.51
CA ARG A 153 -6.45 19.49 22.11
C ARG A 153 -6.09 18.66 23.34
N ALA A 154 -4.79 18.55 23.60
CA ALA A 154 -4.28 17.87 24.79
C ALA A 154 -4.72 18.61 26.06
N SER A 155 -4.94 19.91 25.91
CA SER A 155 -5.30 20.79 27.00
C SER A 155 -6.79 20.84 27.30
N GLY A 156 -7.60 20.07 26.58
CA GLY A 156 -9.05 20.05 26.81
C GLY A 156 -9.74 21.35 26.44
N LYS A 157 -8.95 22.32 25.98
CA LYS A 157 -9.45 23.62 25.55
C LYS A 157 -10.08 23.46 24.16
N PRO A 158 -11.09 24.30 23.84
CA PRO A 158 -11.83 24.17 22.58
C PRO A 158 -10.96 24.49 21.37
N VAL A 159 -11.44 24.13 20.18
CA VAL A 159 -10.70 24.42 18.97
C VAL A 159 -11.45 25.42 18.10
N ASN A 160 -10.68 26.08 17.26
CA ASN A 160 -11.21 26.95 16.22
C ASN A 160 -12.02 26.08 15.25
N HIS A 161 -12.87 26.69 14.45
CA HIS A 161 -13.53 25.91 13.42
C HIS A 161 -12.53 25.46 12.37
N SER A 162 -12.72 24.23 11.90
CA SER A 162 -11.92 23.70 10.80
C SER A 162 -12.57 23.96 9.45
N THR A 163 -11.90 23.56 8.38
CA THR A 163 -12.50 23.55 7.06
C THR A 163 -12.31 22.15 6.55
N ARG A 164 -13.26 21.65 5.78
CA ARG A 164 -13.24 20.25 5.41
C ARG A 164 -13.60 20.09 3.93
N LYS A 165 -12.71 19.45 3.16
CA LYS A 165 -13.00 19.03 1.80
C LYS A 165 -13.12 17.50 1.76
N GLU A 166 -14.09 16.97 1.03
CA GLU A 166 -14.14 15.51 0.72
C GLU A 166 -14.28 15.39 -0.77
N GLU A 167 -13.23 14.96 -1.44
CA GLU A 167 -13.21 15.00 -2.90
C GLU A 167 -12.78 13.67 -3.49
N LYS A 168 -13.67 13.12 -4.31
CA LYS A 168 -13.45 11.85 -4.98
C LYS A 168 -12.25 11.95 -5.93
N GLN A 169 -11.30 11.05 -5.76
CA GLN A 169 -10.16 10.92 -6.64
C GLN A 169 -10.45 10.09 -7.90
N ARG A 170 -9.65 10.30 -8.93
CA ARG A 170 -9.81 9.66 -10.25
C ARG A 170 -9.49 8.19 -10.29
N ASN A 171 -8.76 7.70 -9.29
CA ASN A 171 -8.41 6.29 -9.19
C ASN A 171 -9.37 5.51 -8.32
N GLY A 172 -10.47 6.14 -7.93
CA GLY A 172 -11.49 5.45 -7.18
C GLY A 172 -11.24 5.44 -5.69
N THR A 173 -10.58 6.46 -5.18
CA THR A 173 -10.48 6.59 -3.74
C THR A 173 -11.20 7.87 -3.32
N LEU A 174 -11.24 8.14 -2.02
CA LEU A 174 -11.69 9.42 -1.52
C LEU A 174 -10.57 10.08 -0.72
N THR A 175 -10.30 11.36 -0.96
CA THR A 175 -9.33 12.06 -0.13
C THR A 175 -10.03 13.13 0.69
N VAL A 176 -9.98 13.02 1.99
CA VAL A 176 -10.71 13.97 2.82
C VAL A 176 -9.69 14.77 3.59
N THR A 177 -9.82 16.08 3.53
CA THR A 177 -8.75 16.89 4.07
C THR A 177 -9.31 18.06 4.85
N SER A 178 -8.93 18.15 6.13
CA SER A 178 -9.32 19.29 6.98
C SER A 178 -8.14 20.05 7.56
N THR A 179 -8.13 21.37 7.39
CA THR A 179 -7.10 22.26 7.96
C THR A 179 -7.69 23.05 9.15
N LEU A 180 -6.89 23.14 10.20
CA LEU A 180 -7.29 23.79 11.44
C LEU A 180 -6.40 24.99 11.77
N PRO A 181 -6.98 26.19 11.82
CA PRO A 181 -6.24 27.35 12.32
C PRO A 181 -5.77 27.08 13.74
N VAL A 182 -4.49 27.25 14.00
CA VAL A 182 -3.98 27.08 15.34
C VAL A 182 -3.56 28.42 15.92
N GLY A 183 -3.70 28.53 17.23
CA GLY A 183 -3.32 29.73 17.94
C GLY A 183 -1.84 29.91 17.81
N THR A 184 -1.44 31.10 17.38
CA THR A 184 -0.04 31.36 17.10
C THR A 184 0.81 31.36 18.38
N ARG A 185 0.14 31.57 19.52
CA ARG A 185 0.77 31.49 20.84
C ARG A 185 0.73 30.05 21.35
N ASP A 186 -0.50 29.52 21.51
CA ASP A 186 -0.75 28.19 22.07
C ASP A 186 0.21 27.14 21.53
N TRP A 187 0.53 27.23 20.24
CA TRP A 187 1.42 26.26 19.61
C TRP A 187 2.78 26.29 20.27
N ILE A 188 3.26 27.50 20.59
CA ILE A 188 4.59 27.65 21.21
C ILE A 188 4.63 27.21 22.68
N GLU A 189 3.54 27.38 23.42
CA GLU A 189 3.52 26.81 24.77
C GLU A 189 2.84 25.43 24.73
N GLY A 190 3.65 24.37 24.77
CA GLY A 190 3.14 23.01 24.74
C GLY A 190 2.17 22.76 23.61
N GLU A 191 0.97 22.31 24.00
CA GLU A 191 -0.19 22.19 23.11
C GLU A 191 -0.16 21.21 21.93
N THR A 192 -0.42 19.95 22.24
CA THR A 192 -0.61 18.92 21.24
C THR A 192 -1.99 18.94 20.59
N TYR A 193 -2.03 19.12 19.27
CA TYR A 193 -3.29 19.00 18.52
C TYR A 193 -3.56 17.59 17.95
N GLN A 194 -4.80 17.16 18.02
CA GLN A 194 -5.14 15.79 17.75
C GLN A 194 -6.21 15.70 16.65
N CYS A 195 -5.96 14.81 15.69
CA CYS A 195 -6.84 14.65 14.54
C CYS A 195 -7.41 13.24 14.55
N ARG A 196 -8.72 13.10 14.35
CA ARG A 196 -9.37 11.83 14.58
C ARG A 196 -10.41 11.44 13.49
N VAL A 197 -10.18 10.36 12.76
CA VAL A 197 -11.13 10.01 11.71
C VAL A 197 -11.86 8.67 11.95
N THR A 198 -13.18 8.68 11.77
CA THR A 198 -14.00 7.49 11.93
C THR A 198 -14.66 7.19 10.59
N HIS A 199 -14.59 5.95 10.15
CA HIS A 199 -15.26 5.56 8.93
C HIS A 199 -15.67 4.10 9.15
N PRO A 200 -16.82 3.68 8.62
CA PRO A 200 -17.27 2.28 8.74
C PRO A 200 -16.21 1.24 8.35
N HIS A 201 -15.38 1.56 7.36
CA HIS A 201 -14.38 0.65 6.82
C HIS A 201 -13.10 0.69 7.62
N LEU A 202 -13.13 1.43 8.73
CA LEU A 202 -12.00 1.38 9.62
C LEU A 202 -12.29 0.41 10.76
N PRO A 203 -11.44 -0.61 10.92
CA PRO A 203 -11.50 -1.49 12.09
C PRO A 203 -11.50 -0.64 13.36
N ARG A 204 -10.55 0.29 13.42
CA ARG A 204 -10.51 1.24 14.53
C ARG A 204 -10.46 2.65 13.98
N ALA A 205 -10.83 3.64 14.81
CA ALA A 205 -10.66 5.03 14.46
C ALA A 205 -9.18 5.32 14.33
N LEU A 206 -8.83 6.18 13.37
CA LEU A 206 -7.48 6.70 13.25
C LEU A 206 -7.30 7.93 14.11
N MET A 207 -6.11 8.10 14.67
CA MET A 207 -5.71 9.38 15.24
C MET A 207 -4.26 9.71 14.86
N ARG A 208 -4.03 10.95 14.46
CA ARG A 208 -2.69 11.49 14.34
C ARG A 208 -2.63 12.66 15.29
N SER A 209 -1.45 12.97 15.82
CA SER A 209 -1.33 14.16 16.65
C SER A 209 0.00 14.80 16.42
N THR A 210 -0.01 16.10 16.31
CA THR A 210 1.19 16.86 16.05
C THR A 210 1.43 17.92 17.16
N THR A 211 2.67 18.38 17.27
CA THR A 211 3.03 19.37 18.27
C THR A 211 4.40 20.01 17.97
N LYS A 212 4.81 21.01 18.75
CA LYS A 212 6.15 21.55 18.58
C LYS A 212 7.20 20.47 18.90
N THR A 213 8.16 20.29 17.98
CA THR A 213 9.18 19.28 18.15
C THR A 213 10.05 19.53 19.38
N SER A 214 10.14 18.53 20.26
CA SER A 214 10.89 18.67 21.50
C SER A 214 12.40 18.62 21.29
N GLY A 215 13.12 19.54 21.90
CA GLY A 215 14.57 19.53 21.84
C GLY A 215 15.25 20.83 22.23
N PRO A 216 16.59 20.83 22.13
CA PRO A 216 17.53 21.90 22.50
C PRO A 216 17.66 22.99 21.43
N ARG A 217 16.77 23.98 21.46
CA ARG A 217 16.68 24.99 20.39
C ARG A 217 18.00 25.69 20.06
N ALA A 218 18.40 25.61 18.79
CA ALA A 218 19.65 26.21 18.32
C ALA A 218 19.37 27.06 17.09
N ALA A 219 19.90 28.28 17.09
CA ALA A 219 19.66 29.18 15.96
C ALA A 219 20.37 28.68 14.71
N PRO A 220 19.94 29.16 13.52
CA PRO A 220 20.61 28.86 12.25
C PRO A 220 21.83 29.74 11.96
N GLU A 221 22.78 29.18 11.20
CA GLU A 221 23.94 29.90 10.70
C GLU A 221 23.75 30.07 9.19
N VAL A 222 23.99 31.27 8.68
CA VAL A 222 23.83 31.55 7.24
C VAL A 222 25.14 31.72 6.51
N TYR A 223 25.22 31.18 5.30
CA TYR A 223 26.26 31.58 4.36
C TYR A 223 25.66 31.84 2.98
N ALA A 224 25.75 33.08 2.52
CA ALA A 224 25.31 33.45 1.18
C ALA A 224 26.45 33.19 0.20
N PHE A 225 26.32 33.68 -1.04
CA PHE A 225 27.24 33.28 -2.11
C PHE A 225 27.09 33.95 -3.48
N ALA A 226 27.99 33.60 -4.36
CA ALA A 226 27.82 33.84 -5.78
C ALA A 226 28.71 32.83 -6.46
N THR A 227 28.39 32.49 -7.71
CA THR A 227 29.23 31.57 -8.48
C THR A 227 30.24 32.30 -9.37
N PRO A 228 31.47 31.76 -9.46
CA PRO A 228 32.33 32.17 -10.56
C PRO A 228 31.53 32.05 -11.85
N GLU A 229 31.55 33.09 -12.66
CA GLU A 229 30.87 33.09 -13.95
C GLU A 229 31.31 31.84 -14.70
N TRP A 230 30.37 31.19 -15.39
CA TRP A 230 30.75 30.02 -16.16
C TRP A 230 30.54 30.41 -17.60
N PRO A 231 31.42 29.92 -18.50
CA PRO A 231 31.47 30.31 -19.91
C PRO A 231 30.12 30.24 -20.60
N GLY A 232 29.88 31.19 -21.50
CA GLY A 232 28.72 31.12 -22.36
C GLY A 232 27.45 31.66 -21.74
N SER A 233 27.46 31.75 -20.41
CA SER A 233 26.45 32.53 -19.70
C SER A 233 27.11 33.71 -18.99
N ARG A 234 26.93 34.88 -19.60
CA ARG A 234 27.37 36.12 -19.02
C ARG A 234 26.21 36.51 -18.14
N ASP A 235 25.04 36.58 -18.77
CA ASP A 235 23.82 37.13 -18.20
C ASP A 235 23.01 36.21 -17.28
N LYS A 236 23.51 35.01 -17.01
CA LYS A 236 22.87 34.13 -16.04
C LYS A 236 23.83 33.69 -14.94
N ARG A 237 23.58 34.15 -13.71
CA ARG A 237 24.43 33.84 -12.56
C ARG A 237 23.65 33.21 -11.44
N THR A 238 24.24 32.23 -10.76
CA THR A 238 23.56 31.53 -9.67
C THR A 238 24.08 31.87 -8.26
N LEU A 239 23.15 31.97 -7.30
CA LEU A 239 23.46 32.37 -5.93
C LEU A 239 23.10 31.27 -4.96
N ALA A 240 23.90 31.11 -3.92
CA ALA A 240 23.66 30.00 -3.00
C ALA A 240 23.46 30.47 -1.56
N CYS A 241 22.77 29.64 -0.77
CA CYS A 241 22.68 29.86 0.66
C CYS A 241 22.82 28.53 1.39
N LEU A 242 23.85 28.41 2.22
CA LEU A 242 23.91 27.28 3.13
C LEU A 242 23.38 27.73 4.47
N ILE A 243 22.54 26.90 5.10
CA ILE A 243 22.00 27.19 6.44
C ILE A 243 22.16 25.97 7.35
N GLN A 244 22.95 26.10 8.42
CA GLN A 244 23.34 24.91 9.17
C GLN A 244 23.26 24.93 10.69
N ASN A 245 23.26 23.73 11.26
CA ASN A 245 23.29 23.51 12.70
C ASN A 245 22.21 24.20 13.53
N PHE A 246 20.96 24.10 13.07
CA PHE A 246 19.82 24.60 13.82
C PHE A 246 19.06 23.44 14.49
N MET A 247 17.98 23.77 15.19
CA MET A 247 17.14 22.78 15.86
C MET A 247 15.95 23.44 16.51
N PRO A 248 14.76 22.87 16.32
CA PRO A 248 14.46 21.64 15.57
C PRO A 248 14.58 21.82 14.05
N GLU A 249 14.16 20.82 13.28
CA GLU A 249 14.38 20.90 11.84
C GLU A 249 13.49 21.87 11.11
N ASP A 250 12.38 22.28 11.69
CA ASP A 250 11.43 23.07 10.90
C ASP A 250 11.95 24.47 10.60
N ILE A 251 12.05 24.77 9.31
CA ILE A 251 12.68 25.99 8.84
C ILE A 251 12.00 26.50 7.57
N SER A 252 11.83 27.81 7.47
CA SER A 252 11.29 28.43 6.26
C SER A 252 12.43 29.17 5.63
N VAL A 253 12.42 29.34 4.30
CA VAL A 253 13.50 30.07 3.61
C VAL A 253 12.98 30.89 2.45
N GLN A 254 13.39 32.17 2.35
CA GLN A 254 13.05 32.99 1.15
C GLN A 254 14.17 33.85 0.60
N TRP A 255 13.90 34.53 -0.52
CA TRP A 255 14.88 35.40 -1.17
C TRP A 255 14.24 36.74 -1.47
N LEU A 256 15.00 37.83 -1.25
CA LEU A 256 14.48 39.19 -1.40
C LEU A 256 15.30 40.13 -2.30
N HIS A 257 14.66 40.53 -3.40
CA HIS A 257 15.21 41.45 -4.39
C HIS A 257 14.45 42.77 -4.29
N ASN A 258 15.19 43.89 -4.25
CA ASN A 258 14.64 45.22 -3.95
C ASN A 258 13.79 45.29 -2.68
N GLU A 259 14.16 44.46 -1.71
CA GLU A 259 13.45 44.36 -0.43
C GLU A 259 11.99 43.88 -0.60
N VAL A 260 11.82 42.92 -1.51
CA VAL A 260 10.52 42.30 -1.80
C VAL A 260 10.72 40.78 -1.90
N GLN A 261 9.85 40.01 -1.26
CA GLN A 261 9.94 38.55 -1.28
C GLN A 261 9.67 37.99 -2.69
N LEU A 262 10.57 37.14 -3.18
CA LEU A 262 10.47 36.52 -4.50
C LEU A 262 9.66 35.24 -4.40
N PRO A 263 8.92 34.90 -5.47
CA PRO A 263 8.06 33.70 -5.54
C PRO A 263 8.79 32.43 -5.12
N ASP A 264 8.17 31.63 -4.26
CA ASP A 264 8.84 30.46 -3.68
C ASP A 264 9.14 29.45 -4.76
N ALA A 265 8.65 29.72 -5.96
CA ALA A 265 8.91 28.88 -7.13
C ALA A 265 10.21 29.27 -7.85
N ARG A 266 10.76 30.45 -7.52
CA ARG A 266 11.94 30.98 -8.20
C ARG A 266 13.21 30.33 -7.70
N HIS A 267 13.22 29.90 -6.44
CA HIS A 267 14.39 29.24 -5.89
C HIS A 267 14.08 27.79 -5.59
N SER A 268 15.08 26.99 -5.20
CA SER A 268 14.80 25.66 -4.65
C SER A 268 15.61 25.27 -3.41
N THR A 269 14.94 25.18 -2.26
CA THR A 269 15.55 24.70 -1.01
C THR A 269 15.54 23.18 -0.93
N THR A 270 16.42 22.60 -0.12
CA THR A 270 16.32 21.17 0.17
C THR A 270 15.53 20.90 1.44
N GLN A 271 15.30 19.62 1.72
CA GLN A 271 14.67 19.20 2.98
C GLN A 271 15.70 19.17 4.10
N PRO A 272 15.33 19.69 5.28
CA PRO A 272 16.35 19.69 6.32
C PRO A 272 16.76 18.25 6.58
N ARG A 273 18.06 18.00 6.47
CA ARG A 273 18.56 16.64 6.53
C ARG A 273 19.45 16.42 7.75
N LYS A 274 19.85 15.18 7.94
CA LYS A 274 20.70 14.77 9.05
C LYS A 274 22.10 15.36 8.99
N THR A 275 22.51 16.04 10.05
CA THR A 275 23.93 16.34 10.21
C THR A 275 24.60 15.10 10.81
N LYS A 276 25.91 14.94 10.61
CA LYS A 276 26.62 13.82 11.21
C LYS A 276 26.77 14.03 12.72
N GLY A 277 26.89 15.31 13.10
CA GLY A 277 27.01 15.74 14.48
C GLY A 277 25.68 16.09 15.11
N SER A 278 25.67 17.12 15.94
CA SER A 278 24.43 17.72 16.43
C SER A 278 23.90 18.73 15.41
N GLY A 279 22.57 18.85 15.29
CA GLY A 279 21.95 19.83 14.40
C GLY A 279 21.27 19.38 13.11
N PHE A 280 20.86 20.35 12.30
CA PHE A 280 20.25 20.12 10.99
C PHE A 280 20.81 21.15 10.01
N PHE A 281 20.67 20.90 8.71
CA PHE A 281 21.17 21.83 7.68
C PHE A 281 20.30 21.78 6.42
N VAL A 282 20.25 22.89 5.67
CA VAL A 282 19.62 22.91 4.34
C VAL A 282 20.47 23.69 3.35
N PHE A 283 20.14 23.58 2.08
CA PHE A 283 20.79 24.41 1.05
C PHE A 283 19.74 24.91 0.06
N SER A 284 19.87 26.17 -0.33
CA SER A 284 18.93 26.74 -1.27
C SER A 284 19.67 27.50 -2.37
N ARG A 285 19.24 27.37 -3.61
CA ARG A 285 19.85 28.16 -4.69
C ARG A 285 18.84 29.10 -5.36
N LEU A 286 19.34 30.21 -5.85
CA LEU A 286 18.52 31.11 -6.63
C LEU A 286 19.26 31.30 -7.95
N GLU A 287 18.55 31.65 -9.01
CA GLU A 287 19.19 31.91 -10.29
C GLU A 287 18.74 33.27 -10.80
N VAL A 288 19.64 34.24 -10.85
CA VAL A 288 19.32 35.59 -11.29
C VAL A 288 19.88 35.95 -12.67
N THR A 289 19.54 37.13 -13.17
CA THR A 289 19.86 37.51 -14.55
C THR A 289 20.20 38.98 -14.77
N ARG A 290 20.19 39.38 -16.05
CA ARG A 290 20.37 40.76 -16.52
C ARG A 290 19.60 41.81 -15.75
N ALA A 291 18.28 41.75 -15.89
CA ALA A 291 17.39 42.70 -15.25
C ALA A 291 17.71 42.80 -13.77
N GLU A 292 17.73 41.66 -13.08
CA GLU A 292 18.06 41.60 -11.66
C GLU A 292 19.47 42.11 -11.35
N TRP A 293 20.40 41.89 -12.27
CA TRP A 293 21.76 42.41 -12.13
C TRP A 293 21.69 43.89 -11.81
N GLU A 294 21.18 44.66 -12.76
CA GLU A 294 20.98 46.06 -12.50
C GLU A 294 19.49 46.31 -12.24
N GLN A 295 19.13 46.35 -10.96
CA GLN A 295 17.93 46.99 -10.45
C GLN A 295 18.56 47.69 -9.30
N LYS A 296 19.11 46.84 -8.43
CA LYS A 296 20.26 47.11 -7.60
C LYS A 296 20.91 45.74 -7.60
N ASP A 297 22.21 45.63 -7.37
CA ASP A 297 22.70 44.27 -7.19
C ASP A 297 22.94 44.03 -5.71
N GLU A 298 21.95 43.43 -5.07
CA GLU A 298 22.06 42.81 -3.75
C GLU A 298 20.97 41.77 -3.60
N PHE A 299 21.27 40.68 -2.89
CA PHE A 299 20.27 39.66 -2.70
C PHE A 299 20.27 39.12 -1.30
N ILE A 300 19.07 39.01 -0.74
CA ILE A 300 18.85 38.58 0.62
C ILE A 300 18.50 37.10 0.62
N CYS A 301 19.17 36.34 1.46
CA CYS A 301 18.77 34.97 1.69
C CYS A 301 18.31 34.89 3.14
N ARG A 302 16.99 34.75 3.32
CA ARG A 302 16.37 34.78 4.64
C ARG A 302 15.87 33.43 5.15
N ALA A 303 16.13 33.18 6.42
CA ALA A 303 15.64 31.98 7.08
C ALA A 303 14.80 32.37 8.28
N VAL A 304 13.59 31.87 8.36
CA VAL A 304 12.79 32.07 9.55
C VAL A 304 12.93 30.82 10.39
N HIS A 305 13.51 30.94 11.58
CA HIS A 305 13.60 29.80 12.46
C HIS A 305 13.09 30.11 13.88
N GLU A 306 12.66 29.08 14.60
CA GLU A 306 12.20 29.25 15.98
C GLU A 306 13.25 29.94 16.88
N ALA A 307 14.45 29.36 16.94
CA ALA A 307 15.56 29.89 17.74
C ALA A 307 16.25 31.13 17.15
N ALA A 308 15.83 31.54 15.95
CA ALA A 308 16.29 32.80 15.39
C ALA A 308 15.86 33.94 16.30
N SER A 309 16.65 34.99 16.32
CA SER A 309 16.53 36.03 17.33
C SER A 309 16.83 37.40 16.74
N PRO A 310 16.43 38.47 17.44
CA PRO A 310 15.43 38.46 18.54
C PRO A 310 14.03 38.28 17.96
N SER A 311 13.93 38.54 16.65
CA SER A 311 12.69 38.65 15.90
C SER A 311 12.26 37.37 15.17
N GLN A 312 12.95 36.26 15.45
CA GLN A 312 12.71 34.95 14.84
C GLN A 312 13.07 34.82 13.35
N THR A 313 14.01 35.64 12.89
CA THR A 313 14.54 35.45 11.55
C THR A 313 16.07 35.65 11.56
N VAL A 314 16.70 35.27 10.46
CA VAL A 314 18.10 35.58 10.19
C VAL A 314 18.22 35.88 8.69
N GLN A 315 18.94 36.94 8.34
CA GLN A 315 19.19 37.22 6.93
C GLN A 315 20.65 37.60 6.60
N ARG A 316 21.20 36.95 5.58
CA ARG A 316 22.53 37.29 5.10
C ARG A 316 22.44 37.81 3.67
N ALA A 317 23.21 38.84 3.38
CA ALA A 317 23.15 39.49 2.08
C ALA A 317 24.37 39.13 1.24
N VAL A 318 24.18 39.15 -0.07
CA VAL A 318 25.24 38.77 -0.97
C VAL A 318 25.03 39.45 -2.31
N SER A 319 26.11 39.57 -3.09
CA SER A 319 26.11 40.34 -4.32
C SER A 319 27.18 39.86 -5.31
N VAL A 320 27.32 40.62 -6.40
CA VAL A 320 28.32 40.30 -7.42
C VAL A 320 28.80 41.54 -8.21
N PHE B 5 -30.02 -42.56 -14.90
CA PHE B 5 -28.58 -42.53 -14.64
C PHE B 5 -27.99 -41.14 -14.87
N THR B 6 -28.49 -40.16 -14.12
CA THR B 6 -27.99 -38.80 -14.18
C THR B 6 -26.59 -38.77 -13.58
N PRO B 7 -25.60 -38.23 -14.31
CA PRO B 7 -24.30 -38.09 -13.66
C PRO B 7 -24.46 -37.13 -12.48
N PRO B 8 -24.09 -37.56 -11.26
CA PRO B 8 -24.45 -36.77 -10.08
C PRO B 8 -23.75 -35.43 -10.04
N THR B 9 -24.45 -34.36 -9.67
CA THR B 9 -23.80 -33.08 -9.51
C THR B 9 -23.27 -32.99 -8.09
N VAL B 10 -22.12 -32.37 -7.94
CA VAL B 10 -21.50 -32.20 -6.64
C VAL B 10 -21.25 -30.72 -6.39
N LYS B 11 -21.72 -30.22 -5.25
CA LYS B 11 -21.56 -28.80 -4.96
C LYS B 11 -21.33 -28.56 -3.47
N ILE B 12 -20.39 -27.68 -3.12
CA ILE B 12 -20.06 -27.43 -1.71
C ILE B 12 -20.61 -26.11 -1.28
N LEU B 13 -21.11 -26.05 -0.05
CA LEU B 13 -21.64 -24.81 0.51
C LEU B 13 -20.99 -24.60 1.85
N GLN B 14 -21.08 -23.41 2.40
CA GLN B 14 -20.27 -23.13 3.57
C GLN B 14 -20.92 -22.16 4.51
N SER B 15 -20.48 -22.18 5.77
CA SER B 15 -20.90 -21.18 6.73
C SER B 15 -20.72 -19.82 6.09
N SER B 16 -21.68 -18.95 6.23
CA SER B 16 -21.53 -17.65 5.63
C SER B 16 -20.91 -16.70 6.65
N CYS B 17 -20.89 -15.41 6.33
CA CYS B 17 -20.27 -14.44 7.21
C CYS B 17 -21.35 -13.56 7.76
N ASP B 18 -21.15 -13.04 8.94
CA ASP B 18 -22.21 -12.32 9.62
C ASP B 18 -22.46 -11.00 8.94
N GLY B 19 -23.37 -10.23 9.50
CA GLY B 19 -23.87 -9.03 8.86
C GLY B 19 -22.80 -8.02 8.58
N GLY B 20 -21.78 -7.98 9.43
CA GLY B 20 -20.70 -7.03 9.29
C GLY B 20 -19.53 -7.54 8.44
N GLY B 21 -19.69 -8.72 7.87
CA GLY B 21 -18.66 -9.28 7.03
C GLY B 21 -17.66 -10.18 7.71
N HIS B 22 -17.81 -10.37 9.02
CA HIS B 22 -16.91 -11.19 9.83
C HIS B 22 -17.13 -12.68 9.70
N PHE B 23 -16.09 -13.45 10.02
CA PHE B 23 -16.12 -14.92 9.96
C PHE B 23 -16.61 -15.56 11.26
N PRO B 24 -17.35 -16.67 11.16
CA PRO B 24 -17.82 -17.45 12.33
C PRO B 24 -16.75 -18.40 12.89
N PRO B 25 -16.78 -18.67 14.22
CA PRO B 25 -15.81 -19.46 14.99
C PRO B 25 -15.46 -20.79 14.35
N THR B 26 -16.44 -21.47 13.75
CA THR B 26 -16.12 -22.65 12.94
C THR B 26 -16.57 -22.40 11.50
N ILE B 27 -16.05 -23.19 10.58
CA ILE B 27 -16.45 -23.07 9.19
C ILE B 27 -17.01 -24.39 8.72
N GLN B 28 -18.28 -24.49 8.44
CA GLN B 28 -18.75 -25.77 7.97
C GLN B 28 -18.75 -25.82 6.48
N LEU B 29 -18.29 -26.94 5.93
CA LEU B 29 -18.35 -27.21 4.51
C LEU B 29 -19.30 -28.39 4.27
N LEU B 30 -20.35 -28.14 3.51
CA LEU B 30 -21.31 -29.18 3.20
C LEU B 30 -21.24 -29.57 1.73
N CYS B 31 -20.68 -30.75 1.48
CA CYS B 31 -20.71 -31.32 0.14
C CYS B 31 -22.09 -31.93 -0.20
N LEU B 32 -22.60 -31.58 -1.37
CA LEU B 32 -23.91 -32.04 -1.82
C LEU B 32 -23.81 -32.83 -3.13
N VAL B 33 -24.08 -34.13 -3.07
CA VAL B 33 -24.24 -34.92 -4.29
C VAL B 33 -25.73 -35.17 -4.51
N SER B 34 -26.32 -34.44 -5.45
CA SER B 34 -27.76 -34.56 -5.73
C SER B 34 -28.05 -35.26 -7.06
N GLY B 35 -29.34 -35.49 -7.34
CA GLY B 35 -29.79 -35.95 -8.65
C GLY B 35 -29.18 -37.21 -9.21
N TYR B 36 -29.28 -38.33 -8.48
CA TYR B 36 -28.73 -39.60 -8.97
C TYR B 36 -29.56 -40.88 -8.72
N THR B 37 -29.27 -41.91 -9.52
CA THR B 37 -29.81 -43.25 -9.31
C THR B 37 -28.98 -43.97 -8.24
N PRO B 38 -29.64 -44.66 -7.30
CA PRO B 38 -28.95 -45.19 -6.11
C PRO B 38 -27.85 -46.20 -6.44
N GLY B 39 -27.12 -46.62 -5.42
CA GLY B 39 -25.97 -47.49 -5.60
C GLY B 39 -24.92 -47.20 -4.55
N THR B 40 -23.67 -47.56 -4.86
CA THR B 40 -22.53 -47.11 -4.06
C THR B 40 -22.09 -45.70 -4.47
N ILE B 41 -22.07 -44.79 -3.50
CA ILE B 41 -21.57 -43.43 -3.69
C ILE B 41 -20.61 -43.15 -2.54
N GLN B 42 -19.32 -43.00 -2.85
CA GLN B 42 -18.32 -42.85 -1.79
C GLN B 42 -17.70 -41.43 -1.73
N ILE B 43 -18.00 -40.69 -0.65
CA ILE B 43 -17.45 -39.34 -0.46
C ILE B 43 -16.11 -39.35 0.29
N THR B 44 -15.20 -38.48 -0.16
CA THR B 44 -13.87 -38.42 0.43
C THR B 44 -13.32 -36.96 0.52
N TRP B 45 -12.79 -36.56 1.68
CA TRP B 45 -12.26 -35.20 1.85
C TRP B 45 -10.73 -35.06 1.78
N LEU B 46 -10.27 -34.42 0.73
CA LEU B 46 -8.86 -34.06 0.59
C LEU B 46 -8.54 -32.65 1.11
N GLU B 47 -7.39 -32.48 1.74
CA GLU B 47 -6.89 -31.15 2.07
C GLU B 47 -5.60 -30.82 1.32
N ASP B 48 -5.70 -29.94 0.33
CA ASP B 48 -4.56 -29.61 -0.53
C ASP B 48 -4.02 -30.84 -1.27
N GLY B 49 -4.87 -31.85 -1.47
CA GLY B 49 -4.47 -33.05 -2.19
C GLY B 49 -4.17 -34.23 -1.28
N GLN B 50 -3.83 -33.93 -0.02
CA GLN B 50 -3.68 -34.95 1.03
C GLN B 50 -5.03 -35.45 1.58
N VAL B 51 -5.04 -36.60 2.26
CA VAL B 51 -6.23 -37.08 2.92
C VAL B 51 -6.23 -36.65 4.39
N MET B 52 -7.41 -36.30 4.93
CA MET B 52 -7.61 -36.16 6.37
C MET B 52 -8.66 -37.14 6.85
N ASP B 53 -8.51 -37.56 8.12
CA ASP B 53 -9.29 -38.64 8.72
C ASP B 53 -10.81 -38.48 8.62
N VAL B 54 -11.50 -39.60 8.38
CA VAL B 54 -12.96 -39.62 8.16
C VAL B 54 -13.77 -39.22 9.41
N ASP B 55 -13.08 -39.08 10.54
CA ASP B 55 -13.74 -38.80 11.82
C ASP B 55 -13.87 -37.30 12.11
N LEU B 56 -13.56 -36.46 11.12
CA LEU B 56 -13.99 -35.06 11.11
C LEU B 56 -15.22 -34.76 10.23
N SER B 57 -15.79 -35.79 9.61
CA SER B 57 -16.95 -35.62 8.71
C SER B 57 -18.10 -36.64 8.91
N THR B 58 -19.33 -36.23 8.55
CA THR B 58 -20.49 -37.13 8.64
C THR B 58 -21.34 -37.20 7.35
N ALA B 59 -21.88 -38.39 7.06
CA ALA B 59 -22.65 -38.61 5.84
C ALA B 59 -24.14 -38.92 6.05
N SER B 60 -24.98 -38.37 5.17
CA SER B 60 -26.42 -38.56 5.23
C SER B 60 -26.99 -38.85 3.84
N THR B 61 -27.57 -40.03 3.65
CA THR B 61 -28.26 -40.32 2.40
C THR B 61 -29.77 -40.21 2.59
N THR B 62 -30.42 -39.64 1.58
CA THR B 62 -31.89 -39.55 1.51
C THR B 62 -32.35 -39.92 0.10
N GLN B 63 -33.18 -40.96 -0.01
CA GLN B 63 -33.70 -41.38 -1.31
C GLN B 63 -35.17 -40.98 -1.42
N GLU B 64 -35.45 -40.01 -2.27
CA GLU B 64 -36.80 -39.50 -2.45
C GLU B 64 -37.30 -39.84 -3.83
N GLY B 65 -38.35 -40.65 -3.92
CA GLY B 65 -38.89 -41.07 -5.19
C GLY B 65 -37.90 -41.96 -5.93
N GLU B 66 -37.72 -41.70 -7.21
CA GLU B 66 -36.76 -42.47 -8.00
C GLU B 66 -35.33 -41.98 -7.83
N LEU B 67 -35.17 -40.66 -7.71
CA LEU B 67 -33.84 -40.05 -7.63
C LEU B 67 -33.18 -40.30 -6.27
N ALA B 68 -31.95 -39.82 -6.11
CA ALA B 68 -31.25 -39.91 -4.83
C ALA B 68 -30.24 -38.77 -4.63
N SER B 69 -30.01 -38.42 -3.37
CA SER B 69 -29.06 -37.37 -3.01
C SER B 69 -28.38 -37.68 -1.67
N THR B 70 -27.08 -37.39 -1.59
CA THR B 70 -26.31 -37.57 -0.36
C THR B 70 -25.65 -36.25 0.00
N GLN B 71 -25.61 -35.95 1.30
CA GLN B 71 -24.94 -34.78 1.81
C GLN B 71 -23.88 -35.22 2.82
N SER B 72 -22.76 -34.50 2.86
CA SER B 72 -21.67 -34.83 3.78
C SER B 72 -21.11 -33.53 4.39
N GLU B 73 -20.89 -33.50 5.70
CA GLU B 73 -20.39 -32.25 6.31
C GLU B 73 -19.06 -32.39 7.03
N LEU B 74 -18.17 -31.42 6.80
CA LEU B 74 -16.88 -31.30 7.46
C LEU B 74 -16.76 -29.96 8.20
N THR B 75 -16.26 -30.01 9.44
CA THR B 75 -16.17 -28.81 10.29
C THR B 75 -14.72 -28.38 10.33
N LEU B 76 -14.49 -27.08 10.40
CA LEU B 76 -13.15 -26.53 10.36
C LEU B 76 -13.06 -25.42 11.37
N SER B 77 -11.93 -25.31 12.05
CA SER B 77 -11.72 -24.15 12.89
C SER B 77 -11.47 -23.00 11.94
N GLN B 78 -11.77 -21.78 12.40
CA GLN B 78 -11.55 -20.56 11.64
C GLN B 78 -10.11 -20.47 11.15
N LYS B 79 -9.18 -20.86 12.03
CA LYS B 79 -7.74 -20.82 11.74
C LYS B 79 -7.33 -21.65 10.53
N HIS B 80 -7.76 -22.93 10.50
CA HIS B 80 -7.49 -23.82 9.38
C HIS B 80 -7.92 -23.20 8.04
N TRP B 81 -9.10 -22.61 8.03
CA TRP B 81 -9.73 -22.05 6.85
C TRP B 81 -9.01 -20.77 6.39
N LEU B 82 -8.61 -19.98 7.37
CA LEU B 82 -7.96 -18.71 7.11
C LEU B 82 -6.49 -18.98 6.80
N SER B 83 -6.11 -20.25 6.89
CA SER B 83 -4.78 -20.69 6.53
C SER B 83 -4.74 -20.98 5.05
N ASP B 84 -5.83 -20.66 4.38
CA ASP B 84 -5.93 -20.71 2.92
C ASP B 84 -5.43 -22.01 2.30
N ARG B 85 -6.15 -23.09 2.56
CA ARG B 85 -5.81 -24.36 1.98
C ARG B 85 -6.96 -24.75 1.07
N THR B 86 -6.67 -25.51 0.04
CA THR B 86 -7.75 -26.00 -0.79
C THR B 86 -8.26 -27.29 -0.19
N TYR B 87 -9.57 -27.33 0.03
CA TYR B 87 -10.28 -28.52 0.46
C TYR B 87 -11.10 -29.10 -0.67
N THR B 88 -10.79 -30.34 -1.06
CA THR B 88 -11.51 -31.01 -2.15
C THR B 88 -12.47 -32.05 -1.57
N CYS B 89 -13.63 -32.18 -2.20
CA CYS B 89 -14.62 -33.18 -1.84
C CYS B 89 -14.84 -34.02 -3.09
N GLN B 90 -14.58 -35.32 -2.94
CA GLN B 90 -14.41 -36.19 -4.09
C GLN B 90 -15.26 -37.45 -3.94
N VAL B 91 -16.19 -37.64 -4.88
CA VAL B 91 -17.11 -38.76 -4.85
C VAL B 91 -16.76 -39.84 -5.89
N THR B 92 -16.93 -41.10 -5.50
CA THR B 92 -16.75 -42.26 -6.38
C THR B 92 -18.11 -42.92 -6.65
N TYR B 93 -18.51 -42.88 -7.92
CA TYR B 93 -19.76 -43.45 -8.40
C TYR B 93 -19.53 -44.14 -9.75
N GLN B 94 -19.85 -45.43 -9.83
CA GLN B 94 -19.75 -46.24 -11.05
C GLN B 94 -18.35 -46.30 -11.66
N GLY B 95 -17.32 -46.22 -10.84
CA GLY B 95 -15.95 -46.23 -11.32
C GLY B 95 -15.45 -44.86 -11.74
N HIS B 96 -16.38 -43.92 -11.93
CA HIS B 96 -16.04 -42.53 -12.23
C HIS B 96 -15.58 -41.81 -10.97
N THR B 97 -14.83 -40.71 -11.14
CA THR B 97 -14.51 -39.84 -10.01
C THR B 97 -14.95 -38.41 -10.28
N PHE B 98 -15.83 -37.93 -9.40
CA PHE B 98 -16.32 -36.56 -9.46
C PHE B 98 -15.70 -35.81 -8.31
N GLU B 99 -15.46 -34.51 -8.48
CA GLU B 99 -15.04 -33.70 -7.34
C GLU B 99 -15.40 -32.22 -7.47
N ASP B 100 -15.53 -31.57 -6.33
CA ASP B 100 -15.65 -30.12 -6.29
C ASP B 100 -14.72 -29.68 -5.19
N SER B 101 -14.09 -28.51 -5.29
CA SER B 101 -13.20 -28.03 -4.22
C SER B 101 -13.39 -26.58 -3.88
N THR B 102 -12.80 -26.19 -2.77
CA THR B 102 -13.00 -24.86 -2.29
C THR B 102 -11.84 -24.39 -1.45
N LYS B 103 -11.47 -23.12 -1.59
CA LYS B 103 -10.70 -22.44 -0.55
C LYS B 103 -11.37 -21.13 -0.22
N LYS B 104 -10.86 -20.36 0.74
CA LYS B 104 -11.41 -19.04 1.00
C LYS B 104 -11.23 -18.07 -0.17
N CYS B 105 -12.11 -17.09 -0.26
CA CYS B 105 -12.15 -16.19 -1.39
C CYS B 105 -11.09 -15.12 -1.32
N ALA B 106 -10.70 -14.68 -2.52
CA ALA B 106 -9.68 -13.67 -2.73
C ALA B 106 -10.08 -12.34 -2.11
N ASP B 107 -9.09 -11.61 -1.59
CA ASP B 107 -9.36 -10.24 -1.20
C ASP B 107 -9.82 -9.49 -2.47
N SER B 108 -10.85 -8.68 -2.33
CA SER B 108 -11.41 -7.95 -3.45
C SER B 108 -10.50 -6.79 -3.82
N ASN B 109 -9.84 -6.23 -2.82
CA ASN B 109 -8.96 -5.12 -3.02
C ASN B 109 -7.78 -5.20 -2.08
N PRO B 110 -6.86 -6.16 -2.31
CA PRO B 110 -5.74 -6.21 -1.37
C PRO B 110 -4.55 -5.33 -1.80
N ARG B 111 -3.57 -5.21 -0.90
CA ARG B 111 -2.25 -4.71 -1.26
C ARG B 111 -1.66 -5.96 -1.88
N GLY B 112 -1.09 -5.87 -3.08
CA GLY B 112 -0.55 -4.68 -3.72
C GLY B 112 0.95 -4.86 -3.59
N VAL B 113 1.69 -4.57 -4.65
CA VAL B 113 3.11 -4.95 -4.72
C VAL B 113 3.93 -3.90 -5.49
N SER B 114 5.12 -3.59 -4.99
CA SER B 114 5.94 -2.56 -5.59
C SER B 114 7.18 -3.21 -6.15
N ALA B 115 7.56 -2.81 -7.36
CA ALA B 115 8.77 -3.30 -8.01
C ALA B 115 9.60 -2.16 -8.54
N TYR B 116 10.84 -2.09 -8.07
CA TYR B 116 11.80 -1.06 -8.42
C TYR B 116 12.99 -1.61 -9.21
N LEU B 117 13.26 -1.05 -10.37
CA LEU B 117 14.44 -1.42 -11.15
C LEU B 117 15.39 -0.24 -11.27
N SER B 118 16.60 -0.39 -10.76
CA SER B 118 17.61 0.69 -10.83
C SER B 118 18.39 0.79 -12.16
N ARG B 119 18.86 1.99 -12.48
CA ARG B 119 19.95 2.15 -13.47
C ARG B 119 21.32 2.14 -12.77
N PRO B 120 22.38 1.69 -13.46
CA PRO B 120 23.71 1.60 -12.86
C PRO B 120 24.36 2.96 -12.62
N SER B 121 25.18 3.05 -11.58
CA SER B 121 25.74 4.35 -11.19
C SER B 121 26.75 4.80 -12.22
N PRO B 122 26.85 6.11 -12.43
CA PRO B 122 27.92 6.67 -13.25
C PRO B 122 29.30 6.23 -12.75
N PHE B 123 29.49 6.18 -11.43
CA PHE B 123 30.71 5.60 -10.88
C PHE B 123 30.91 4.23 -11.51
N ASP B 124 30.04 3.28 -11.16
CA ASP B 124 30.10 1.89 -11.61
C ASP B 124 30.32 1.70 -13.10
N LEU B 125 29.67 2.51 -13.92
CA LEU B 125 29.61 2.32 -15.38
C LEU B 125 30.83 2.86 -16.12
N PHE B 126 31.41 3.92 -15.57
CA PHE B 126 32.57 4.59 -16.14
C PHE B 126 33.86 4.18 -15.45
N ILE B 127 33.92 4.40 -14.14
CA ILE B 127 35.15 4.08 -13.41
C ILE B 127 35.36 2.56 -13.25
N ARG B 128 34.59 1.90 -12.38
CA ARG B 128 34.84 0.47 -12.08
C ARG B 128 34.63 -0.45 -13.26
N LYS B 129 33.90 0.04 -14.27
CA LYS B 129 33.63 -0.66 -15.52
C LYS B 129 33.01 -2.05 -15.28
N SER B 130 32.43 -2.20 -14.09
CA SER B 130 31.60 -3.34 -13.75
C SER B 130 30.19 -2.83 -13.34
N PRO B 131 29.42 -2.36 -14.34
CA PRO B 131 28.09 -1.82 -14.08
C PRO B 131 27.09 -2.93 -13.83
N THR B 132 26.21 -2.71 -12.86
CA THR B 132 25.13 -3.65 -12.60
C THR B 132 23.79 -2.94 -12.48
N ILE B 133 22.71 -3.63 -12.84
CA ILE B 133 21.35 -3.19 -12.52
C ILE B 133 20.72 -4.05 -11.44
N THR B 134 19.84 -3.47 -10.65
CA THR B 134 19.10 -4.22 -9.63
C THR B 134 17.57 -4.16 -9.79
N CYS B 135 16.94 -5.33 -9.69
CA CYS B 135 15.50 -5.44 -9.61
C CYS B 135 15.12 -5.75 -8.17
N LEU B 136 14.15 -5.01 -7.65
CA LEU B 136 13.68 -5.14 -6.27
C LEU B 136 12.13 -5.24 -6.18
N VAL B 137 11.64 -6.18 -5.38
CA VAL B 137 10.20 -6.34 -5.22
C VAL B 137 9.89 -6.41 -3.73
N VAL B 138 9.02 -5.51 -3.26
CA VAL B 138 8.63 -5.52 -1.86
C VAL B 138 7.15 -5.82 -1.69
N ASP B 139 6.78 -6.23 -0.48
CA ASP B 139 5.40 -6.55 -0.11
C ASP B 139 4.80 -7.82 -0.75
N LEU B 140 5.62 -8.83 -1.00
CA LEU B 140 5.12 -10.16 -1.40
C LEU B 140 4.74 -11.01 -0.19
N ALA B 141 3.72 -11.88 -0.34
CA ALA B 141 3.33 -12.77 0.75
C ALA B 141 4.52 -13.62 1.18
N PRO B 142 4.80 -13.70 2.50
CA PRO B 142 6.07 -14.26 2.98
C PRO B 142 6.22 -15.80 2.84
N SER B 143 6.09 -16.28 1.60
CA SER B 143 6.31 -17.68 1.28
C SER B 143 7.36 -17.79 0.16
N LYS B 144 8.50 -18.42 0.48
CA LYS B 144 9.58 -18.57 -0.49
C LYS B 144 9.28 -19.61 -1.58
N GLY B 145 9.95 -19.48 -2.72
CA GLY B 145 9.81 -20.42 -3.82
C GLY B 145 8.62 -20.26 -4.75
N THR B 146 7.70 -19.36 -4.41
CA THR B 146 6.60 -18.97 -5.30
C THR B 146 6.97 -17.88 -6.34
N VAL B 147 7.81 -16.93 -5.95
CA VAL B 147 8.22 -15.87 -6.87
C VAL B 147 9.18 -16.33 -7.98
N GLN B 148 9.02 -15.74 -9.16
CA GLN B 148 9.81 -16.09 -10.30
C GLN B 148 10.30 -14.79 -10.89
N LEU B 149 11.60 -14.67 -11.14
CA LEU B 149 12.12 -13.42 -11.69
C LEU B 149 13.12 -13.70 -12.84
N THR B 150 12.86 -13.13 -14.01
CA THR B 150 13.65 -13.39 -15.21
C THR B 150 14.10 -12.08 -15.86
N TRP B 151 15.35 -12.04 -16.35
CA TRP B 151 15.86 -10.87 -17.08
C TRP B 151 15.84 -11.05 -18.59
N SER B 152 15.51 -10.00 -19.33
CA SER B 152 15.63 -10.06 -20.77
C SER B 152 16.39 -8.89 -21.35
N ARG B 153 16.59 -8.93 -22.66
CA ARG B 153 17.14 -7.81 -23.41
C ARG B 153 16.29 -7.61 -24.66
N ALA B 154 15.93 -6.36 -24.94
CA ALA B 154 15.06 -6.03 -26.07
C ALA B 154 15.55 -6.65 -27.36
N SER B 155 16.87 -6.71 -27.52
CA SER B 155 17.49 -7.38 -28.66
C SER B 155 17.39 -8.92 -28.62
N GLY B 156 16.91 -9.47 -27.51
CA GLY B 156 16.88 -10.92 -27.33
C GLY B 156 18.28 -11.52 -27.20
N LYS B 157 19.28 -10.67 -27.02
CA LYS B 157 20.64 -11.14 -26.83
C LYS B 157 20.79 -11.79 -25.46
N PRO B 158 21.66 -12.82 -25.36
CA PRO B 158 21.89 -13.53 -24.09
C PRO B 158 22.35 -12.61 -22.94
N VAL B 159 21.92 -12.94 -21.72
CA VAL B 159 22.20 -12.13 -20.55
C VAL B 159 23.11 -12.88 -19.62
N ASN B 160 23.80 -12.13 -18.77
CA ASN B 160 24.79 -12.69 -17.87
C ASN B 160 24.07 -13.53 -16.78
N HIS B 161 24.81 -14.13 -15.84
CA HIS B 161 24.18 -14.84 -14.72
C HIS B 161 23.86 -13.89 -13.59
N SER B 162 22.59 -13.78 -13.23
CA SER B 162 22.25 -12.89 -12.14
C SER B 162 22.34 -13.59 -10.79
N THR B 163 22.16 -12.82 -9.73
CA THR B 163 22.23 -13.37 -8.39
C THR B 163 21.03 -12.86 -7.56
N ARG B 164 20.28 -13.81 -7.00
CA ARG B 164 19.00 -13.56 -6.33
C ARG B 164 19.09 -13.57 -4.80
N LYS B 165 18.28 -12.74 -4.15
CA LYS B 165 18.14 -12.81 -2.71
C LYS B 165 16.67 -12.72 -2.34
N GLU B 166 16.11 -13.78 -1.76
CA GLU B 166 14.79 -13.73 -1.18
C GLU B 166 15.01 -13.57 0.31
N GLU B 167 14.38 -12.58 0.89
CA GLU B 167 14.58 -12.28 2.27
C GLU B 167 13.23 -11.98 2.90
N LYS B 168 12.96 -12.62 4.03
CA LYS B 168 11.71 -12.50 4.74
C LYS B 168 11.81 -11.34 5.72
N GLN B 169 10.89 -10.39 5.59
CA GLN B 169 10.91 -9.16 6.36
C GLN B 169 10.33 -9.19 7.79
N ARG B 170 10.72 -8.25 8.59
CA ARG B 170 10.18 -8.19 9.95
C ARG B 170 8.66 -7.98 10.04
N ASN B 171 8.10 -7.21 9.11
CA ASN B 171 6.68 -6.94 9.12
C ASN B 171 5.84 -7.99 8.38
N GLY B 172 6.35 -9.23 8.33
CA GLY B 172 5.61 -10.30 7.71
C GLY B 172 5.45 -10.11 6.20
N THR B 173 6.37 -9.55 5.53
CA THR B 173 6.43 -9.50 4.09
C THR B 173 7.65 -10.28 3.58
N LEU B 174 7.75 -10.43 2.26
CA LEU B 174 8.95 -10.97 1.64
C LEU B 174 9.49 -9.97 0.63
N THR B 175 10.80 -9.74 0.63
CA THR B 175 11.43 -8.89 -0.38
C THR B 175 12.43 -9.67 -1.25
N VAL B 176 12.20 -9.75 -2.57
CA VAL B 176 13.18 -10.37 -3.46
C VAL B 176 13.98 -9.38 -4.30
N THR B 177 15.28 -9.57 -4.35
CA THR B 177 16.13 -8.72 -5.18
C THR B 177 17.00 -9.58 -6.07
N SER B 178 17.03 -9.31 -7.36
CA SER B 178 18.05 -9.92 -8.21
C SER B 178 18.92 -8.80 -8.77
N THR B 179 20.23 -8.97 -8.78
CA THR B 179 21.08 -7.99 -9.43
C THR B 179 21.81 -8.60 -10.63
N LEU B 180 21.98 -7.81 -11.70
CA LEU B 180 22.52 -8.35 -12.93
C LEU B 180 23.72 -7.54 -13.35
N PRO B 181 24.80 -8.21 -13.81
CA PRO B 181 25.84 -7.47 -14.51
C PRO B 181 25.39 -7.18 -15.93
N VAL B 182 25.68 -5.98 -16.43
CA VAL B 182 25.34 -5.63 -17.81
C VAL B 182 26.58 -5.35 -18.63
N GLY B 183 26.53 -5.77 -19.90
CA GLY B 183 27.60 -5.50 -20.85
C GLY B 183 27.86 -4.00 -20.93
N THR B 184 29.08 -3.61 -20.63
CA THR B 184 29.37 -2.22 -20.29
C THR B 184 29.21 -1.24 -21.45
N ARG B 185 29.42 -1.74 -22.67
CA ARG B 185 29.10 -0.99 -23.87
C ARG B 185 27.61 -0.98 -24.15
N ASP B 186 27.00 -2.18 -24.06
CA ASP B 186 25.58 -2.40 -24.39
C ASP B 186 24.64 -1.42 -23.69
N TRP B 187 24.99 -1.01 -22.48
CA TRP B 187 24.21 -0.01 -21.79
C TRP B 187 24.23 1.28 -22.58
N ILE B 188 25.44 1.76 -22.86
CA ILE B 188 25.66 3.02 -23.57
C ILE B 188 25.06 3.03 -24.98
N GLU B 189 25.25 1.96 -25.74
CA GLU B 189 24.63 1.90 -27.06
C GLU B 189 23.25 1.29 -26.89
N GLY B 190 22.23 2.12 -26.90
CA GLY B 190 20.86 1.66 -26.78
C GLY B 190 20.55 0.74 -25.61
N GLU B 191 19.98 -0.42 -25.93
CA GLU B 191 19.75 -1.54 -24.99
C GLU B 191 18.84 -1.47 -23.77
N THR B 192 17.56 -1.74 -23.98
CA THR B 192 16.64 -1.91 -22.86
C THR B 192 16.75 -3.30 -22.16
N TYR B 193 17.12 -3.28 -20.88
CA TYR B 193 17.12 -4.50 -20.07
C TYR B 193 15.79 -4.69 -19.32
N GLN B 194 15.22 -5.88 -19.43
CA GLN B 194 13.91 -6.15 -18.82
C GLN B 194 13.96 -7.10 -17.61
N CYS B 195 13.08 -6.85 -16.65
CA CYS B 195 12.96 -7.60 -15.40
C CYS B 195 11.52 -8.03 -15.27
N ARG B 196 11.26 -9.33 -15.30
CA ARG B 196 9.91 -9.88 -15.29
C ARG B 196 9.57 -10.64 -14.00
N VAL B 197 8.58 -10.20 -13.23
CA VAL B 197 8.18 -10.99 -12.04
C VAL B 197 6.76 -11.57 -12.04
N THR B 198 6.66 -12.86 -11.72
CA THR B 198 5.38 -13.55 -11.60
C THR B 198 5.21 -14.21 -10.22
N HIS B 199 3.99 -14.16 -9.68
CA HIS B 199 3.62 -14.76 -8.40
C HIS B 199 2.19 -15.21 -8.63
N PRO B 200 1.76 -16.29 -7.96
CA PRO B 200 0.33 -16.64 -8.11
C PRO B 200 -0.60 -15.52 -7.61
N HIS B 201 -0.16 -14.79 -6.59
CA HIS B 201 -0.97 -13.76 -5.94
C HIS B 201 -1.20 -12.57 -6.85
N LEU B 202 -0.26 -12.34 -7.75
CA LEU B 202 -0.37 -11.23 -8.70
C LEU B 202 -1.31 -11.60 -9.83
N PRO B 203 -2.24 -10.68 -10.15
CA PRO B 203 -3.20 -10.82 -11.25
C PRO B 203 -2.56 -10.93 -12.65
N ARG B 204 -1.61 -10.06 -12.96
CA ARG B 204 -0.87 -10.13 -14.22
C ARG B 204 0.57 -10.24 -13.78
N ALA B 205 1.48 -10.64 -14.68
CA ALA B 205 2.89 -10.58 -14.35
C ALA B 205 3.36 -9.14 -14.35
N LEU B 206 4.32 -8.83 -13.48
CA LEU B 206 4.95 -7.50 -13.37
C LEU B 206 6.18 -7.34 -14.22
N MET B 207 6.14 -6.45 -15.21
CA MET B 207 7.34 -6.13 -15.97
C MET B 207 7.87 -4.73 -15.68
N ARG B 208 9.13 -4.64 -15.30
CA ARG B 208 9.81 -3.37 -15.11
C ARG B 208 10.96 -3.30 -16.09
N SER B 209 11.17 -2.14 -16.71
CA SER B 209 12.19 -2.00 -17.72
C SER B 209 13.24 -0.94 -17.34
N THR B 210 14.46 -1.05 -17.85
CA THR B 210 15.47 -0.03 -17.58
C THR B 210 16.42 0.19 -18.76
N THR B 211 16.94 1.42 -18.89
CA THR B 211 17.73 1.77 -20.06
C THR B 211 18.34 3.17 -19.96
N LYS B 212 19.34 3.39 -20.80
CA LYS B 212 20.03 4.67 -20.87
C LYS B 212 19.01 5.77 -21.14
N THR B 213 19.01 6.80 -20.31
CA THR B 213 18.05 7.87 -20.44
C THR B 213 18.33 8.65 -21.71
N SER B 214 17.37 8.64 -22.63
CA SER B 214 17.52 9.38 -23.86
C SER B 214 17.25 10.81 -23.52
N GLY B 215 18.06 11.69 -24.08
CA GLY B 215 17.93 13.10 -23.82
C GLY B 215 19.11 13.89 -24.34
N PRO B 216 19.12 15.18 -24.01
CA PRO B 216 20.15 16.15 -24.43
C PRO B 216 21.35 16.21 -23.46
N ARG B 217 22.30 15.29 -23.60
CA ARG B 217 23.42 15.26 -22.66
C ARG B 217 24.27 16.54 -22.62
N ALA B 218 24.38 17.11 -21.43
CA ALA B 218 25.24 18.26 -21.15
C ALA B 218 26.10 17.94 -19.93
N ALA B 219 27.30 18.50 -19.85
CA ALA B 219 28.18 18.16 -18.75
C ALA B 219 27.86 19.01 -17.51
N PRO B 220 28.36 18.59 -16.35
CA PRO B 220 28.27 19.34 -15.08
C PRO B 220 29.27 20.48 -14.93
N GLU B 221 28.93 21.44 -14.06
CA GLU B 221 29.78 22.58 -13.78
C GLU B 221 29.98 22.63 -12.28
N VAL B 222 31.19 22.39 -11.80
CA VAL B 222 31.40 22.21 -10.36
C VAL B 222 31.98 23.45 -9.71
N TYR B 223 31.58 23.72 -8.48
CA TYR B 223 32.26 24.71 -7.66
C TYR B 223 32.46 24.22 -6.21
N ALA B 224 33.69 24.41 -5.71
CA ALA B 224 34.08 23.99 -4.37
C ALA B 224 33.96 25.10 -3.30
N PHE B 225 33.60 24.71 -2.08
CA PHE B 225 33.33 25.63 -0.97
C PHE B 225 34.00 25.30 0.34
N ALA B 226 33.65 26.11 1.33
CA ALA B 226 33.82 25.84 2.75
C ALA B 226 33.20 27.04 3.44
N THR B 227 32.83 26.87 4.69
CA THR B 227 32.23 27.97 5.43
C THR B 227 33.31 28.70 6.25
N PRO B 228 33.24 30.03 6.30
CA PRO B 228 34.10 30.80 7.20
C PRO B 228 33.95 30.30 8.63
N GLU B 229 35.01 30.47 9.42
CA GLU B 229 35.03 30.01 10.79
C GLU B 229 33.85 30.52 11.59
N TRP B 230 33.37 29.68 12.49
CA TRP B 230 32.49 30.13 13.56
C TRP B 230 33.33 29.84 14.79
N PRO B 231 34.39 30.65 14.99
CA PRO B 231 35.54 30.36 15.84
C PRO B 231 35.18 30.14 17.30
N GLY B 232 35.99 29.36 18.00
CA GLY B 232 35.73 29.04 19.39
C GLY B 232 34.70 27.95 19.55
N SER B 233 33.96 27.66 18.48
CA SER B 233 33.03 26.55 18.49
C SER B 233 33.76 25.34 17.95
N ARG B 234 34.05 24.40 18.85
CA ARG B 234 34.77 23.18 18.51
C ARG B 234 36.08 23.44 17.74
N ASP B 235 36.21 22.78 16.59
CA ASP B 235 37.45 22.75 15.83
C ASP B 235 37.09 22.74 14.35
N LYS B 236 38.08 22.39 13.52
CA LYS B 236 37.89 22.01 12.11
C LYS B 236 37.19 23.05 11.22
N ARG B 237 36.35 22.56 10.32
CA ARG B 237 35.54 23.39 9.44
C ARG B 237 34.54 22.49 8.73
N THR B 238 33.69 23.10 7.90
CA THR B 238 32.76 22.36 7.08
C THR B 238 32.96 22.82 5.65
N LEU B 239 32.84 21.89 4.71
CA LEU B 239 32.91 22.27 3.29
C LEU B 239 31.90 21.53 2.39
N ALA B 240 31.44 22.23 1.35
CA ALA B 240 30.41 21.68 0.50
C ALA B 240 30.64 21.95 -0.98
N CYS B 241 29.86 21.29 -1.83
CA CYS B 241 30.09 21.33 -3.26
C CYS B 241 28.79 21.56 -4.03
N LEU B 242 28.80 22.49 -4.98
CA LEU B 242 27.64 22.70 -5.84
C LEU B 242 27.95 22.32 -7.29
N ILE B 243 27.32 21.25 -7.76
CA ILE B 243 27.56 20.71 -9.11
C ILE B 243 26.31 20.79 -9.95
N GLN B 244 26.32 21.55 -11.05
CA GLN B 244 25.04 21.84 -11.70
C GLN B 244 24.95 21.90 -13.23
N ASN B 245 23.70 22.06 -13.68
CA ASN B 245 23.26 22.11 -15.08
C ASN B 245 23.51 20.90 -15.97
N PHE B 246 23.73 19.73 -15.37
CA PHE B 246 24.05 18.55 -16.16
C PHE B 246 22.80 17.89 -16.71
N MET B 247 22.97 17.13 -17.79
CA MET B 247 21.89 16.32 -18.33
C MET B 247 22.53 15.01 -18.82
N PRO B 248 21.83 13.87 -18.62
CA PRO B 248 20.61 13.68 -17.83
C PRO B 248 20.93 13.65 -16.33
N GLU B 249 19.97 13.26 -15.51
CA GLU B 249 20.20 13.24 -14.06
C GLU B 249 21.31 12.30 -13.58
N ASP B 250 21.54 11.18 -14.24
CA ASP B 250 22.43 10.18 -13.65
C ASP B 250 23.80 10.77 -13.31
N ILE B 251 24.13 10.77 -12.02
CA ILE B 251 25.40 11.32 -11.58
C ILE B 251 25.88 10.60 -10.32
N SER B 252 27.20 10.43 -10.21
CA SER B 252 27.84 9.94 -8.99
C SER B 252 28.69 11.08 -8.49
N VAL B 253 28.96 11.14 -7.20
CA VAL B 253 29.76 12.24 -6.67
C VAL B 253 30.53 11.75 -5.45
N GLN B 254 31.76 12.24 -5.30
CA GLN B 254 32.64 11.78 -4.23
C GLN B 254 33.73 12.79 -3.84
N TRP B 255 34.32 12.57 -2.66
CA TRP B 255 35.36 13.43 -2.11
C TRP B 255 36.63 12.64 -1.82
N LEU B 256 37.76 13.07 -2.37
CA LEU B 256 39.02 12.43 -2.01
C LEU B 256 39.84 13.29 -1.05
N HIS B 257 40.92 12.71 -0.54
CA HIS B 257 41.91 13.44 0.25
C HIS B 257 43.26 12.90 -0.19
N ASN B 258 44.09 13.72 -0.83
CA ASN B 258 45.34 13.24 -1.46
C ASN B 258 45.18 11.90 -2.19
N GLU B 259 44.15 11.84 -3.05
CA GLU B 259 43.81 10.65 -3.83
C GLU B 259 43.35 9.46 -3.00
N VAL B 260 42.73 9.75 -1.86
CA VAL B 260 42.08 8.72 -1.04
C VAL B 260 40.58 8.97 -1.01
N GLN B 261 39.81 8.12 -1.67
CA GLN B 261 38.37 8.31 -1.78
C GLN B 261 37.68 8.10 -0.43
N LEU B 262 36.98 9.14 0.03
CA LEU B 262 36.35 9.10 1.35
C LEU B 262 35.01 8.39 1.33
N PRO B 263 34.78 7.53 2.35
CA PRO B 263 33.59 6.68 2.48
C PRO B 263 32.28 7.47 2.30
N ASP B 264 31.30 6.82 1.68
CA ASP B 264 30.02 7.47 1.39
C ASP B 264 29.40 8.06 2.64
N ALA B 265 29.55 7.38 3.77
CA ALA B 265 28.96 7.81 5.05
C ALA B 265 29.58 9.10 5.60
N ARG B 266 30.69 9.54 5.00
CA ARG B 266 31.35 10.77 5.44
C ARG B 266 30.61 12.01 4.93
N HIS B 267 30.28 12.01 3.65
CA HIS B 267 29.61 13.15 3.05
C HIS B 267 28.11 12.90 2.86
N SER B 268 27.29 13.91 3.15
CA SER B 268 25.89 13.84 2.80
C SER B 268 25.65 14.49 1.46
N THR B 269 25.31 13.67 0.47
CA THR B 269 25.07 14.18 -0.87
C THR B 269 23.57 14.06 -1.21
N THR B 270 23.01 15.12 -1.78
CA THR B 270 21.60 15.17 -2.11
C THR B 270 21.33 14.39 -3.40
N GLN B 271 20.05 14.23 -3.73
CA GLN B 271 19.67 13.56 -4.98
C GLN B 271 19.50 14.61 -6.07
N PRO B 272 19.81 14.23 -7.32
CA PRO B 272 19.76 15.22 -8.39
C PRO B 272 18.37 15.84 -8.44
N ARG B 273 18.32 17.16 -8.39
CA ARG B 273 17.04 17.83 -8.32
C ARG B 273 16.90 18.77 -9.50
N LYS B 274 15.66 18.95 -9.94
CA LYS B 274 15.35 19.73 -11.13
C LYS B 274 15.65 21.22 -10.95
N THR B 275 15.76 21.94 -12.06
CA THR B 275 15.80 23.40 -12.03
C THR B 275 14.64 23.94 -12.86
N LYS B 276 14.08 25.08 -12.46
CA LYS B 276 13.15 25.80 -13.31
C LYS B 276 13.83 26.11 -14.64
N GLY B 277 13.12 25.87 -15.74
CA GLY B 277 13.78 25.83 -17.04
C GLY B 277 14.62 24.57 -17.20
N SER B 278 15.90 24.74 -17.52
CA SER B 278 16.75 23.60 -17.89
C SER B 278 17.83 23.20 -16.86
N GLY B 279 18.11 21.91 -16.80
CA GLY B 279 19.22 21.40 -16.00
C GLY B 279 18.84 20.80 -14.66
N PHE B 280 19.75 20.04 -14.06
CA PHE B 280 19.58 19.49 -12.71
C PHE B 280 20.71 20.06 -11.86
N PHE B 281 20.70 19.78 -10.56
CA PHE B 281 21.81 20.17 -9.70
C PHE B 281 21.95 19.29 -8.46
N VAL B 282 23.16 19.08 -7.98
CA VAL B 282 23.28 18.52 -6.64
C VAL B 282 24.16 19.39 -5.80
N PHE B 283 24.09 19.13 -4.51
CA PHE B 283 24.85 19.83 -3.50
C PHE B 283 25.29 18.74 -2.52
N SER B 284 26.55 18.78 -2.12
CA SER B 284 27.08 17.78 -1.22
C SER B 284 27.93 18.44 -0.14
N ARG B 285 27.78 17.96 1.09
CA ARG B 285 28.50 18.53 2.21
C ARG B 285 29.40 17.52 2.92
N LEU B 286 30.59 18.00 3.29
CA LEU B 286 31.62 17.23 3.98
C LEU B 286 32.19 18.06 5.13
N GLU B 287 32.09 17.56 6.35
CA GLU B 287 32.75 18.26 7.44
C GLU B 287 34.14 17.68 7.72
N VAL B 288 35.17 18.49 7.44
CA VAL B 288 36.55 18.06 7.59
C VAL B 288 36.94 18.00 9.07
N THR B 289 38.18 17.62 9.34
CA THR B 289 38.70 17.55 10.70
C THR B 289 40.11 18.16 10.79
N ARG B 290 40.43 18.75 11.94
CA ARG B 290 41.67 19.50 12.13
C ARG B 290 42.96 18.73 11.85
N ALA B 291 42.91 17.41 11.91
CA ALA B 291 44.06 16.58 11.62
C ALA B 291 44.49 16.72 10.16
N GLU B 292 43.51 16.56 9.26
CA GLU B 292 43.76 16.65 7.83
C GLU B 292 43.83 18.11 7.37
N TRP B 293 43.42 19.01 8.26
CA TRP B 293 43.45 20.44 8.02
C TRP B 293 44.87 20.87 7.68
N GLU B 294 45.78 20.57 8.61
CA GLU B 294 47.20 20.85 8.45
C GLU B 294 47.94 19.79 7.62
N GLN B 295 47.50 18.53 7.73
CA GLN B 295 48.18 17.40 7.09
C GLN B 295 48.43 17.63 5.61
N LYS B 296 47.36 17.95 4.89
CA LYS B 296 47.46 18.65 3.61
C LYS B 296 46.23 19.54 3.53
N ASP B 297 46.39 20.82 3.21
CA ASP B 297 45.18 21.60 3.04
C ASP B 297 44.97 21.65 1.54
N GLU B 298 44.20 20.67 1.09
CA GLU B 298 43.57 20.60 -0.21
C GLU B 298 42.48 19.55 -0.03
N PHE B 299 41.33 19.74 -0.67
CA PHE B 299 40.30 18.73 -0.61
C PHE B 299 39.60 18.70 -1.96
N ILE B 300 39.34 17.49 -2.47
CA ILE B 300 38.80 17.35 -3.83
C ILE B 300 37.40 16.75 -3.91
N CYS B 301 36.54 17.42 -4.65
CA CYS B 301 35.16 17.03 -4.85
C CYS B 301 35.00 16.66 -6.33
N ARG B 302 34.81 15.38 -6.60
CA ARG B 302 34.76 14.90 -7.98
C ARG B 302 33.36 14.48 -8.39
N ALA B 303 33.00 14.76 -9.63
CA ALA B 303 31.71 14.38 -10.18
C ALA B 303 31.89 13.41 -11.35
N VAL B 304 31.44 12.16 -11.22
CA VAL B 304 31.41 11.30 -12.41
C VAL B 304 30.09 11.54 -13.11
N HIS B 305 30.13 11.78 -14.40
CA HIS B 305 28.92 12.00 -15.16
C HIS B 305 29.14 11.57 -16.59
N GLU B 306 28.08 11.10 -17.24
CA GLU B 306 28.18 10.70 -18.64
C GLU B 306 28.89 11.73 -19.52
N ALA B 307 28.44 12.98 -19.46
CA ALA B 307 28.85 14.01 -20.43
C ALA B 307 30.12 14.76 -20.04
N ALA B 308 30.69 14.41 -18.89
CA ALA B 308 31.97 14.97 -18.49
C ALA B 308 33.08 14.48 -19.44
N SER B 309 34.18 15.23 -19.45
CA SER B 309 35.25 14.93 -20.40
C SER B 309 36.62 15.26 -19.81
N PRO B 310 37.66 14.51 -20.24
CA PRO B 310 37.61 13.35 -21.15
C PRO B 310 37.01 12.05 -20.57
N SER B 311 37.32 11.82 -19.30
CA SER B 311 37.17 10.52 -18.64
C SER B 311 35.80 10.36 -17.98
N GLN B 312 34.89 11.24 -18.35
CA GLN B 312 33.55 11.27 -17.78
C GLN B 312 33.61 11.71 -16.35
N THR B 313 34.65 12.48 -16.03
CA THR B 313 34.81 13.04 -14.70
C THR B 313 35.17 14.53 -14.77
N VAL B 314 34.77 15.28 -13.75
CA VAL B 314 35.20 16.66 -13.56
C VAL B 314 35.62 16.84 -12.11
N GLN B 315 36.88 17.19 -11.89
CA GLN B 315 37.38 17.39 -10.53
C GLN B 315 37.46 18.88 -10.15
N ARG B 316 37.81 19.13 -8.89
CA ARG B 316 37.88 20.48 -8.36
C ARG B 316 38.35 20.37 -6.93
N ALA B 317 38.80 21.47 -6.35
CA ALA B 317 39.35 21.41 -5.00
C ALA B 317 39.21 22.72 -4.26
N VAL B 318 39.62 22.72 -2.99
CA VAL B 318 39.59 23.92 -2.16
C VAL B 318 40.18 23.63 -0.76
N SER B 319 40.60 24.69 -0.07
CA SER B 319 41.25 24.64 1.24
C SER B 319 40.84 25.89 1.99
N VAL B 320 41.53 26.18 3.09
CA VAL B 320 41.46 27.54 3.64
C VAL B 320 42.84 28.23 3.60
N ASN B 321 42.96 29.28 2.78
CA ASN B 321 44.22 30.00 2.58
C ASN B 321 44.41 31.07 3.64
N GLN C 20 -0.20 -6.00 -23.59
CA GLN C 20 -0.87 -6.18 -24.87
C GLN C 20 -2.42 -6.10 -24.74
N VAL C 21 -2.89 -5.24 -23.84
CA VAL C 21 -4.33 -5.10 -23.63
C VAL C 21 -5.07 -4.71 -24.92
N GLN C 22 -6.30 -5.17 -25.07
CA GLN C 22 -7.05 -4.99 -26.29
C GLN C 22 -8.54 -4.98 -25.94
N LEU C 23 -9.35 -4.27 -26.72
CA LEU C 23 -10.75 -4.04 -26.39
C LEU C 23 -11.66 -4.20 -27.61
N GLN C 24 -12.60 -5.14 -27.58
CA GLN C 24 -13.51 -5.31 -28.72
C GLN C 24 -14.90 -4.82 -28.41
N GLN C 25 -15.38 -3.83 -29.15
CA GLN C 25 -16.76 -3.41 -29.02
C GLN C 25 -17.64 -4.37 -29.79
N SER C 26 -18.91 -4.40 -29.43
CA SER C 26 -19.91 -5.13 -30.19
C SER C 26 -21.28 -4.52 -29.88
N GLY C 27 -22.20 -4.58 -30.83
CA GLY C 27 -23.58 -4.23 -30.56
C GLY C 27 -24.27 -3.74 -31.81
N PRO C 28 -25.58 -3.54 -31.74
CA PRO C 28 -26.31 -3.11 -32.94
C PRO C 28 -25.85 -1.73 -33.47
N GLY C 29 -25.71 -1.60 -34.79
CA GLY C 29 -25.49 -0.31 -35.40
C GLY C 29 -26.71 0.60 -35.41
N LEU C 30 -27.90 0.03 -35.39
CA LEU C 30 -29.12 0.79 -35.61
C LEU C 30 -30.08 0.59 -34.46
N VAL C 31 -30.67 1.68 -33.98
CA VAL C 31 -31.57 1.70 -32.83
C VAL C 31 -32.72 2.68 -33.12
N LYS C 32 -33.95 2.28 -32.85
CA LYS C 32 -35.10 3.14 -33.07
C LYS C 32 -35.19 4.20 -31.99
N PRO C 33 -35.79 5.36 -32.31
CA PRO C 33 -36.13 6.40 -31.33
C PRO C 33 -36.88 5.80 -30.16
N SER C 34 -36.63 6.36 -28.98
CA SER C 34 -37.29 6.00 -27.73
C SER C 34 -36.94 4.63 -27.16
N GLN C 35 -36.35 3.75 -27.96
CA GLN C 35 -35.84 2.49 -27.40
C GLN C 35 -34.42 2.61 -26.79
N THR C 36 -33.82 1.48 -26.42
CA THR C 36 -32.55 1.58 -25.72
C THR C 36 -31.35 0.97 -26.43
N LEU C 37 -30.24 1.68 -26.30
CA LEU C 37 -28.97 1.29 -26.89
C LEU C 37 -28.23 0.35 -25.95
N SER C 38 -27.60 -0.67 -26.51
CA SER C 38 -26.78 -1.58 -25.71
C SER C 38 -25.51 -1.93 -26.45
N LEU C 39 -24.37 -1.70 -25.81
CA LEU C 39 -23.08 -1.95 -26.42
C LEU C 39 -22.21 -2.67 -25.43
N THR C 40 -21.30 -3.48 -25.95
CA THR C 40 -20.47 -4.33 -25.13
C THR C 40 -19.02 -4.23 -25.52
N CYS C 41 -18.16 -4.00 -24.55
CA CYS C 41 -16.73 -4.01 -24.74
C CYS C 41 -16.18 -5.25 -24.02
N GLY C 42 -15.66 -6.22 -24.76
CA GLY C 42 -14.87 -7.27 -24.13
C GLY C 42 -13.39 -6.93 -23.99
N ILE C 43 -12.82 -7.31 -22.87
CA ILE C 43 -11.47 -6.94 -22.51
C ILE C 43 -10.49 -8.09 -22.59
N SER C 44 -9.50 -8.01 -23.45
CA SER C 44 -8.44 -9.01 -23.48
C SER C 44 -7.10 -8.44 -22.92
N GLY C 45 -6.50 -9.08 -21.93
CA GLY C 45 -5.19 -8.64 -21.45
C GLY C 45 -5.12 -8.00 -20.08
N ASP C 46 -6.28 -7.62 -19.52
CA ASP C 46 -6.42 -7.12 -18.14
C ASP C 46 -7.77 -7.68 -17.75
N SER C 47 -8.28 -7.34 -16.58
CA SER C 47 -9.58 -7.83 -16.13
C SER C 47 -10.49 -6.68 -15.71
N VAL C 48 -11.81 -6.86 -15.86
CA VAL C 48 -12.78 -5.83 -15.48
C VAL C 48 -12.59 -5.52 -14.04
N SER C 49 -12.41 -6.60 -13.29
CA SER C 49 -12.39 -6.61 -11.83
C SER C 49 -11.15 -5.96 -11.29
N SER C 50 -10.26 -5.53 -12.18
CA SER C 50 -8.96 -5.02 -11.80
C SER C 50 -9.04 -3.84 -10.87
N ASN C 51 -8.21 -3.86 -9.82
CA ASN C 51 -8.02 -2.67 -8.99
C ASN C 51 -7.20 -1.81 -9.91
N SER C 52 -6.84 -0.60 -9.52
CA SER C 52 -5.88 0.17 -10.34
C SER C 52 -6.23 0.41 -11.84
N ALA C 53 -7.50 0.27 -12.23
CA ALA C 53 -7.98 0.65 -13.56
C ALA C 53 -9.45 0.95 -13.44
N ALA C 54 -10.06 1.46 -14.49
CA ALA C 54 -11.45 1.84 -14.49
C ALA C 54 -11.92 1.82 -15.92
N TRP C 55 -13.18 1.49 -16.17
CA TRP C 55 -13.62 1.20 -17.53
C TRP C 55 -14.70 2.13 -18.03
N ASN C 56 -14.38 2.88 -19.08
CA ASN C 56 -15.15 4.07 -19.45
C ASN C 56 -15.84 3.91 -20.77
N TRP C 57 -16.99 4.58 -20.89
CA TRP C 57 -17.66 4.82 -22.16
C TRP C 57 -17.65 6.31 -22.46
N LEU C 58 -17.38 6.60 -23.73
CA LEU C 58 -17.40 7.94 -24.28
C LEU C 58 -18.00 7.83 -25.65
N ARG C 59 -18.38 8.95 -26.24
CA ARG C 59 -18.84 8.97 -27.62
C ARG C 59 -18.50 10.28 -28.32
N GLN C 60 -18.56 10.28 -29.65
CA GLN C 60 -18.22 11.44 -30.44
C GLN C 60 -19.23 11.62 -31.55
N SER C 61 -20.00 12.70 -31.48
CA SER C 61 -20.74 13.19 -32.63
C SER C 61 -19.84 14.27 -33.25
N PRO C 62 -19.98 14.56 -34.55
CA PRO C 62 -19.24 15.74 -35.01
C PRO C 62 -19.76 16.99 -34.27
N SER C 63 -21.06 16.95 -34.00
CA SER C 63 -21.82 18.02 -33.39
C SER C 63 -21.52 18.33 -31.91
N ARG C 64 -21.46 17.33 -31.04
CA ARG C 64 -21.11 17.59 -29.64
C ARG C 64 -19.63 17.35 -29.31
N GLY C 65 -18.86 16.92 -30.29
CA GLY C 65 -17.47 16.57 -30.05
C GLY C 65 -17.35 15.36 -29.14
N LEU C 66 -16.16 15.19 -28.57
CA LEU C 66 -15.81 14.03 -27.78
C LEU C 66 -16.29 14.16 -26.32
N GLU C 67 -17.13 13.21 -25.89
CA GLU C 67 -17.95 13.35 -24.68
C GLU C 67 -17.95 12.08 -23.81
N TRP C 68 -17.56 12.21 -22.55
CA TRP C 68 -17.51 11.12 -21.58
C TRP C 68 -18.91 10.81 -21.07
N LEU C 69 -19.22 9.52 -20.94
CA LEU C 69 -20.51 9.05 -20.49
C LEU C 69 -20.42 8.48 -19.09
N GLY C 70 -19.61 7.44 -18.94
CA GLY C 70 -19.61 6.77 -17.66
C GLY C 70 -18.47 5.81 -17.44
N ARG C 71 -18.40 5.26 -16.25
CA ARG C 71 -17.25 4.50 -15.84
C ARG C 71 -17.69 3.46 -14.78
N THR C 72 -17.13 2.26 -14.83
CA THR C 72 -17.37 1.26 -13.82
C THR C 72 -16.03 0.71 -13.33
N TYR C 73 -15.93 0.46 -12.04
CA TYR C 73 -14.68 -0.07 -11.51
C TYR C 73 -14.83 -0.90 -10.23
N TYR C 74 -13.87 -1.77 -9.97
CA TYR C 74 -13.92 -2.52 -8.73
C TYR C 74 -12.79 -2.12 -7.81
N ARG C 75 -13.12 -1.38 -6.77
CA ARG C 75 -12.38 -1.39 -5.50
C ARG C 75 -13.12 -2.43 -4.63
N SER C 76 -12.98 -2.37 -3.31
CA SER C 76 -13.53 -3.40 -2.43
C SER C 76 -15.02 -3.80 -2.70
N LYS C 77 -15.73 -3.00 -3.49
CA LYS C 77 -16.99 -3.47 -4.11
C LYS C 77 -17.06 -2.79 -5.48
N TRP C 78 -18.11 -3.07 -6.25
CA TRP C 78 -18.35 -2.42 -7.55
C TRP C 78 -18.95 -1.04 -7.39
N TYR C 79 -18.32 -0.08 -8.06
CA TYR C 79 -18.72 1.31 -8.07
C TYR C 79 -18.94 1.75 -9.52
N ASN C 80 -19.78 2.78 -9.68
CA ASN C 80 -20.17 3.40 -10.94
C ASN C 80 -19.99 4.91 -10.86
N ASP C 81 -19.56 5.55 -11.94
CA ASP C 81 -19.57 7.01 -12.00
C ASP C 81 -20.11 7.47 -13.34
N TYR C 82 -21.15 8.28 -13.34
CA TYR C 82 -21.73 8.78 -14.58
C TYR C 82 -21.67 10.29 -14.75
N ALA C 83 -21.68 10.69 -16.00
CA ALA C 83 -21.87 12.07 -16.30
C ALA C 83 -23.30 12.43 -15.98
N VAL C 84 -23.51 13.56 -15.36
CA VAL C 84 -24.71 14.29 -15.72
C VAL C 84 -24.14 14.77 -17.06
N SER C 85 -24.89 14.72 -18.16
CA SER C 85 -26.33 14.53 -18.21
C SER C 85 -26.83 13.11 -18.05
N MET C 86 -26.15 12.14 -18.68
CA MET C 86 -26.74 10.83 -18.95
C MET C 86 -27.39 10.19 -17.75
N LYS C 87 -27.02 10.65 -16.56
CA LYS C 87 -27.29 9.94 -15.32
C LYS C 87 -28.69 9.38 -15.26
N SER C 88 -29.67 10.16 -15.68
CA SER C 88 -31.04 9.67 -15.72
C SER C 88 -31.24 8.40 -16.56
N ARG C 89 -30.58 8.35 -17.70
CA ARG C 89 -30.79 7.33 -18.73
C ARG C 89 -29.78 6.22 -18.90
N ILE C 90 -28.78 6.12 -18.04
CA ILE C 90 -27.62 5.29 -18.41
C ILE C 90 -27.20 4.27 -17.34
N THR C 91 -26.72 3.11 -17.80
CA THR C 91 -26.15 2.15 -16.85
C THR C 91 -24.97 1.43 -17.46
N ILE C 92 -23.92 1.28 -16.69
CA ILE C 92 -22.77 0.52 -17.12
C ILE C 92 -22.57 -0.58 -16.15
N ASN C 93 -22.54 -1.83 -16.62
CA ASN C 93 -22.45 -3.00 -15.76
C ASN C 93 -21.27 -3.86 -16.15
N PRO C 94 -20.47 -4.29 -15.18
CA PRO C 94 -19.43 -5.30 -15.43
C PRO C 94 -19.95 -6.70 -15.52
N ASP C 95 -19.46 -7.50 -16.45
CA ASP C 95 -19.70 -8.93 -16.34
C ASP C 95 -18.41 -9.71 -16.12
N THR C 96 -18.17 -10.11 -14.89
CA THR C 96 -16.98 -10.85 -14.54
C THR C 96 -16.90 -12.23 -15.24
N SER C 97 -18.07 -12.77 -15.61
CA SER C 97 -18.14 -14.05 -16.29
C SER C 97 -17.25 -14.16 -17.53
N ARG C 98 -17.56 -13.38 -18.57
CA ARG C 98 -16.78 -13.30 -19.80
C ARG C 98 -15.72 -12.17 -19.83
N ASN C 99 -15.55 -11.47 -18.71
CA ASN C 99 -14.58 -10.37 -18.59
C ASN C 99 -14.84 -9.27 -19.59
N GLN C 100 -15.97 -8.60 -19.41
CA GLN C 100 -16.39 -7.59 -20.33
C GLN C 100 -17.32 -6.67 -19.56
N PHE C 101 -17.56 -5.47 -20.08
CA PHE C 101 -18.48 -4.56 -19.43
C PHE C 101 -19.32 -3.93 -20.50
N SER C 102 -20.40 -3.29 -20.14
CA SER C 102 -21.29 -2.88 -21.18
C SER C 102 -22.11 -1.66 -20.81
N LEU C 103 -22.59 -0.97 -21.83
CA LEU C 103 -23.37 0.23 -21.60
C LEU C 103 -24.80 0.08 -22.14
N GLN C 104 -25.73 0.55 -21.34
CA GLN C 104 -27.12 0.54 -21.72
C GLN C 104 -27.66 1.96 -21.53
N LEU C 105 -28.11 2.57 -22.62
CA LEU C 105 -28.66 3.93 -22.59
C LEU C 105 -30.16 3.91 -22.98
N ASN C 106 -31.01 4.41 -22.11
CA ASN C 106 -32.46 4.37 -22.31
C ASN C 106 -32.96 5.45 -23.22
N SER C 107 -34.11 5.20 -23.84
CA SER C 107 -34.90 6.25 -24.50
C SER C 107 -34.14 7.19 -25.47
N VAL C 108 -33.36 6.62 -26.38
CA VAL C 108 -32.51 7.41 -27.24
C VAL C 108 -33.26 8.26 -28.26
N THR C 109 -32.65 9.36 -28.65
CA THR C 109 -33.18 10.22 -29.69
C THR C 109 -32.06 10.30 -30.72
N PRO C 110 -32.26 11.01 -31.85
CA PRO C 110 -31.18 11.09 -32.84
C PRO C 110 -29.90 11.78 -32.38
N GLU C 111 -29.98 12.60 -31.35
CA GLU C 111 -28.79 13.25 -30.83
C GLU C 111 -27.85 12.21 -30.18
N ASP C 112 -28.37 11.03 -29.97
CA ASP C 112 -27.55 9.98 -29.42
C ASP C 112 -26.73 9.28 -30.51
N THR C 113 -26.92 9.67 -31.76
CA THR C 113 -26.08 9.19 -32.84
C THR C 113 -24.64 9.69 -32.63
N ALA C 114 -23.68 8.78 -32.73
CA ALA C 114 -22.33 9.05 -32.35
C ALA C 114 -21.49 7.82 -32.63
N VAL C 115 -20.17 7.94 -32.56
CA VAL C 115 -19.35 6.75 -32.51
C VAL C 115 -19.11 6.55 -31.03
N TYR C 116 -19.24 5.33 -30.54
CA TYR C 116 -19.16 5.04 -29.12
C TYR C 116 -17.88 4.26 -28.87
N TYR C 117 -17.21 4.63 -27.79
CA TYR C 117 -15.84 4.25 -27.51
C TYR C 117 -15.76 3.73 -26.12
N CYS C 118 -15.16 2.56 -25.98
CA CYS C 118 -14.92 1.98 -24.67
C CYS C 118 -13.43 2.16 -24.41
N ALA C 119 -13.03 2.46 -23.18
CA ALA C 119 -11.64 2.79 -22.99
C ALA C 119 -11.15 2.48 -21.59
N ARG C 120 -9.86 2.26 -21.48
CA ARG C 120 -9.27 1.85 -20.24
C ARG C 120 -8.54 3.00 -19.62
N ASP C 121 -8.95 3.37 -18.42
CA ASP C 121 -8.32 4.42 -17.65
C ASP C 121 -7.47 3.72 -16.58
N GLY C 122 -6.25 4.18 -16.32
CA GLY C 122 -5.21 3.35 -15.75
C GLY C 122 -3.85 3.91 -15.36
N GLU C 123 -2.83 3.08 -15.46
CA GLU C 123 -1.53 3.27 -14.80
C GLU C 123 -0.47 4.20 -15.41
N ILE C 124 0.31 3.68 -16.35
CA ILE C 124 1.62 4.24 -16.74
C ILE C 124 2.64 4.34 -15.57
N SER C 125 3.16 3.20 -15.11
CA SER C 125 3.43 3.04 -13.68
C SER C 125 4.34 3.98 -12.90
N TYR C 126 5.58 3.59 -12.68
CA TYR C 126 6.47 4.36 -11.79
C TYR C 126 5.81 5.08 -10.63
N ASP C 127 5.94 6.40 -10.66
CA ASP C 127 5.29 7.31 -9.71
C ASP C 127 3.81 6.99 -9.54
N TYR C 128 3.16 6.67 -10.64
CA TYR C 128 1.75 6.23 -10.69
C TYR C 128 0.80 7.24 -10.08
N TYR C 129 -0.32 6.74 -9.58
CA TYR C 129 -1.42 7.56 -9.13
C TYR C 129 -2.00 8.38 -10.30
N TYR C 130 -1.25 8.56 -11.38
CA TYR C 130 -1.73 9.38 -12.48
C TYR C 130 -2.43 8.47 -13.47
N TYR C 131 -3.69 8.76 -13.75
CA TYR C 131 -4.46 7.96 -14.67
C TYR C 131 -4.60 8.69 -15.98
N GLY C 132 -4.71 7.94 -17.07
CA GLY C 132 -5.07 8.51 -18.33
C GLY C 132 -5.74 7.39 -19.07
N MET C 133 -6.39 7.64 -20.19
CA MET C 133 -6.92 6.52 -20.94
C MET C 133 -5.96 6.11 -22.02
N ASP C 134 -5.27 5.01 -21.77
CA ASP C 134 -4.18 4.57 -22.63
C ASP C 134 -4.59 3.55 -23.68
N VAL C 135 -5.80 3.02 -23.58
CA VAL C 135 -6.24 1.94 -24.46
C VAL C 135 -7.67 2.15 -24.92
N TRP C 136 -7.93 2.05 -26.22
CA TRP C 136 -9.28 2.29 -26.71
C TRP C 136 -9.80 1.13 -27.58
N GLY C 137 -11.10 1.05 -27.78
CA GLY C 137 -11.68 0.20 -28.79
C GLY C 137 -11.88 0.99 -30.07
N ARG C 138 -11.94 0.32 -31.21
CA ARG C 138 -11.96 1.04 -32.47
C ARG C 138 -13.16 1.99 -32.67
N GLY C 139 -14.21 1.82 -31.88
CA GLY C 139 -15.41 2.60 -32.04
C GLY C 139 -16.53 1.80 -32.65
N THR C 140 -17.77 2.14 -32.30
CA THR C 140 -18.91 1.60 -33.02
C THR C 140 -19.88 2.70 -33.34
N LEU C 141 -20.33 2.71 -34.59
CA LEU C 141 -21.30 3.69 -35.03
C LEU C 141 -22.73 3.25 -34.69
N VAL C 142 -23.40 4.06 -33.88
CA VAL C 142 -24.74 3.78 -33.44
C VAL C 142 -25.64 4.87 -33.97
N THR C 143 -26.59 4.49 -34.83
CA THR C 143 -27.43 5.43 -35.54
C THR C 143 -28.84 5.32 -35.06
N VAL C 144 -29.44 6.46 -34.74
CA VAL C 144 -30.81 6.47 -34.25
C VAL C 144 -31.76 6.89 -35.34
N SER C 145 -32.57 5.95 -35.81
CA SER C 145 -33.51 6.24 -36.88
C SER C 145 -34.72 5.30 -36.85
N SER C 146 -35.88 5.81 -37.28
CA SER C 146 -37.00 4.90 -37.47
C SER C 146 -36.94 4.67 -38.96
N ALA C 147 -36.33 3.55 -39.34
CA ALA C 147 -35.97 3.30 -40.73
C ALA C 147 -35.20 2.00 -40.79
N SER C 148 -35.16 1.42 -41.97
CA SER C 148 -34.93 0.01 -42.06
C SER C 148 -33.52 -0.30 -42.48
N THR C 149 -32.86 -1.12 -41.67
CA THR C 149 -31.56 -1.61 -42.05
C THR C 149 -31.78 -2.35 -43.36
N LYS C 150 -31.04 -1.91 -44.37
CA LYS C 150 -31.17 -2.42 -45.71
C LYS C 150 -29.80 -2.89 -46.16
N GLY C 151 -29.73 -4.07 -46.74
CA GLY C 151 -28.48 -4.60 -47.23
C GLY C 151 -28.22 -4.10 -48.64
N PRO C 152 -26.95 -3.99 -49.02
CA PRO C 152 -26.58 -3.40 -50.31
C PRO C 152 -26.67 -4.33 -51.53
N SER C 153 -27.09 -3.76 -52.66
CA SER C 153 -26.88 -4.39 -53.96
C SER C 153 -25.41 -4.16 -54.24
N VAL C 154 -24.72 -5.11 -54.83
CA VAL C 154 -23.29 -4.96 -55.03
C VAL C 154 -22.85 -5.35 -56.44
N PHE C 155 -22.37 -4.38 -57.20
CA PHE C 155 -22.04 -4.62 -58.60
C PHE C 155 -20.54 -4.51 -58.81
N PRO C 156 -19.98 -5.28 -59.76
CA PRO C 156 -18.56 -5.14 -60.12
C PRO C 156 -18.29 -3.91 -61.01
N LEU C 157 -17.20 -3.22 -60.73
CA LEU C 157 -16.76 -2.12 -61.57
C LEU C 157 -15.58 -2.61 -62.40
N ALA C 158 -15.83 -2.73 -63.70
CA ALA C 158 -14.88 -3.37 -64.61
C ALA C 158 -13.86 -2.41 -65.24
N PRO C 159 -12.60 -2.86 -65.34
CA PRO C 159 -11.54 -2.21 -66.13
C PRO C 159 -11.83 -2.29 -67.64
N SER C 160 -11.13 -1.47 -68.43
CA SER C 160 -11.40 -1.37 -69.88
C SER C 160 -11.14 -2.68 -70.62
N GLY C 167 -0.85 5.18 -66.50
CA GLY C 167 -0.88 4.33 -65.32
C GLY C 167 -0.72 2.86 -65.69
N THR C 168 -1.27 1.97 -64.84
CA THR C 168 -1.31 0.55 -65.18
C THR C 168 -2.75 0.05 -65.38
N ALA C 169 -3.47 -0.22 -64.29
CA ALA C 169 -4.90 -0.51 -64.38
C ALA C 169 -5.60 -0.31 -63.04
N ALA C 170 -6.90 -0.09 -63.08
CA ALA C 170 -7.67 0.04 -61.84
C ALA C 170 -9.10 -0.47 -61.96
N LEU C 171 -9.56 -1.17 -60.93
CA LEU C 171 -10.90 -1.78 -60.97
C LEU C 171 -11.64 -1.63 -59.62
N GLY C 172 -12.94 -1.83 -59.61
CA GLY C 172 -13.69 -1.44 -58.43
C GLY C 172 -14.90 -2.29 -58.03
N CYS C 173 -15.48 -1.94 -56.89
CA CYS C 173 -16.69 -2.55 -56.37
C CYS C 173 -17.65 -1.44 -56.02
N LEU C 174 -18.87 -1.50 -56.53
CA LEU C 174 -19.89 -0.55 -56.12
C LEU C 174 -20.93 -1.15 -55.15
N VAL C 175 -20.87 -0.70 -53.90
CA VAL C 175 -21.77 -1.09 -52.82
C VAL C 175 -22.90 -0.08 -52.77
N LYS C 176 -24.08 -0.47 -53.20
CA LYS C 176 -25.13 0.50 -53.47
C LYS C 176 -26.42 0.32 -52.66
N ASP C 177 -26.95 1.44 -52.20
CA ASP C 177 -28.18 1.55 -51.40
C ASP C 177 -28.26 0.66 -50.14
N TYR C 178 -27.53 1.07 -49.11
CA TYR C 178 -27.55 0.39 -47.83
C TYR C 178 -27.83 1.40 -46.69
N PHE C 179 -28.35 0.89 -45.57
CA PHE C 179 -28.56 1.66 -44.35
C PHE C 179 -28.32 0.66 -43.25
N PRO C 180 -27.87 1.10 -42.07
CA PRO C 180 -27.12 2.30 -41.67
C PRO C 180 -25.65 2.01 -41.98
N GLU C 181 -24.74 2.82 -41.47
CA GLU C 181 -23.35 2.76 -41.89
C GLU C 181 -22.37 1.93 -41.04
N PRO C 182 -21.89 0.75 -41.45
CA PRO C 182 -20.45 0.61 -41.57
C PRO C 182 -19.92 0.49 -43.02
N VAL C 183 -20.46 -0.53 -43.70
CA VAL C 183 -19.89 -1.11 -44.93
C VAL C 183 -18.38 -1.26 -45.05
N THR C 184 -17.79 -2.30 -44.48
CA THR C 184 -16.38 -2.56 -44.75
C THR C 184 -16.14 -3.43 -45.99
N VAL C 185 -15.05 -3.15 -46.72
CA VAL C 185 -14.68 -3.93 -47.90
C VAL C 185 -13.22 -4.45 -47.83
N SER C 186 -13.00 -5.66 -48.36
CA SER C 186 -11.68 -6.29 -48.43
C SER C 186 -11.48 -7.02 -49.77
N TRP C 187 -10.27 -6.97 -50.33
CA TRP C 187 -10.02 -7.57 -51.65
C TRP C 187 -9.34 -8.92 -51.63
N ASN C 188 -9.94 -9.86 -52.35
CA ASN C 188 -9.57 -11.26 -52.25
C ASN C 188 -9.39 -11.67 -50.78
N SER C 189 -10.50 -11.63 -50.05
CA SER C 189 -10.59 -12.10 -48.65
C SER C 189 -9.48 -11.60 -47.72
N GLY C 190 -9.06 -10.36 -47.92
CA GLY C 190 -8.04 -9.75 -47.07
C GLY C 190 -6.63 -9.88 -47.63
N ALA C 191 -6.47 -10.68 -48.68
CA ALA C 191 -5.16 -10.97 -49.25
C ALA C 191 -4.42 -9.74 -49.79
N LEU C 192 -5.07 -8.97 -50.65
CA LEU C 192 -4.40 -7.84 -51.29
C LEU C 192 -4.75 -6.51 -50.64
N THR C 193 -3.79 -5.96 -49.90
CA THR C 193 -3.91 -4.63 -49.29
C THR C 193 -3.18 -3.52 -50.07
N SER C 194 -2.48 -3.90 -51.13
CA SER C 194 -1.69 -2.92 -51.88
C SER C 194 -2.53 -2.11 -52.86
N GLY C 195 -2.41 -0.78 -52.77
CA GLY C 195 -3.07 0.13 -53.69
C GLY C 195 -4.60 0.11 -53.65
N VAL C 196 -5.16 -0.10 -52.48
CA VAL C 196 -6.61 -0.21 -52.36
C VAL C 196 -7.21 0.92 -51.51
N HIS C 197 -8.26 1.52 -52.05
CA HIS C 197 -8.85 2.70 -51.45
C HIS C 197 -10.39 2.53 -51.36
N THR C 198 -10.90 2.47 -50.14
CA THR C 198 -12.34 2.47 -49.97
C THR C 198 -12.78 3.91 -49.72
N PHE C 199 -13.70 4.39 -50.52
CA PHE C 199 -14.08 5.77 -50.39
C PHE C 199 -15.17 5.89 -49.37
N PRO C 200 -15.29 7.06 -48.76
CA PRO C 200 -16.49 7.39 -47.98
C PRO C 200 -17.77 7.23 -48.76
N ALA C 201 -18.85 7.17 -48.02
CA ALA C 201 -20.14 6.96 -48.58
C ALA C 201 -20.81 8.26 -48.86
N VAL C 202 -22.00 8.17 -49.44
CA VAL C 202 -22.82 9.31 -49.76
C VAL C 202 -24.23 8.97 -49.47
N LEU C 203 -24.97 9.89 -48.89
CA LEU C 203 -26.39 9.69 -48.82
C LEU C 203 -27.07 10.46 -49.91
N GLN C 204 -27.91 9.77 -50.68
CA GLN C 204 -28.83 10.46 -51.54
C GLN C 204 -29.93 11.04 -50.66
N SER C 205 -30.67 12.01 -51.19
CA SER C 205 -31.80 12.60 -50.46
C SER C 205 -32.88 11.56 -50.23
N SER C 206 -32.82 10.48 -51.02
CA SER C 206 -33.60 9.28 -50.79
C SER C 206 -33.35 8.73 -49.39
N GLY C 207 -32.13 8.88 -48.88
CA GLY C 207 -31.83 8.50 -47.52
C GLY C 207 -30.92 7.31 -47.32
N LEU C 208 -30.60 6.58 -48.37
CA LEU C 208 -29.69 5.44 -48.26
C LEU C 208 -28.23 5.83 -48.52
N TYR C 209 -27.32 4.86 -48.46
CA TYR C 209 -25.90 5.14 -48.52
C TYR C 209 -25.32 4.37 -49.66
N SER C 210 -24.34 4.96 -50.34
CA SER C 210 -23.65 4.28 -51.43
C SER C 210 -22.16 4.56 -51.29
N LEU C 211 -21.34 3.62 -51.72
CA LEU C 211 -19.94 3.64 -51.42
C LEU C 211 -19.20 2.85 -52.47
N SER C 212 -17.92 3.14 -52.68
CA SER C 212 -17.16 2.42 -53.69
C SER C 212 -15.80 2.05 -53.15
N SER C 213 -15.22 0.97 -53.67
CA SER C 213 -13.85 0.63 -53.31
C SER C 213 -13.04 0.25 -54.54
N VAL C 214 -11.89 0.91 -54.74
CA VAL C 214 -11.05 0.59 -55.89
C VAL C 214 -9.73 -0.04 -55.52
N VAL C 215 -9.23 -0.88 -56.40
CA VAL C 215 -7.91 -1.42 -56.25
C VAL C 215 -7.13 -1.00 -57.49
N THR C 216 -5.83 -0.75 -57.30
CA THR C 216 -4.95 -0.41 -58.41
C THR C 216 -3.93 -1.53 -58.64
N VAL C 217 -3.99 -2.13 -59.83
CA VAL C 217 -3.19 -3.29 -60.15
C VAL C 217 -2.56 -3.10 -61.53
N PRO C 218 -1.32 -3.59 -61.70
CA PRO C 218 -0.70 -3.64 -63.03
C PRO C 218 -1.47 -4.59 -63.97
N SER C 219 -1.53 -4.23 -65.25
CA SER C 219 -2.21 -5.06 -66.25
C SER C 219 -1.29 -6.15 -66.78
N SER C 220 -0.09 -6.21 -66.22
CA SER C 220 0.80 -7.33 -66.44
C SER C 220 0.28 -8.52 -65.63
N SER C 221 -0.51 -8.22 -64.61
CA SER C 221 -1.13 -9.23 -63.76
C SER C 221 -2.57 -9.57 -64.17
N LEU C 222 -3.05 -8.98 -65.26
CA LEU C 222 -4.44 -9.16 -65.66
C LEU C 222 -4.81 -10.62 -65.90
N GLY C 223 -3.93 -11.36 -66.58
CA GLY C 223 -4.27 -12.66 -67.09
C GLY C 223 -3.90 -13.86 -66.22
N THR C 224 -3.24 -13.62 -65.09
CA THR C 224 -2.92 -14.74 -64.20
C THR C 224 -3.79 -14.97 -62.95
N GLN C 225 -4.74 -14.08 -62.66
CA GLN C 225 -5.74 -14.37 -61.62
C GLN C 225 -7.02 -13.52 -61.71
N THR C 226 -8.10 -14.08 -61.16
CA THR C 226 -9.33 -13.33 -60.90
C THR C 226 -9.24 -12.60 -59.57
N TYR C 227 -9.97 -11.49 -59.44
CA TYR C 227 -10.00 -10.72 -58.21
C TYR C 227 -11.42 -10.64 -57.64
N ILE C 228 -11.55 -10.74 -56.32
CA ILE C 228 -12.87 -10.74 -55.70
C ILE C 228 -13.05 -9.68 -54.60
N CYS C 229 -14.16 -8.97 -54.68
CA CYS C 229 -14.48 -7.93 -53.72
C CYS C 229 -15.41 -8.43 -52.61
N ASN C 230 -14.93 -8.41 -51.37
CA ASN C 230 -15.73 -8.85 -50.22
C ASN C 230 -16.29 -7.68 -49.44
N VAL C 231 -17.60 -7.49 -49.54
CA VAL C 231 -18.25 -6.42 -48.82
C VAL C 231 -19.04 -7.06 -47.69
N ASN C 232 -18.95 -6.49 -46.49
CA ASN C 232 -19.78 -6.97 -45.39
C ASN C 232 -20.50 -5.86 -44.66
N HIS C 233 -21.81 -5.79 -44.84
CA HIS C 233 -22.61 -4.82 -44.14
C HIS C 233 -23.02 -5.56 -42.88
N LYS C 234 -22.50 -5.13 -41.74
CA LYS C 234 -22.78 -5.82 -40.51
C LYS C 234 -24.28 -5.82 -40.13
N PRO C 235 -24.92 -4.64 -40.03
CA PRO C 235 -26.23 -4.89 -39.43
C PRO C 235 -27.35 -5.21 -40.42
N SER C 236 -27.00 -5.82 -41.54
CA SER C 236 -27.91 -6.55 -42.41
C SER C 236 -27.53 -8.03 -42.38
N ASN C 237 -26.44 -8.33 -41.66
CA ASN C 237 -25.75 -9.62 -41.76
C ASN C 237 -25.52 -10.10 -43.20
N THR C 238 -25.14 -9.16 -44.08
CA THR C 238 -24.83 -9.43 -45.49
C THR C 238 -23.34 -9.63 -45.67
N LYS C 239 -22.90 -10.78 -46.18
CA LYS C 239 -21.51 -10.91 -46.63
C LYS C 239 -21.12 -11.05 -48.13
N VAL C 240 -22.08 -11.16 -49.03
CA VAL C 240 -21.85 -11.75 -50.38
C VAL C 240 -20.71 -11.13 -51.24
N ASP C 241 -20.04 -11.99 -52.02
CA ASP C 241 -18.92 -11.58 -52.89
C ASP C 241 -19.30 -11.48 -54.36
N LYS C 242 -18.65 -10.54 -55.06
CA LYS C 242 -18.71 -10.47 -56.52
C LYS C 242 -17.31 -10.53 -57.14
N LYS C 243 -17.24 -10.99 -58.39
CA LYS C 243 -15.96 -11.15 -59.10
C LYS C 243 -15.82 -10.04 -60.15
N VAL C 244 -14.60 -9.63 -60.44
CA VAL C 244 -14.38 -8.53 -61.36
C VAL C 244 -13.93 -8.96 -62.77
N GLU C 245 -14.83 -8.82 -63.74
CA GLU C 245 -14.59 -9.35 -65.06
C GLU C 245 -14.09 -8.30 -66.05
N PRO C 246 -12.98 -8.62 -66.74
CA PRO C 246 -12.46 -7.92 -67.91
C PRO C 246 -13.42 -8.11 -69.09
N LYS C 247 -14.36 -7.19 -69.25
CA LYS C 247 -15.61 -7.39 -69.98
C LYS C 247 -15.40 -7.59 -71.50
N SER C 248 -16.48 -7.52 -72.28
CA SER C 248 -16.67 -8.32 -73.49
C SER C 248 -15.49 -8.43 -74.45
N CYS C 249 -15.21 -9.68 -74.84
CA CYS C 249 -14.04 -10.08 -75.63
C CYS C 249 -12.74 -9.97 -74.83
N ALA D 19 -24.17 21.49 -24.10
CA ALA D 19 -24.26 22.35 -25.29
C ALA D 19 -22.89 22.48 -25.92
N GLN D 20 -21.87 22.37 -25.07
CA GLN D 20 -20.48 22.45 -25.52
C GLN D 20 -19.71 21.89 -24.34
N SER D 21 -18.41 21.76 -24.50
CA SER D 21 -17.58 21.12 -23.50
C SER D 21 -17.45 21.97 -22.26
N VAL D 22 -17.08 21.30 -21.16
CA VAL D 22 -16.89 21.93 -19.88
C VAL D 22 -15.56 22.70 -19.87
N LEU D 23 -14.60 22.18 -20.60
CA LEU D 23 -13.29 22.80 -20.78
C LEU D 23 -13.25 23.47 -22.13
N THR D 24 -12.52 24.58 -22.24
CA THR D 24 -12.51 25.34 -23.47
C THR D 24 -11.14 25.33 -24.18
N GLN D 25 -11.15 24.96 -25.46
CA GLN D 25 -9.99 25.10 -26.30
C GLN D 25 -10.38 25.86 -27.55
N PRO D 26 -9.43 26.58 -28.15
CA PRO D 26 -9.78 27.21 -29.43
C PRO D 26 -10.11 26.13 -30.46
N PRO D 27 -11.09 26.40 -31.34
CA PRO D 27 -11.51 25.42 -32.36
C PRO D 27 -10.44 25.03 -33.35
N SER D 28 -9.56 25.97 -33.72
CA SER D 28 -8.55 25.72 -34.76
C SER D 28 -7.20 26.29 -34.42
N ALA D 29 -6.16 25.70 -35.01
CA ALA D 29 -4.79 26.13 -34.80
C ALA D 29 -3.95 25.84 -36.04
N SER D 30 -2.93 26.65 -36.26
CA SER D 30 -2.24 26.65 -37.54
C SER D 30 -0.76 26.71 -37.31
N GLY D 31 0.00 26.00 -38.13
CA GLY D 31 1.44 26.07 -37.99
C GLY D 31 2.08 25.93 -39.35
N THR D 32 3.35 26.30 -39.49
CA THR D 32 4.02 26.07 -40.76
C THR D 32 5.11 25.09 -40.42
N PRO D 33 5.39 24.14 -41.32
CA PRO D 33 6.23 22.99 -40.98
C PRO D 33 7.54 23.41 -40.33
N GLY D 34 7.88 22.78 -39.20
CA GLY D 34 9.08 23.15 -38.46
C GLY D 34 8.87 24.22 -37.39
N GLN D 35 7.77 24.97 -37.44
CA GLN D 35 7.46 25.95 -36.40
C GLN D 35 7.07 25.31 -35.07
N ARG D 36 6.69 26.12 -34.10
CA ARG D 36 6.22 25.59 -32.83
C ARG D 36 4.86 26.16 -32.53
N VAL D 37 3.88 25.28 -32.54
CA VAL D 37 2.50 25.68 -32.33
C VAL D 37 2.09 25.25 -30.93
N THR D 38 1.20 26.01 -30.32
CA THR D 38 0.67 25.66 -29.02
C THR D 38 -0.87 25.77 -28.98
N ILE D 39 -1.47 24.91 -28.17
CA ILE D 39 -2.92 24.85 -28.00
C ILE D 39 -3.21 25.01 -26.53
N SER D 40 -4.25 25.77 -26.20
CA SER D 40 -4.56 26.09 -24.82
C SER D 40 -5.85 25.43 -24.41
N CYS D 41 -5.95 25.22 -23.11
CA CYS D 41 -7.07 24.55 -22.49
C CYS D 41 -7.47 25.28 -21.20
N SER D 42 -8.66 25.86 -21.15
CA SER D 42 -9.01 26.60 -19.96
C SER D 42 -10.19 25.97 -19.15
N GLY D 43 -9.94 25.71 -17.86
CA GLY D 43 -10.89 25.14 -16.93
C GLY D 43 -11.36 26.01 -15.77
N SER D 44 -11.68 25.33 -14.68
CA SER D 44 -11.87 25.95 -13.36
C SER D 44 -10.95 25.25 -12.36
N SER D 45 -11.10 25.52 -11.07
CA SER D 45 -10.24 24.84 -10.09
C SER D 45 -10.70 23.42 -9.72
N SER D 46 -11.99 23.15 -9.86
CA SER D 46 -12.49 21.81 -9.55
C SER D 46 -11.94 20.77 -10.52
N ASN D 47 -11.47 21.22 -11.68
CA ASN D 47 -10.89 20.29 -12.63
C ASN D 47 -9.42 20.52 -12.91
N ILE D 48 -9.09 21.51 -13.74
CA ILE D 48 -7.69 21.78 -14.10
C ILE D 48 -6.81 22.28 -12.94
N GLY D 49 -7.43 23.04 -12.02
CA GLY D 49 -6.72 23.55 -10.86
C GLY D 49 -6.22 22.44 -9.95
N ASN D 50 -7.15 21.63 -9.51
CA ASN D 50 -6.91 20.57 -8.54
C ASN D 50 -6.36 19.28 -9.13
N ASN D 51 -6.53 19.07 -10.43
CA ASN D 51 -6.16 17.78 -11.05
C ASN D 51 -5.26 17.85 -12.29
N GLY D 52 -4.67 16.72 -12.67
CA GLY D 52 -3.77 16.67 -13.82
C GLY D 52 -4.50 16.66 -15.14
N VAL D 53 -3.87 17.16 -16.19
CA VAL D 53 -4.53 17.35 -17.48
C VAL D 53 -4.01 16.39 -18.52
N ASN D 54 -4.88 15.71 -19.26
CA ASN D 54 -4.39 14.87 -20.34
C ASN D 54 -4.65 15.42 -21.75
N TRP D 55 -3.73 15.10 -22.64
CA TRP D 55 -3.88 15.42 -24.04
C TRP D 55 -3.94 14.16 -24.90
N TYR D 56 -4.91 14.15 -25.80
CA TYR D 56 -5.12 13.08 -26.76
C TYR D 56 -5.11 13.62 -28.16
N GLN D 57 -4.66 12.80 -29.11
CA GLN D 57 -4.60 13.19 -30.50
C GLN D 57 -5.45 12.25 -31.35
N GLN D 58 -6.21 12.83 -32.27
CA GLN D 58 -7.15 12.08 -33.05
C GLN D 58 -7.07 12.31 -34.56
N VAL D 59 -6.64 11.27 -35.26
CA VAL D 59 -6.63 11.24 -36.71
C VAL D 59 -7.97 10.54 -37.11
N PRO D 60 -8.94 11.32 -37.64
CA PRO D 60 -10.34 10.86 -37.74
C PRO D 60 -10.60 9.45 -38.33
N GLY D 61 -11.64 8.80 -37.81
CA GLY D 61 -11.94 7.42 -38.14
C GLY D 61 -11.16 6.42 -37.29
N LYS D 62 -10.17 6.93 -36.57
CA LYS D 62 -9.39 6.12 -35.64
C LYS D 62 -9.68 6.68 -34.28
N PRO D 63 -9.45 5.86 -33.24
CA PRO D 63 -9.72 6.24 -31.85
C PRO D 63 -8.64 7.14 -31.27
N PRO D 64 -8.99 8.02 -30.32
CA PRO D 64 -8.03 8.94 -29.70
C PRO D 64 -6.86 8.20 -29.13
N LYS D 65 -5.74 8.89 -29.01
CA LYS D 65 -4.47 8.32 -28.64
C LYS D 65 -3.82 9.23 -27.63
N LEU D 66 -3.41 8.69 -26.51
CA LEU D 66 -2.89 9.50 -25.42
C LEU D 66 -1.50 10.03 -25.72
N LEU D 67 -1.33 11.31 -25.44
CA LEU D 67 -0.15 12.06 -25.80
C LEU D 67 0.53 12.55 -24.57
N ILE D 68 -0.18 13.34 -23.78
CA ILE D 68 0.43 13.89 -22.56
C ILE D 68 -0.41 13.47 -21.39
N TYR D 69 0.21 12.94 -20.33
CA TYR D 69 -0.57 12.63 -19.13
C TYR D 69 -0.06 13.37 -17.92
N TYR D 70 -0.90 13.45 -16.90
CA TYR D 70 -0.74 14.36 -15.76
C TYR D 70 -0.37 15.66 -16.41
N ASP D 71 0.51 16.49 -15.88
CA ASP D 71 0.50 17.77 -16.60
C ASP D 71 1.48 17.83 -17.79
N ASP D 72 2.68 17.37 -17.50
CA ASP D 72 3.84 17.29 -18.37
C ASP D 72 4.38 15.92 -18.81
N LEU D 73 3.72 14.83 -18.49
CA LEU D 73 4.38 13.53 -18.72
C LEU D 73 4.05 12.91 -20.08
N LEU D 74 5.07 12.49 -20.81
CA LEU D 74 4.77 11.73 -22.03
C LEU D 74 4.95 10.22 -21.89
N PRO D 75 3.92 9.46 -22.29
CA PRO D 75 3.93 8.00 -22.25
C PRO D 75 4.91 7.40 -23.25
N SER D 76 5.27 6.14 -23.03
CA SER D 76 6.14 5.42 -23.95
C SER D 76 5.70 5.54 -25.40
N GLY D 77 6.67 5.73 -26.28
CA GLY D 77 6.40 5.74 -27.70
C GLY D 77 5.78 7.03 -28.16
N VAL D 78 6.04 8.10 -27.41
CA VAL D 78 5.61 9.41 -27.86
C VAL D 78 6.81 10.32 -28.14
N SER D 79 6.83 10.89 -29.36
CA SER D 79 7.86 11.80 -29.80
C SER D 79 8.05 12.98 -28.84
N ASP D 80 9.31 13.30 -28.56
CA ASP D 80 9.58 14.38 -27.63
C ASP D 80 9.27 15.79 -28.18
N ARG D 81 8.87 15.88 -29.45
CA ARG D 81 8.44 17.15 -29.99
C ARG D 81 7.21 17.69 -29.26
N PHE D 82 6.50 16.77 -28.58
CA PHE D 82 5.26 17.02 -27.81
C PHE D 82 5.52 17.35 -26.35
N SER D 83 5.04 18.51 -25.93
CA SER D 83 5.37 19.07 -24.62
C SER D 83 4.09 19.53 -23.95
N GLY D 84 4.01 19.53 -22.63
CA GLY D 84 2.87 20.17 -22.05
C GLY D 84 3.07 20.83 -20.72
N SER D 85 2.20 21.81 -20.43
CA SER D 85 2.33 22.64 -19.25
C SER D 85 0.99 23.01 -18.64
N LYS D 86 0.99 23.28 -17.36
CA LYS D 86 -0.23 23.69 -16.67
C LYS D 86 0.13 24.75 -15.67
N SER D 87 -0.61 25.85 -15.67
CA SER D 87 -0.47 26.83 -14.61
C SER D 87 -1.86 27.32 -14.18
N GLY D 88 -2.07 27.24 -12.88
CA GLY D 88 -3.37 27.60 -12.34
C GLY D 88 -4.50 26.81 -12.97
N THR D 89 -5.43 27.56 -13.54
CA THR D 89 -6.66 27.00 -14.05
C THR D 89 -6.59 26.70 -15.55
N SER D 90 -5.41 26.80 -16.15
CA SER D 90 -5.30 26.44 -17.57
C SER D 90 -4.02 25.73 -17.98
N ALA D 91 -4.06 25.09 -19.15
CA ALA D 91 -2.94 24.27 -19.56
C ALA D 91 -2.66 24.43 -21.05
N SER D 92 -1.44 24.12 -21.48
CA SER D 92 -1.06 24.25 -22.88
C SER D 92 -0.31 23.02 -23.39
N LEU D 93 -0.63 22.65 -24.62
CA LEU D 93 0.08 21.62 -25.33
C LEU D 93 0.97 22.24 -26.40
N ALA D 94 2.25 21.93 -26.37
CA ALA D 94 3.18 22.49 -27.32
C ALA D 94 3.70 21.45 -28.28
N ILE D 95 3.32 21.57 -29.53
CA ILE D 95 3.91 20.72 -30.53
C ILE D 95 5.01 21.53 -31.22
N SER D 96 6.23 21.04 -31.05
CA SER D 96 7.43 21.78 -31.42
C SER D 96 8.15 21.09 -32.56
N GLY D 97 8.46 21.84 -33.60
CA GLY D 97 9.00 21.25 -34.81
C GLY D 97 7.99 20.44 -35.60
N LEU D 98 6.91 21.12 -36.01
CA LEU D 98 5.75 20.49 -36.66
C LEU D 98 6.11 19.61 -37.82
N GLN D 99 5.31 18.58 -38.06
CA GLN D 99 5.44 17.82 -39.29
C GLN D 99 4.08 17.71 -39.97
N SER D 100 4.02 16.96 -41.05
CA SER D 100 2.76 16.85 -41.79
C SER D 100 1.82 15.87 -41.10
N GLU D 101 2.40 14.79 -40.57
CA GLU D 101 1.64 13.78 -39.84
C GLU D 101 0.98 14.30 -38.54
N ASP D 102 1.26 15.54 -38.18
CA ASP D 102 0.64 16.15 -37.02
C ASP D 102 -0.74 16.73 -37.24
N GLU D 103 -1.27 16.71 -38.46
CA GLU D 103 -2.61 17.26 -38.70
C GLU D 103 -3.58 16.32 -38.00
N ALA D 104 -4.34 16.86 -37.05
CA ALA D 104 -5.20 16.06 -36.19
C ALA D 104 -6.17 16.92 -35.38
N ASP D 105 -7.01 16.26 -34.61
CA ASP D 105 -7.79 16.96 -33.61
C ASP D 105 -7.15 16.71 -32.29
N TYR D 106 -7.00 17.73 -31.48
CA TYR D 106 -6.29 17.61 -30.21
C TYR D 106 -7.26 17.93 -29.08
N TYR D 107 -7.36 16.98 -28.15
CA TYR D 107 -8.32 17.06 -27.07
C TYR D 107 -7.67 17.09 -25.70
N CYS D 108 -8.12 17.99 -24.84
CA CYS D 108 -7.69 17.91 -23.45
C CYS D 108 -8.82 17.41 -22.54
N GLU D 109 -8.44 16.73 -21.47
CA GLU D 109 -9.41 16.34 -20.47
C GLU D 109 -8.81 16.33 -19.07
N ALA D 110 -9.64 16.57 -18.08
CA ALA D 110 -9.19 16.38 -16.69
C ALA D 110 -10.23 15.65 -15.88
N TRP D 111 -9.84 15.23 -14.69
CA TRP D 111 -10.84 14.68 -13.78
C TRP D 111 -11.48 15.81 -12.99
N ASP D 112 -12.79 15.77 -12.82
CA ASP D 112 -13.49 16.82 -12.10
C ASP D 112 -14.02 16.33 -10.78
N ASP D 113 -13.61 16.98 -9.70
CA ASP D 113 -13.99 16.57 -8.35
C ASP D 113 -15.23 17.27 -7.81
N SER D 114 -15.87 18.13 -8.59
CA SER D 114 -17.23 18.54 -8.22
C SER D 114 -18.28 17.70 -8.93
N LEU D 115 -17.88 17.11 -10.05
CA LEU D 115 -18.82 16.35 -10.85
C LEU D 115 -18.66 14.89 -10.59
N ASP D 116 -17.56 14.55 -9.93
CA ASP D 116 -17.03 13.20 -9.91
C ASP D 116 -17.15 12.68 -11.32
N GLY D 117 -16.33 13.20 -12.22
CA GLY D 117 -16.45 12.79 -13.61
C GLY D 117 -15.32 13.24 -14.50
N VAL D 118 -15.06 12.55 -15.58
CA VAL D 118 -14.03 13.03 -16.48
C VAL D 118 -14.65 14.11 -17.35
N VAL D 119 -13.93 15.20 -17.53
CA VAL D 119 -14.42 16.36 -18.28
C VAL D 119 -13.51 16.65 -19.49
N PHE D 120 -14.08 16.99 -20.64
CA PHE D 120 -13.32 17.13 -21.90
C PHE D 120 -13.35 18.50 -22.52
N GLY D 121 -12.33 18.78 -23.33
CA GLY D 121 -12.25 20.00 -24.14
C GLY D 121 -12.94 19.83 -25.48
N GLY D 122 -13.36 20.93 -26.08
CA GLY D 122 -14.19 20.82 -27.26
C GLY D 122 -13.46 20.42 -28.51
N GLY D 123 -12.13 20.33 -28.42
CA GLY D 123 -11.27 20.02 -29.52
C GLY D 123 -10.63 21.19 -30.29
N THR D 124 -9.44 20.94 -30.79
CA THR D 124 -8.76 21.90 -31.62
C THR D 124 -8.28 21.20 -32.87
N LYS D 125 -8.77 21.63 -34.03
CA LYS D 125 -8.25 21.07 -35.27
C LYS D 125 -6.99 21.84 -35.68
N LEU D 126 -5.88 21.12 -35.76
CA LEU D 126 -4.62 21.70 -36.16
C LEU D 126 -4.38 21.43 -37.63
N THR D 127 -4.12 22.52 -38.35
CA THR D 127 -3.79 22.48 -39.78
C THR D 127 -2.32 22.85 -39.96
N VAL D 128 -1.63 22.08 -40.81
CA VAL D 128 -0.25 22.39 -41.13
C VAL D 128 -0.21 23.08 -42.49
N LEU D 129 -0.01 24.39 -42.44
CA LEU D 129 -0.11 25.27 -43.59
C LEU D 129 1.08 25.17 -44.52
N GLY D 130 0.90 25.62 -45.75
CA GLY D 130 1.97 25.65 -46.71
C GLY D 130 2.40 24.27 -47.18
N GLN D 131 1.42 23.40 -47.39
CA GLN D 131 1.68 22.13 -48.08
C GLN D 131 1.57 22.39 -49.58
N PRO D 132 2.27 21.58 -50.39
CA PRO D 132 2.24 21.76 -51.84
C PRO D 132 0.83 21.59 -52.41
N LYS D 133 0.48 22.36 -53.43
CA LYS D 133 -0.82 22.17 -54.08
C LYS D 133 -0.82 20.94 -54.97
N ALA D 134 -1.75 20.01 -54.72
CA ALA D 134 -1.82 18.74 -55.44
C ALA D 134 -3.14 18.58 -56.18
N ALA D 135 -3.10 18.26 -57.48
CA ALA D 135 -4.33 18.15 -58.26
C ALA D 135 -4.87 16.73 -58.21
N PRO D 136 -6.22 16.59 -58.25
CA PRO D 136 -6.93 15.32 -58.12
C PRO D 136 -6.63 14.32 -59.23
N SER D 137 -6.68 13.04 -58.91
CA SER D 137 -6.69 12.01 -59.93
C SER D 137 -8.09 11.41 -60.01
N VAL D 138 -8.82 11.75 -61.07
CA VAL D 138 -10.17 11.32 -61.28
C VAL D 138 -10.22 10.02 -62.06
N THR D 139 -10.93 9.03 -61.53
CA THR D 139 -11.21 7.84 -62.31
C THR D 139 -12.73 7.63 -62.36
N LEU D 140 -13.25 7.37 -63.55
CA LEU D 140 -14.70 7.33 -63.75
C LEU D 140 -15.16 6.00 -64.33
N PHE D 141 -16.18 5.41 -63.71
CA PHE D 141 -16.68 4.11 -64.14
C PHE D 141 -18.13 4.18 -64.64
N PRO D 142 -18.39 3.43 -65.74
CA PRO D 142 -19.64 3.17 -66.47
C PRO D 142 -20.47 2.09 -65.79
N PRO D 143 -21.80 2.15 -65.98
CA PRO D 143 -22.74 1.16 -65.43
C PRO D 143 -22.41 -0.27 -65.83
N SER D 144 -22.41 -1.15 -64.83
CA SER D 144 -21.92 -2.52 -64.90
C SER D 144 -22.71 -3.46 -65.80
N SER D 145 -22.13 -4.62 -66.12
CA SER D 145 -22.83 -5.67 -66.87
C SER D 145 -24.20 -5.93 -66.28
N GLU D 146 -24.26 -5.95 -64.96
CA GLU D 146 -25.52 -6.02 -64.21
C GLU D 146 -26.12 -4.63 -64.13
N GLU D 147 -27.11 -4.48 -63.25
CA GLU D 147 -27.63 -3.18 -62.87
C GLU D 147 -28.45 -2.51 -63.97
N LEU D 148 -28.26 -2.94 -65.22
CA LEU D 148 -29.13 -2.50 -66.31
C LEU D 148 -30.42 -3.34 -66.38
N GLN D 149 -30.27 -4.65 -66.21
CA GLN D 149 -31.39 -5.40 -65.66
C GLN D 149 -31.34 -4.99 -64.19
N ALA D 150 -32.51 -4.69 -63.64
CA ALA D 150 -32.71 -3.83 -62.46
C ALA D 150 -32.88 -2.38 -62.92
N ASN D 151 -32.73 -2.16 -64.22
CA ASN D 151 -33.34 -1.01 -64.89
C ASN D 151 -33.01 0.37 -64.29
N LYS D 152 -31.83 0.50 -63.67
CA LYS D 152 -31.34 1.80 -63.21
C LYS D 152 -29.83 1.90 -63.39
N ALA D 153 -29.36 2.98 -63.99
CA ALA D 153 -27.95 3.06 -64.40
C ALA D 153 -27.24 4.13 -63.60
N THR D 154 -26.18 3.76 -62.90
CA THR D 154 -25.47 4.74 -62.07
C THR D 154 -24.02 4.97 -62.49
N LEU D 155 -23.66 6.24 -62.61
CA LEU D 155 -22.31 6.65 -62.97
C LEU D 155 -21.47 7.02 -61.76
N VAL D 156 -20.25 6.47 -61.70
CA VAL D 156 -19.41 6.70 -60.53
C VAL D 156 -18.09 7.43 -60.78
N CYS D 157 -17.97 8.62 -60.21
CA CYS D 157 -16.73 9.38 -60.31
C CYS D 157 -15.94 9.39 -58.99
N LEU D 158 -14.79 8.73 -58.99
CA LEU D 158 -13.91 8.70 -57.82
C LEU D 158 -12.73 9.70 -57.95
N ILE D 159 -12.63 10.61 -56.99
CA ILE D 159 -11.65 11.71 -57.04
C ILE D 159 -10.57 11.50 -55.98
N SER D 160 -9.32 11.34 -56.40
CA SER D 160 -8.34 10.75 -55.48
C SER D 160 -7.44 11.64 -54.59
N ASP D 161 -6.37 12.26 -55.05
CA ASP D 161 -5.54 12.96 -54.03
C ASP D 161 -5.33 14.43 -54.27
N PHE D 162 -6.01 15.29 -53.53
CA PHE D 162 -6.02 16.67 -53.92
C PHE D 162 -5.96 17.60 -52.73
N TYR D 163 -5.10 18.58 -52.74
CA TYR D 163 -5.16 19.50 -51.63
C TYR D 163 -4.95 20.95 -51.98
N PRO D 164 -5.94 21.80 -51.68
CA PRO D 164 -6.37 22.41 -50.43
C PRO D 164 -7.42 21.44 -49.90
N GLY D 165 -8.09 20.77 -50.84
CA GLY D 165 -9.24 19.99 -50.46
C GLY D 165 -10.66 20.52 -50.65
N ALA D 166 -10.85 21.45 -51.59
CA ALA D 166 -12.20 21.74 -52.05
C ALA D 166 -12.30 21.45 -53.53
N VAL D 167 -13.40 20.83 -53.93
CA VAL D 167 -13.60 20.47 -55.31
C VAL D 167 -15.04 20.77 -55.65
N THR D 168 -15.31 21.02 -56.92
CA THR D 168 -16.69 21.19 -57.36
C THR D 168 -16.90 20.28 -58.57
N VAL D 169 -18.01 19.57 -58.62
CA VAL D 169 -18.24 18.64 -59.72
C VAL D 169 -19.48 19.02 -60.52
N ALA D 170 -19.31 19.06 -61.83
CA ALA D 170 -20.43 19.12 -62.75
C ALA D 170 -20.40 17.86 -63.62
N TRP D 171 -21.58 17.37 -63.99
CA TRP D 171 -21.68 16.22 -64.87
C TRP D 171 -22.11 16.67 -66.26
N LYS D 172 -21.64 15.98 -67.29
CA LYS D 172 -21.97 16.35 -68.65
C LYS D 172 -22.62 15.21 -69.39
N ALA D 173 -23.84 15.47 -69.88
CA ALA D 173 -24.49 14.60 -70.85
C ALA D 173 -24.19 15.14 -72.25
N ASP D 174 -23.36 14.42 -73.00
CA ASP D 174 -22.77 14.94 -74.24
C ASP D 174 -22.04 16.25 -74.00
N SER D 175 -22.52 17.30 -74.67
CA SER D 175 -22.02 18.66 -74.49
C SER D 175 -22.86 19.48 -73.51
N SER D 176 -23.84 18.85 -72.88
CA SER D 176 -24.77 19.58 -72.01
C SER D 176 -24.64 19.20 -70.53
N PRO D 177 -24.99 20.13 -69.63
CA PRO D 177 -24.92 19.84 -68.19
C PRO D 177 -26.07 18.96 -67.67
N VAL D 178 -25.78 18.08 -66.70
CA VAL D 178 -26.82 17.29 -66.05
C VAL D 178 -27.24 17.96 -64.74
N LYS D 179 -28.55 18.13 -64.58
CA LYS D 179 -29.10 18.92 -63.48
C LYS D 179 -29.39 18.11 -62.20
N ALA D 180 -30.31 17.15 -62.30
CA ALA D 180 -30.61 16.29 -61.16
C ALA D 180 -30.18 14.85 -61.40
N GLY D 181 -30.36 14.02 -60.37
CA GLY D 181 -29.87 12.65 -60.40
C GLY D 181 -28.44 12.58 -59.90
N VAL D 182 -27.96 13.71 -59.38
CA VAL D 182 -26.59 13.81 -58.96
C VAL D 182 -26.46 14.10 -57.46
N GLU D 183 -25.57 13.35 -56.81
CA GLU D 183 -25.34 13.57 -55.39
C GLU D 183 -23.86 13.37 -55.12
N THR D 184 -23.29 14.24 -54.28
CA THR D 184 -21.84 14.31 -54.09
C THR D 184 -21.33 14.34 -52.63
N THR D 185 -20.30 13.54 -52.37
CA THR D 185 -19.50 13.54 -51.16
C THR D 185 -19.02 14.93 -50.80
N THR D 186 -19.04 15.26 -49.51
CA THR D 186 -18.26 16.36 -49.00
C THR D 186 -16.90 15.76 -48.62
N PRO D 187 -15.79 16.37 -49.11
CA PRO D 187 -14.45 15.71 -49.16
C PRO D 187 -13.87 15.24 -47.81
N SER D 188 -13.05 14.20 -47.86
CA SER D 188 -12.57 13.49 -46.67
C SER D 188 -11.08 13.25 -46.67
N LYS D 189 -10.43 13.57 -45.56
CA LYS D 189 -8.99 13.48 -45.45
C LYS D 189 -8.48 12.03 -45.25
N GLN D 190 -7.35 11.70 -45.87
CA GLN D 190 -6.80 10.34 -45.89
C GLN D 190 -5.52 10.22 -45.08
N SER D 191 -4.94 9.02 -45.08
CA SER D 191 -3.76 8.71 -44.28
C SER D 191 -2.48 9.36 -44.81
N ASN D 192 -2.53 9.91 -46.02
CA ASN D 192 -1.47 10.79 -46.48
C ASN D 192 -1.82 12.27 -46.35
N ASN D 193 -2.95 12.55 -45.72
CA ASN D 193 -3.37 13.93 -45.43
C ASN D 193 -3.75 14.74 -46.66
N LYS D 194 -4.17 14.03 -47.69
CA LYS D 194 -4.68 14.63 -48.91
C LYS D 194 -6.13 14.18 -48.94
N TYR D 195 -6.99 14.81 -49.72
CA TYR D 195 -8.42 14.55 -49.60
C TYR D 195 -8.98 13.59 -50.65
N ALA D 196 -10.01 12.83 -50.30
CA ALA D 196 -10.74 11.97 -51.24
C ALA D 196 -12.17 12.47 -51.45
N ALA D 197 -12.78 12.12 -52.58
CA ALA D 197 -14.19 12.40 -52.80
C ALA D 197 -14.82 11.50 -53.85
N SER D 198 -16.14 11.63 -53.99
CA SER D 198 -16.86 10.90 -55.01
C SER D 198 -18.18 11.58 -55.42
N SER D 199 -18.56 11.42 -56.68
CA SER D 199 -19.81 11.94 -57.17
C SER D 199 -20.55 10.80 -57.86
N TYR D 200 -21.88 10.78 -57.69
CA TYR D 200 -22.71 9.77 -58.35
C TYR D 200 -23.82 10.39 -59.20
N LEU D 201 -24.01 9.79 -60.38
CA LEU D 201 -25.13 10.14 -61.26
C LEU D 201 -26.16 8.99 -61.43
N SER D 202 -27.37 9.21 -60.91
CA SER D 202 -28.48 8.25 -61.08
C SER D 202 -29.12 8.47 -62.44
N LEU D 203 -29.42 7.38 -63.14
CA LEU D 203 -29.98 7.43 -64.49
C LEU D 203 -30.95 6.30 -64.76
N THR D 204 -31.70 6.44 -65.85
CA THR D 204 -32.51 5.35 -66.38
C THR D 204 -31.80 4.75 -67.60
N PRO D 205 -31.56 3.44 -67.60
CA PRO D 205 -30.64 2.75 -68.51
C PRO D 205 -30.94 2.97 -70.00
N GLU D 206 -32.09 3.53 -70.33
CA GLU D 206 -32.27 4.06 -71.68
C GLU D 206 -31.39 5.29 -71.89
N GLN D 207 -31.46 6.25 -70.97
CA GLN D 207 -30.66 7.48 -71.03
C GLN D 207 -29.16 7.21 -71.16
N TRP D 208 -28.71 6.05 -70.72
CA TRP D 208 -27.33 5.67 -70.86
C TRP D 208 -27.01 5.43 -72.33
N LYS D 209 -27.94 4.77 -73.03
CA LYS D 209 -27.83 4.56 -74.47
C LYS D 209 -28.34 5.74 -75.30
N SER D 210 -29.18 6.57 -74.70
CA SER D 210 -29.77 7.73 -75.35
C SER D 210 -28.76 8.85 -75.67
N HIS D 211 -27.59 8.83 -75.04
CA HIS D 211 -26.55 9.84 -75.23
C HIS D 211 -25.21 9.27 -75.66
N ARG D 212 -24.42 10.10 -76.35
CA ARG D 212 -23.18 9.65 -77.01
C ARG D 212 -22.07 9.36 -76.02
N SER D 213 -21.89 10.29 -75.09
CA SER D 213 -20.88 10.18 -74.05
C SER D 213 -21.37 10.88 -72.80
N TYR D 214 -20.83 10.47 -71.65
CA TYR D 214 -21.10 11.13 -70.39
C TYR D 214 -19.80 11.63 -69.77
N SER D 215 -19.84 12.79 -69.10
CA SER D 215 -18.63 13.36 -68.51
C SER D 215 -18.69 13.78 -67.03
N CYS D 216 -17.65 13.41 -66.30
CA CYS D 216 -17.41 13.94 -64.95
C CYS D 216 -16.36 15.03 -65.08
N GLN D 217 -16.70 16.27 -64.73
CA GLN D 217 -15.67 17.28 -64.67
C GLN D 217 -15.45 17.79 -63.25
N VAL D 218 -14.23 17.62 -62.75
CA VAL D 218 -13.90 18.13 -61.43
C VAL D 218 -13.11 19.44 -61.54
N THR D 219 -13.56 20.48 -60.87
CA THR D 219 -12.78 21.71 -60.77
C THR D 219 -12.16 21.85 -59.39
N HIS D 220 -10.83 21.98 -59.38
CA HIS D 220 -10.06 22.05 -58.15
C HIS D 220 -9.05 23.19 -58.17
N GLU D 221 -9.20 24.10 -57.21
CA GLU D 221 -8.58 25.42 -57.28
C GLU D 221 -8.97 26.03 -58.62
N GLY D 222 -8.00 26.31 -59.47
CA GLY D 222 -8.37 26.81 -60.78
C GLY D 222 -8.80 25.75 -61.78
N SER D 223 -8.10 24.63 -61.79
CA SER D 223 -8.05 23.77 -62.96
C SER D 223 -8.78 22.42 -62.91
N THR D 224 -9.51 22.16 -63.99
CA THR D 224 -10.44 21.05 -64.04
C THR D 224 -9.92 19.79 -64.75
N VAL D 225 -10.02 18.66 -64.07
CA VAL D 225 -9.75 17.40 -64.72
C VAL D 225 -11.07 16.86 -65.22
N GLU D 226 -11.05 16.22 -66.38
CA GLU D 226 -12.25 15.53 -66.85
C GLU D 226 -11.91 14.17 -67.44
N LYS D 227 -12.62 13.16 -66.97
CA LYS D 227 -12.52 11.83 -67.53
C LYS D 227 -13.91 11.53 -68.00
N THR D 228 -14.01 10.74 -69.05
CA THR D 228 -15.29 10.59 -69.72
C THR D 228 -15.39 9.20 -70.35
N VAL D 229 -16.59 8.64 -70.34
CA VAL D 229 -16.80 7.33 -70.94
C VAL D 229 -18.12 7.28 -71.68
N ALA D 230 -18.28 6.24 -72.49
CA ALA D 230 -19.43 6.08 -73.39
C ALA D 230 -19.93 4.61 -73.44
N PRO D 231 -21.19 4.41 -73.87
CA PRO D 231 -21.80 3.08 -73.94
C PRO D 231 -21.02 2.02 -74.71
N THR D 232 -21.21 0.77 -74.31
CA THR D 232 -20.73 -0.40 -75.03
C THR D 232 -19.21 -0.38 -75.33
N GLU D 233 -18.43 -0.68 -74.29
CA GLU D 233 -16.99 -1.05 -74.33
C GLU D 233 -16.20 -0.25 -73.31
N GLN E 20 -4.87 3.12 24.41
CA GLN E 20 -3.98 2.15 25.02
C GLN E 20 -4.24 0.72 24.54
N VAL E 21 -3.22 -0.14 24.73
CA VAL E 21 -3.30 -1.55 24.42
C VAL E 21 -2.84 -2.29 25.67
N GLN E 22 -3.33 -3.51 25.87
CA GLN E 22 -3.03 -4.22 27.11
C GLN E 22 -3.04 -5.75 26.93
N LEU E 23 -2.12 -6.41 27.61
CA LEU E 23 -1.91 -7.85 27.45
C LEU E 23 -2.00 -8.56 28.79
N GLN E 24 -2.76 -9.64 28.86
CA GLN E 24 -2.87 -10.35 30.12
C GLN E 24 -2.61 -11.84 30.00
N GLN E 25 -1.59 -12.27 30.71
CA GLN E 25 -1.21 -13.67 30.75
C GLN E 25 -2.18 -14.46 31.60
N SER E 26 -1.98 -15.78 31.58
CA SER E 26 -2.72 -16.72 32.39
C SER E 26 -2.26 -18.13 32.01
N GLY E 27 -2.36 -19.06 32.94
CA GLY E 27 -1.97 -20.44 32.71
C GLY E 27 -1.49 -21.06 34.00
N PRO E 28 -1.22 -22.37 33.99
CA PRO E 28 -0.64 -22.96 35.19
C PRO E 28 0.81 -22.51 35.41
N GLY E 29 1.26 -22.57 36.66
CA GLY E 29 2.63 -22.21 36.98
C GLY E 29 3.47 -23.40 37.36
N LEU E 30 2.91 -24.59 37.24
CA LEU E 30 3.62 -25.79 37.63
C LEU E 30 3.37 -26.82 36.55
N VAL E 31 4.44 -27.30 35.94
CA VAL E 31 4.34 -28.35 34.94
C VAL E 31 5.24 -29.50 35.30
N LYS E 32 4.69 -30.70 35.19
CA LYS E 32 5.46 -31.93 35.36
C LYS E 32 6.44 -32.09 34.21
N PRO E 33 7.60 -32.71 34.48
CA PRO E 33 8.55 -33.01 33.41
C PRO E 33 7.86 -33.87 32.34
N SER E 34 8.25 -33.70 31.08
CA SER E 34 7.70 -34.44 29.94
C SER E 34 6.31 -34.00 29.52
N GLN E 35 5.66 -33.17 30.33
CA GLN E 35 4.34 -32.66 29.97
C GLN E 35 4.42 -31.36 29.20
N THR E 36 3.27 -30.86 28.79
CA THR E 36 3.29 -29.68 27.94
C THR E 36 2.76 -28.45 28.68
N LEU E 37 3.54 -27.37 28.61
CA LEU E 37 3.10 -26.08 29.14
C LEU E 37 2.10 -25.45 28.17
N SER E 38 1.06 -24.82 28.72
CA SER E 38 0.14 -23.94 27.95
C SER E 38 -0.11 -22.63 28.69
N LEU E 39 0.07 -21.51 27.99
CA LEU E 39 -0.15 -20.19 28.56
C LEU E 39 -0.79 -19.35 27.48
N THR E 40 -1.87 -18.66 27.81
CA THR E 40 -2.57 -17.91 26.79
C THR E 40 -2.45 -16.42 27.11
N CYS E 41 -2.51 -15.58 26.10
CA CYS E 41 -2.36 -14.17 26.30
C CYS E 41 -3.47 -13.44 25.58
N GLY E 42 -4.41 -12.89 26.36
CA GLY E 42 -5.50 -12.10 25.82
C GLY E 42 -5.12 -10.63 25.68
N ILE E 43 -5.62 -9.99 24.63
CA ILE E 43 -5.25 -8.62 24.38
C ILE E 43 -6.46 -7.74 24.23
N SER E 44 -6.30 -6.46 24.58
CA SER E 44 -7.37 -5.47 24.43
C SER E 44 -6.78 -4.15 23.92
N GLY E 45 -7.47 -3.49 22.99
CA GLY E 45 -6.92 -2.27 22.42
C GLY E 45 -6.39 -2.54 21.01
N ASP E 46 -6.35 -3.82 20.68
CA ASP E 46 -6.05 -4.27 19.33
C ASP E 46 -6.61 -5.68 19.05
N SER E 47 -6.37 -6.17 17.85
CA SER E 47 -6.89 -7.46 17.38
C SER E 47 -5.74 -8.42 17.03
N VAL E 48 -5.86 -9.68 17.45
CA VAL E 48 -4.83 -10.66 17.11
C VAL E 48 -4.76 -10.80 15.62
N SER E 49 -5.90 -10.63 14.98
CA SER E 49 -6.07 -10.87 13.57
C SER E 49 -5.62 -9.65 12.76
N SER E 50 -5.05 -8.66 13.46
CA SER E 50 -4.63 -7.42 12.83
C SER E 50 -3.44 -7.57 11.87
N ASN E 51 -3.53 -6.90 10.72
CA ASN E 51 -2.39 -6.74 9.84
C ASN E 51 -1.51 -5.75 10.59
N SER E 52 -0.35 -5.42 10.07
CA SER E 52 0.43 -4.31 10.66
C SER E 52 0.98 -4.47 12.11
N ALA E 53 0.69 -5.59 12.76
CA ALA E 53 1.38 -5.93 14.01
C ALA E 53 1.65 -7.44 14.03
N ALA E 54 2.29 -7.94 15.09
CA ALA E 54 2.57 -9.37 15.26
C ALA E 54 2.66 -9.80 16.72
N TRP E 55 2.42 -11.05 17.01
CA TRP E 55 2.22 -11.44 18.41
C TRP E 55 3.26 -12.46 18.90
N ASN E 56 4.12 -12.04 19.82
CA ASN E 56 5.26 -12.86 20.22
C ASN E 56 5.17 -13.53 21.60
N TRP E 57 5.77 -14.71 21.71
CA TRP E 57 6.06 -15.34 23.00
C TRP E 57 7.58 -15.38 23.27
N LEU E 58 7.97 -14.90 24.45
CA LEU E 58 9.37 -14.81 24.90
C LEU E 58 9.55 -15.38 26.30
N ARG E 59 10.79 -15.56 26.72
CA ARG E 59 11.03 -16.15 28.01
C ARG E 59 12.35 -15.70 28.57
N GLN E 60 12.44 -15.73 29.88
CA GLN E 60 13.63 -15.28 30.55
C GLN E 60 13.96 -16.14 31.76
N SER E 61 15.16 -16.70 31.75
CA SER E 61 15.71 -17.38 32.91
C SER E 61 17.05 -16.73 33.16
N PRO E 62 17.45 -16.59 34.42
CA PRO E 62 18.73 -15.93 34.70
C PRO E 62 19.88 -16.60 33.96
N SER E 63 19.74 -17.90 33.69
CA SER E 63 20.77 -18.71 33.01
C SER E 63 20.90 -18.40 31.51
N ARG E 64 19.79 -18.48 30.79
CA ARG E 64 19.76 -18.28 29.33
C ARG E 64 19.39 -16.85 28.87
N GLY E 65 19.31 -15.91 29.82
CA GLY E 65 19.06 -14.51 29.52
C GLY E 65 17.64 -14.25 29.07
N LEU E 66 17.48 -13.34 28.12
CA LEU E 66 16.18 -13.07 27.51
C LEU E 66 16.18 -13.74 26.15
N GLU E 67 15.15 -14.55 25.89
CA GLU E 67 15.15 -15.50 24.80
C GLU E 67 13.80 -15.52 24.06
N TRP E 68 13.82 -15.27 22.75
CA TRP E 68 12.61 -15.22 21.92
C TRP E 68 12.20 -16.62 21.52
N LEU E 69 10.89 -16.87 21.51
CA LEU E 69 10.33 -18.18 21.20
C LEU E 69 9.56 -18.18 19.91
N GLY E 70 8.55 -17.34 19.78
CA GLY E 70 7.81 -17.39 18.55
C GLY E 70 6.94 -16.19 18.29
N ARG E 71 6.22 -16.26 17.17
CA ARG E 71 5.45 -15.15 16.71
C ARG E 71 4.31 -15.68 15.85
N THR E 72 3.15 -15.03 15.89
CA THR E 72 2.05 -15.39 15.01
C THR E 72 1.42 -14.13 14.53
N TYR E 73 0.84 -14.16 13.35
CA TYR E 73 0.29 -12.93 12.77
C TYR E 73 -0.39 -13.22 11.47
N TYR E 74 -1.24 -12.28 11.06
CA TYR E 74 -2.15 -12.54 9.97
C TYR E 74 -1.89 -11.52 8.89
N ARG E 75 -1.81 -11.95 7.63
CA ARG E 75 -1.89 -11.01 6.52
C ARG E 75 -2.97 -11.41 5.53
N SER E 76 -2.64 -12.29 4.59
CA SER E 76 -3.64 -12.86 3.70
C SER E 76 -3.97 -14.27 4.20
N LYS E 77 -3.24 -14.67 5.25
CA LYS E 77 -3.26 -16.02 5.73
C LYS E 77 -2.71 -15.87 7.13
N TRP E 78 -2.71 -16.96 7.91
CA TRP E 78 -2.06 -16.97 9.20
C TRP E 78 -0.66 -17.46 8.98
N TYR E 79 0.31 -16.75 9.52
CA TYR E 79 1.70 -17.21 9.51
C TYR E 79 2.23 -17.27 10.92
N ASN E 80 3.21 -18.16 11.10
CA ASN E 80 3.91 -18.38 12.35
C ASN E 80 5.41 -18.37 12.10
N ASP E 81 6.16 -17.79 13.03
CA ASP E 81 7.59 -17.88 12.98
C ASP E 81 8.13 -18.36 14.33
N TYR E 82 8.81 -19.49 14.34
CA TYR E 82 9.28 -20.04 15.59
C TYR E 82 10.78 -19.83 15.69
N ALA E 83 11.35 -20.23 16.81
CA ALA E 83 12.69 -19.84 17.21
C ALA E 83 13.76 -20.66 16.55
N VAL E 84 13.56 -21.97 16.50
CA VAL E 84 14.36 -22.81 15.61
C VAL E 84 15.87 -22.52 15.67
N SER E 85 16.56 -22.61 16.82
CA SER E 85 16.11 -23.00 18.16
C SER E 85 15.16 -24.18 18.28
N MET E 86 14.12 -24.06 19.11
CA MET E 86 13.20 -25.16 19.32
C MET E 86 11.87 -24.94 18.57
N LYS E 87 11.77 -25.49 17.37
CA LYS E 87 10.53 -25.43 16.61
C LYS E 87 9.82 -26.77 16.68
N SER E 88 10.49 -27.73 17.29
CA SER E 88 10.02 -29.09 17.26
C SER E 88 9.11 -29.41 18.45
N ARG E 89 9.18 -28.54 19.45
CA ARG E 89 8.31 -28.64 20.61
C ARG E 89 7.24 -27.56 20.75
N ILE E 90 7.20 -26.58 19.84
CA ILE E 90 6.39 -25.39 20.09
C ILE E 90 5.26 -25.14 19.08
N THR E 91 4.14 -24.68 19.60
CA THR E 91 3.00 -24.23 18.78
C THR E 91 2.47 -22.91 19.35
N ILE E 92 2.49 -21.86 18.54
CA ILE E 92 1.73 -20.68 18.88
C ILE E 92 0.59 -20.68 17.89
N ASN E 93 -0.59 -20.26 18.34
CA ASN E 93 -1.74 -20.20 17.44
C ASN E 93 -2.89 -19.51 18.13
N PRO E 94 -3.53 -18.60 17.39
CA PRO E 94 -4.51 -17.60 17.84
C PRO E 94 -5.93 -18.13 18.04
N ASP E 95 -6.64 -17.62 19.04
CA ASP E 95 -8.07 -17.86 19.16
C ASP E 95 -8.75 -16.55 18.80
N THR E 96 -9.29 -16.48 17.60
CA THR E 96 -9.63 -15.20 17.02
C THR E 96 -11.00 -14.73 17.51
N SER E 97 -11.75 -15.67 18.05
CA SER E 97 -13.06 -15.39 18.63
C SER E 97 -12.91 -14.66 19.95
N ARG E 98 -12.04 -15.19 20.83
CA ARG E 98 -11.80 -14.61 22.14
C ARG E 98 -10.81 -13.46 22.09
N ASN E 99 -10.28 -13.20 20.89
CA ASN E 99 -9.26 -12.18 20.66
C ASN E 99 -7.99 -12.38 21.52
N GLN E 100 -7.45 -13.58 21.47
CA GLN E 100 -6.26 -13.97 22.24
C GLN E 100 -5.37 -14.95 21.45
N PHE E 101 -4.16 -15.19 21.94
CA PHE E 101 -3.27 -16.14 21.28
C PHE E 101 -2.58 -16.98 22.32
N SER E 102 -2.23 -18.19 21.98
CA SER E 102 -1.80 -19.09 23.03
C SER E 102 -0.50 -19.83 22.65
N LEU E 103 0.38 -19.94 23.63
CA LEU E 103 1.63 -20.70 23.49
C LEU E 103 1.53 -22.10 24.09
N GLN E 104 1.95 -23.09 23.34
CA GLN E 104 1.95 -24.45 23.81
C GLN E 104 3.33 -25.08 23.55
N LEU E 105 4.04 -25.47 24.60
CA LEU E 105 5.37 -26.05 24.46
C LEU E 105 5.39 -27.47 25.00
N ASN E 106 5.66 -28.43 24.12
CA ASN E 106 5.76 -29.86 24.46
C ASN E 106 7.02 -30.32 25.21
N SER E 107 6.92 -31.48 25.86
CA SER E 107 8.06 -32.17 26.48
C SER E 107 9.04 -31.29 27.30
N VAL E 108 8.56 -30.69 28.38
CA VAL E 108 9.40 -29.79 29.14
C VAL E 108 10.39 -30.48 30.08
N THR E 109 11.48 -29.78 30.35
CA THR E 109 12.46 -30.20 31.34
C THR E 109 12.67 -28.98 32.23
N PRO E 110 13.46 -29.14 33.31
CA PRO E 110 13.75 -27.96 34.13
C PRO E 110 14.31 -26.76 33.34
N GLU E 111 15.08 -26.99 32.28
CA GLU E 111 15.63 -25.89 31.46
C GLU E 111 14.54 -24.96 30.92
N ASP E 112 13.34 -25.51 30.82
CA ASP E 112 12.20 -24.77 30.33
C ASP E 112 11.53 -23.93 31.42
N THR E 113 12.09 -23.96 32.64
CA THR E 113 11.67 -23.04 33.69
C THR E 113 12.13 -21.61 33.39
N ALA E 114 11.20 -20.68 33.39
CA ALA E 114 11.49 -19.29 33.10
C ALA E 114 10.29 -18.43 33.48
N VAL E 115 10.45 -17.13 33.31
CA VAL E 115 9.31 -16.25 33.32
C VAL E 115 8.98 -16.01 31.86
N TYR E 116 7.78 -16.40 31.46
CA TYR E 116 7.30 -16.23 30.09
C TYR E 116 6.59 -14.88 29.88
N TYR E 117 6.84 -14.23 28.75
CA TYR E 117 6.24 -12.94 28.41
C TYR E 117 5.52 -13.04 27.07
N CYS E 118 4.39 -12.38 26.94
CA CYS E 118 3.78 -12.28 25.63
C CYS E 118 4.00 -10.83 25.29
N ALA E 119 4.15 -10.50 24.01
CA ALA E 119 4.48 -9.14 23.66
C ALA E 119 4.04 -8.76 22.25
N ARG E 120 3.84 -7.46 22.04
CA ARG E 120 3.29 -6.97 20.78
C ARG E 120 4.36 -6.33 19.94
N ASP E 121 4.63 -6.93 18.79
CA ASP E 121 5.57 -6.37 17.86
C ASP E 121 4.70 -5.70 16.81
N GLY E 122 4.82 -4.41 16.65
CA GLY E 122 4.01 -3.75 15.66
C GLY E 122 4.72 -2.48 15.32
N GLU E 123 4.09 -1.60 14.56
CA GLU E 123 4.75 -0.33 14.25
C GLU E 123 4.55 0.78 15.27
N ILE E 124 5.27 1.87 15.04
CA ILE E 124 5.10 3.09 15.83
C ILE E 124 4.27 4.15 15.05
N SER E 125 4.84 4.80 14.03
CA SER E 125 4.09 5.66 13.08
C SER E 125 4.97 6.40 12.10
N TYR E 126 4.33 7.23 11.28
CA TYR E 126 5.01 8.16 10.36
C TYR E 126 5.85 7.43 9.34
N ASP E 127 7.17 7.59 9.42
CA ASP E 127 8.08 6.81 8.59
C ASP E 127 7.70 5.32 8.61
N TYR E 128 7.47 4.81 9.82
CA TYR E 128 7.06 3.43 10.10
C TYR E 128 7.83 2.35 9.32
N TYR E 129 7.14 1.27 9.00
CA TYR E 129 7.76 0.01 8.60
C TYR E 129 8.58 -0.56 9.78
N TYR E 130 8.89 0.29 10.75
CA TYR E 130 9.80 -0.08 11.82
C TYR E 130 9.03 -0.73 12.93
N TYR E 131 9.48 -1.93 13.30
CA TYR E 131 8.82 -2.69 14.34
C TYR E 131 9.65 -2.73 15.63
N GLY E 132 8.95 -2.70 16.75
CA GLY E 132 9.56 -3.00 18.03
C GLY E 132 8.53 -3.61 18.95
N MET E 133 8.97 -4.40 19.92
CA MET E 133 7.97 -5.01 20.75
C MET E 133 7.83 -3.97 21.84
N ASP E 134 6.76 -3.20 21.71
CA ASP E 134 6.46 -2.10 22.61
C ASP E 134 5.38 -2.34 23.66
N VAL E 135 4.79 -3.53 23.72
CA VAL E 135 3.76 -3.78 24.71
C VAL E 135 3.99 -5.14 25.33
N TRP E 136 3.97 -5.23 26.65
CA TRP E 136 4.29 -6.50 27.29
C TRP E 136 3.27 -7.01 28.33
N GLY E 137 3.31 -8.30 28.62
CA GLY E 137 2.53 -8.84 29.70
C GLY E 137 3.36 -8.94 30.96
N ARG E 138 2.72 -8.91 32.12
CA ARG E 138 3.41 -8.94 33.42
C ARG E 138 4.46 -10.05 33.55
N GLY E 139 4.20 -11.15 32.86
CA GLY E 139 5.10 -12.28 32.92
C GLY E 139 4.41 -13.34 33.71
N THR E 140 4.82 -14.58 33.50
CA THR E 140 4.22 -15.68 34.22
C THR E 140 5.30 -16.67 34.58
N LEU E 141 5.34 -17.07 35.84
CA LEU E 141 6.38 -17.97 36.31
C LEU E 141 5.94 -19.42 36.17
N VAL E 142 6.63 -20.12 35.28
CA VAL E 142 6.39 -21.52 35.06
C VAL E 142 7.56 -22.33 35.58
N THR E 143 7.28 -23.34 36.37
CA THR E 143 8.33 -24.10 37.04
C THR E 143 8.16 -25.58 36.70
N VAL E 144 9.25 -26.25 36.33
CA VAL E 144 9.14 -27.63 35.91
C VAL E 144 9.62 -28.59 37.00
N SER E 145 8.69 -29.33 37.59
CA SER E 145 9.04 -30.30 38.63
C SER E 145 8.03 -31.42 38.85
N SER E 146 8.51 -32.51 39.45
CA SER E 146 7.65 -33.61 39.85
C SER E 146 6.95 -33.26 41.16
N ALA E 147 7.64 -32.48 41.99
CA ALA E 147 7.18 -32.11 43.33
C ALA E 147 5.77 -31.55 43.36
N SER E 148 4.95 -32.11 44.24
CA SER E 148 3.53 -31.73 44.37
C SER E 148 3.37 -30.30 44.87
N THR E 149 2.27 -29.66 44.53
CA THR E 149 2.11 -28.25 44.81
C THR E 149 1.47 -28.07 46.17
N LYS E 150 2.27 -27.61 47.13
CA LYS E 150 1.80 -27.45 48.50
C LYS E 150 1.39 -26.01 48.80
N GLY E 151 0.31 -25.87 49.56
CA GLY E 151 -0.19 -24.57 49.95
C GLY E 151 0.48 -24.09 51.22
N PRO E 152 0.55 -22.76 51.39
CA PRO E 152 1.29 -22.15 52.49
C PRO E 152 0.59 -22.29 53.84
N SER E 153 1.38 -22.54 54.89
CA SER E 153 0.89 -22.45 56.27
C SER E 153 1.21 -21.04 56.81
N VAL E 154 0.17 -20.26 57.13
CA VAL E 154 0.33 -18.84 57.38
C VAL E 154 0.15 -18.45 58.86
N PHE E 155 1.21 -17.90 59.45
CA PHE E 155 1.19 -17.46 60.84
C PHE E 155 1.41 -15.95 61.00
N PRO E 156 0.40 -15.22 61.52
CA PRO E 156 0.57 -13.80 61.86
C PRO E 156 1.34 -13.65 63.17
N LEU E 157 2.14 -12.60 63.31
CA LEU E 157 3.00 -12.44 64.49
C LEU E 157 2.81 -11.09 65.20
N ALA E 158 3.35 -11.00 66.41
CA ALA E 158 3.10 -9.85 67.29
C ALA E 158 4.17 -8.75 67.21
N PRO E 159 3.75 -7.53 66.87
CA PRO E 159 4.62 -6.35 66.84
C PRO E 159 4.80 -5.72 68.21
N GLY E 166 9.21 4.08 69.87
CA GLY E 166 9.14 5.51 69.74
C GLY E 166 9.03 5.96 68.30
N GLY E 167 9.92 5.45 67.44
CA GLY E 167 9.93 5.83 66.04
C GLY E 167 8.73 5.37 65.24
N THR E 168 8.46 4.07 65.24
CA THR E 168 7.34 3.49 64.49
C THR E 168 7.10 2.05 64.91
N ALA E 169 6.06 1.41 64.34
CA ALA E 169 5.80 0.00 64.60
C ALA E 169 5.56 -0.78 63.30
N ALA E 170 5.95 -2.05 63.28
CA ALA E 170 5.79 -2.89 62.09
C ALA E 170 5.34 -4.30 62.42
N LEU E 171 4.24 -4.75 61.79
CA LEU E 171 3.81 -6.13 61.95
C LEU E 171 3.75 -6.84 60.61
N GLY E 172 3.39 -8.12 60.60
CA GLY E 172 3.34 -8.84 59.35
C GLY E 172 2.88 -10.29 59.43
N CYS E 173 2.81 -10.91 58.26
CA CYS E 173 2.35 -12.28 58.13
C CYS E 173 3.48 -13.16 57.66
N LEU E 174 3.48 -14.41 58.12
CA LEU E 174 4.51 -15.38 57.78
C LEU E 174 3.94 -16.50 56.91
N VAL E 175 4.36 -16.55 55.64
CA VAL E 175 3.85 -17.51 54.67
C VAL E 175 4.87 -18.63 54.53
N LYS E 176 4.52 -19.83 55.04
CA LYS E 176 5.53 -20.87 55.27
C LYS E 176 5.35 -22.16 54.46
N ASP E 177 6.43 -22.58 53.81
CA ASP E 177 6.55 -23.89 53.16
C ASP E 177 5.50 -24.20 52.08
N TYR E 178 5.64 -23.56 50.93
CA TYR E 178 4.71 -23.77 49.81
C TYR E 178 5.50 -24.03 48.52
N PHE E 179 4.99 -24.92 47.66
CA PHE E 179 5.56 -25.07 46.33
C PHE E 179 4.92 -24.15 45.29
N PRO E 180 5.19 -24.34 43.99
CA PRO E 180 5.77 -23.27 43.16
C PRO E 180 5.17 -21.88 43.35
N GLU E 181 6.04 -20.88 43.26
CA GLU E 181 5.77 -19.60 43.87
C GLU E 181 5.49 -18.46 42.92
N PRO E 182 4.22 -18.05 42.78
CA PRO E 182 4.06 -16.59 42.75
C PRO E 182 3.99 -15.98 44.16
N VAL E 183 3.04 -16.49 44.97
CA VAL E 183 2.75 -15.95 46.32
C VAL E 183 2.79 -14.42 46.53
N THR E 184 1.74 -13.72 46.09
CA THR E 184 1.67 -12.27 46.32
C THR E 184 0.74 -11.89 47.48
N VAL E 185 1.10 -10.84 48.22
CA VAL E 185 0.35 -10.44 49.42
C VAL E 185 -0.07 -8.96 49.43
N SER E 186 -1.37 -8.71 49.61
CA SER E 186 -1.88 -7.36 49.81
C SER E 186 -2.29 -7.15 51.28
N TRP E 187 -2.83 -5.97 51.59
CA TRP E 187 -3.23 -5.66 52.97
C TRP E 187 -4.63 -5.02 53.08
N ASN E 188 -5.53 -5.72 53.78
CA ASN E 188 -6.95 -5.39 53.84
C ASN E 188 -7.57 -5.05 52.48
N SER E 189 -7.34 -5.95 51.52
CA SER E 189 -7.70 -5.76 50.11
C SER E 189 -6.89 -4.62 49.46
N GLY E 190 -5.70 -4.37 49.99
CA GLY E 190 -4.73 -3.48 49.37
C GLY E 190 -4.95 -1.99 49.57
N ALA E 191 -5.65 -1.61 50.63
CA ALA E 191 -5.93 -0.20 50.89
C ALA E 191 -4.72 0.52 51.48
N LEU E 192 -3.85 -0.21 52.18
CA LEU E 192 -2.65 0.41 52.72
C LEU E 192 -1.42 0.05 51.91
N THR E 193 -0.95 1.01 51.11
CA THR E 193 0.24 0.86 50.30
C THR E 193 1.45 1.53 50.94
N SER E 194 1.24 2.16 52.10
CA SER E 194 2.27 3.01 52.69
C SER E 194 3.23 2.22 53.58
N GLY E 195 4.51 2.24 53.20
CA GLY E 195 5.55 1.55 53.96
C GLY E 195 5.37 0.06 54.03
N VAL E 196 4.99 -0.56 52.91
CA VAL E 196 4.77 -2.00 52.86
C VAL E 196 5.85 -2.72 52.07
N HIS E 197 6.51 -3.69 52.72
CA HIS E 197 7.54 -4.48 52.08
C HIS E 197 7.19 -5.96 52.09
N THR E 198 6.89 -6.52 50.93
CA THR E 198 6.78 -7.97 50.78
C THR E 198 8.13 -8.52 50.36
N PHE E 199 8.69 -9.42 51.16
CA PHE E 199 10.04 -9.91 50.91
C PHE E 199 10.04 -11.07 49.92
N PRO E 200 11.16 -11.28 49.21
CA PRO E 200 11.27 -12.46 48.35
C PRO E 200 11.24 -13.73 49.19
N ALA E 201 11.27 -14.89 48.54
CA ALA E 201 11.15 -16.15 49.26
C ALA E 201 12.49 -16.87 49.39
N VAL E 202 12.47 -18.02 50.05
CA VAL E 202 13.68 -18.81 50.22
C VAL E 202 13.44 -20.28 49.96
N LEU E 203 14.37 -20.91 49.24
CA LEU E 203 14.36 -22.34 49.05
C LEU E 203 15.02 -23.02 50.24
N GLN E 204 14.39 -24.07 50.76
CA GLN E 204 15.00 -24.87 51.83
C GLN E 204 15.78 -26.07 51.27
N SER E 205 16.43 -26.82 52.14
CA SER E 205 17.15 -28.01 51.69
C SER E 205 16.13 -28.97 51.09
N SER E 206 14.95 -29.04 51.72
CA SER E 206 13.80 -29.71 51.12
C SER E 206 13.09 -28.60 50.40
N GLY E 207 13.16 -28.60 49.07
CA GLY E 207 12.80 -27.40 48.35
C GLY E 207 11.34 -27.08 48.55
N LEU E 208 11.12 -25.96 49.22
CA LEU E 208 9.82 -25.36 49.44
C LEU E 208 10.14 -23.92 49.75
N TYR E 209 9.19 -23.02 49.53
CA TYR E 209 9.48 -21.61 49.64
C TYR E 209 8.90 -21.03 50.93
N SER E 210 9.61 -20.06 51.50
CA SER E 210 9.13 -19.33 52.69
C SER E 210 9.35 -17.83 52.53
N LEU E 211 8.25 -17.09 52.67
CA LEU E 211 8.20 -15.67 52.37
C LEU E 211 7.54 -14.96 53.54
N SER E 212 7.87 -13.69 53.76
CA SER E 212 7.31 -12.91 54.87
C SER E 212 7.16 -11.42 54.54
N SER E 213 6.17 -10.76 55.13
CA SER E 213 5.84 -9.37 54.79
C SER E 213 5.88 -8.43 56.00
N VAL E 214 5.99 -7.13 55.73
CA VAL E 214 6.02 -6.10 56.78
C VAL E 214 5.20 -4.84 56.42
N VAL E 215 4.30 -4.47 57.32
CA VAL E 215 3.56 -3.21 57.20
C VAL E 215 3.80 -2.34 58.44
N THR E 216 4.03 -1.05 58.21
CA THR E 216 4.30 -0.10 59.29
C THR E 216 3.15 0.86 59.56
N VAL E 217 2.86 1.04 60.85
CA VAL E 217 2.12 2.20 61.34
C VAL E 217 2.85 2.66 62.61
N PRO E 218 3.00 3.99 62.78
CA PRO E 218 3.84 4.49 63.88
C PRO E 218 3.14 4.47 65.22
N SER E 219 2.95 3.30 65.83
CA SER E 219 2.12 3.19 67.02
C SER E 219 0.78 3.79 66.65
N SER E 220 0.48 4.95 67.24
CA SER E 220 -0.72 5.69 66.85
C SER E 220 -1.95 4.84 67.09
N SER E 221 -2.60 4.43 66.02
CA SER E 221 -3.82 3.68 66.20
C SER E 221 -3.40 2.23 66.37
N LEU E 222 -3.43 1.78 67.62
CA LEU E 222 -3.32 0.38 67.97
C LEU E 222 -4.71 -0.23 67.89
N GLY E 223 -5.68 0.50 68.43
CA GLY E 223 -7.07 0.04 68.45
C GLY E 223 -8.01 0.78 67.51
N THR E 224 -7.52 1.81 66.83
CA THR E 224 -8.32 2.46 65.78
C THR E 224 -8.21 1.71 64.44
N GLN E 225 -7.04 1.14 64.18
CA GLN E 225 -6.79 0.41 62.92
C GLN E 225 -6.61 -1.10 63.11
N THR E 226 -7.36 -1.90 62.32
CA THR E 226 -7.25 -3.35 62.32
C THR E 226 -6.61 -3.85 61.01
N TYR E 227 -5.74 -4.85 61.13
CA TYR E 227 -4.94 -5.29 59.98
C TYR E 227 -5.15 -6.76 59.59
N ILE E 228 -5.71 -6.97 58.40
CA ILE E 228 -5.84 -8.32 57.83
C ILE E 228 -4.92 -8.46 56.61
N CYS E 229 -3.95 -9.36 56.69
CA CYS E 229 -3.05 -9.59 55.56
C CYS E 229 -3.71 -10.54 54.55
N ASN E 230 -3.68 -10.15 53.29
CA ASN E 230 -4.25 -10.97 52.22
C ASN E 230 -3.18 -11.78 51.50
N VAL E 231 -3.23 -13.09 51.65
CA VAL E 231 -2.21 -13.99 51.10
C VAL E 231 -2.73 -14.78 49.89
N ASN E 232 -2.09 -14.58 48.75
CA ASN E 232 -2.48 -15.26 47.52
C ASN E 232 -1.42 -16.24 47.01
N HIS E 233 -1.73 -17.52 47.14
CA HIS E 233 -1.00 -18.59 46.48
C HIS E 233 -1.98 -19.24 45.49
N LYS E 234 -1.81 -18.96 44.21
CA LYS E 234 -2.77 -19.41 43.21
C LYS E 234 -2.79 -20.92 42.93
N PRO E 235 -1.63 -21.51 42.59
CA PRO E 235 -1.64 -22.93 42.18
C PRO E 235 -2.10 -23.94 43.23
N SER E 236 -2.17 -23.55 44.50
CA SER E 236 -2.79 -24.39 45.53
C SER E 236 -4.23 -23.99 45.85
N ASN E 237 -4.70 -22.95 45.16
CA ASN E 237 -6.03 -22.38 45.40
C ASN E 237 -6.17 -21.85 46.83
N THR E 238 -5.05 -21.44 47.41
CA THR E 238 -5.09 -21.02 48.80
C THR E 238 -5.31 -19.51 48.92
N LYS E 239 -6.49 -19.13 49.37
CA LYS E 239 -6.69 -17.80 49.91
C LYS E 239 -7.16 -18.00 51.33
N VAL E 240 -6.28 -17.74 52.28
CA VAL E 240 -6.65 -17.71 53.68
C VAL E 240 -5.98 -16.47 54.25
N ASP E 241 -6.78 -15.49 54.67
CA ASP E 241 -6.20 -14.21 55.09
C ASP E 241 -6.25 -14.01 56.61
N LYS E 242 -5.07 -13.79 57.19
CA LYS E 242 -4.92 -13.69 58.64
C LYS E 242 -5.03 -12.25 59.14
N LYS E 243 -5.80 -12.08 60.22
CA LYS E 243 -5.83 -10.80 60.91
C LYS E 243 -4.75 -10.78 61.99
N VAL E 244 -3.82 -9.85 61.85
CA VAL E 244 -2.68 -9.74 62.75
C VAL E 244 -3.03 -8.99 64.03
N GLU E 245 -2.75 -9.59 65.17
CA GLU E 245 -3.00 -8.96 66.46
C GLU E 245 -1.75 -8.97 67.34
N PRO E 246 -1.50 -7.85 68.07
CA PRO E 246 -0.39 -7.76 69.02
C PRO E 246 -0.51 -8.80 70.14
N LYS E 247 0.63 -9.26 70.65
CA LYS E 247 0.69 -10.37 71.61
C LYS E 247 0.07 -11.65 71.05
N ALA F 19 23.44 -23.30 22.64
CA ALA F 19 24.04 -22.97 23.94
C ALA F 19 23.78 -21.52 24.33
N GLN F 20 24.74 -20.65 24.00
CA GLN F 20 24.66 -19.24 24.34
C GLN F 20 23.94 -18.45 23.25
N SER F 21 23.87 -17.14 23.43
CA SER F 21 23.06 -16.28 22.58
C SER F 21 23.62 -16.03 21.17
N VAL F 22 22.93 -15.17 20.43
CA VAL F 22 23.26 -14.88 19.03
C VAL F 22 23.95 -13.52 18.85
N LEU F 23 23.32 -12.44 19.30
CA LEU F 23 24.02 -11.14 19.41
C LEU F 23 24.90 -11.05 20.66
N THR F 24 26.09 -10.49 20.50
CA THR F 24 27.07 -10.40 21.59
C THR F 24 27.10 -9.01 22.26
N GLN F 25 26.94 -9.02 23.58
CA GLN F 25 27.08 -7.81 24.36
C GLN F 25 27.76 -8.12 25.71
N PRO F 26 28.63 -7.19 26.19
CA PRO F 26 29.43 -7.40 27.40
C PRO F 26 28.55 -7.52 28.65
N PRO F 27 28.79 -8.57 29.46
CA PRO F 27 27.90 -8.90 30.58
C PRO F 27 27.81 -7.78 31.61
N SER F 28 28.86 -6.95 31.71
CA SER F 28 28.95 -5.87 32.71
C SER F 28 29.29 -4.50 32.09
N ALA F 29 28.69 -3.45 32.65
CA ALA F 29 29.08 -2.07 32.37
C ALA F 29 28.84 -1.22 33.61
N SER F 30 29.57 -0.11 33.73
CA SER F 30 29.55 0.65 34.98
C SER F 30 29.46 2.17 34.77
N GLY F 31 29.03 2.88 35.82
CA GLY F 31 28.89 4.32 35.77
C GLY F 31 29.08 5.09 37.07
N THR F 32 29.21 6.41 36.93
CA THR F 32 29.22 7.39 38.02
C THR F 32 28.12 8.40 37.73
N PRO F 33 27.36 8.82 38.76
CA PRO F 33 26.09 9.55 38.64
C PRO F 33 26.01 10.72 37.64
N GLY F 34 27.14 11.29 37.20
CA GLY F 34 27.09 12.32 36.19
C GLY F 34 27.53 12.00 34.77
N GLN F 35 28.22 10.88 34.57
CA GLN F 35 28.93 10.66 33.30
C GLN F 35 28.16 9.85 32.26
N ARG F 36 28.76 9.66 31.09
CA ARG F 36 28.09 8.95 30.00
C ARG F 36 28.77 7.61 29.68
N VAL F 37 27.97 6.54 29.68
CA VAL F 37 28.45 5.19 29.35
C VAL F 37 27.71 4.55 28.17
N THR F 38 28.43 3.77 27.37
CA THR F 38 27.87 3.11 26.19
C THR F 38 27.91 1.58 26.30
N ILE F 39 26.92 0.92 25.71
CA ILE F 39 26.87 -0.55 25.71
C ILE F 39 26.97 -1.09 24.29
N SER F 40 27.86 -2.06 24.11
CA SER F 40 28.15 -2.62 22.80
C SER F 40 27.25 -3.78 22.39
N CYS F 41 26.95 -3.86 21.10
CA CYS F 41 26.14 -4.94 20.55
C CYS F 41 26.69 -5.45 19.21
N SER F 42 27.20 -6.68 19.14
CA SER F 42 27.74 -7.17 17.86
C SER F 42 26.98 -8.37 17.32
N GLY F 43 26.99 -8.50 15.99
CA GLY F 43 26.12 -9.44 15.30
C GLY F 43 26.59 -9.74 13.90
N SER F 44 25.68 -10.25 13.08
CA SER F 44 25.99 -10.55 11.68
C SER F 44 25.29 -9.61 10.72
N SER F 45 25.53 -9.83 9.43
CA SER F 45 24.85 -9.09 8.38
C SER F 45 23.40 -9.55 8.29
N SER F 46 23.18 -10.83 8.59
CA SER F 46 21.82 -11.41 8.51
C SER F 46 20.87 -10.76 9.50
N ASN F 47 21.43 -10.05 10.49
CA ASN F 47 20.62 -9.38 11.50
C ASN F 47 20.87 -7.87 11.67
N ILE F 48 22.06 -7.47 12.09
CA ILE F 48 22.31 -6.04 12.25
C ILE F 48 22.64 -5.33 10.92
N GLY F 49 23.31 -6.04 10.02
CA GLY F 49 23.72 -5.47 8.75
C GLY F 49 22.58 -5.07 7.83
N ASN F 50 21.64 -5.98 7.61
CA ASN F 50 20.57 -5.68 6.68
C ASN F 50 19.28 -5.20 7.37
N ASN F 51 19.27 -5.16 8.70
CA ASN F 51 18.08 -4.76 9.46
C ASN F 51 18.41 -3.83 10.65
N GLY F 52 17.40 -3.19 11.23
CA GLY F 52 17.58 -2.28 12.36
C GLY F 52 17.56 -2.88 13.76
N VAL F 53 18.01 -2.11 14.76
CA VAL F 53 18.23 -2.62 16.13
C VAL F 53 17.39 -2.00 17.26
N ASN F 54 16.90 -2.80 18.18
CA ASN F 54 16.11 -2.29 19.27
C ASN F 54 16.82 -2.47 20.60
N TRP F 55 16.49 -1.62 21.57
CA TRP F 55 17.07 -1.72 22.90
C TRP F 55 15.96 -1.76 23.94
N TYR F 56 16.21 -2.47 25.03
CA TYR F 56 15.23 -2.59 26.09
C TYR F 56 15.87 -2.49 27.47
N GLN F 57 15.07 -2.03 28.42
CA GLN F 57 15.52 -1.82 29.80
C GLN F 57 14.70 -2.68 30.74
N GLN F 58 15.37 -3.37 31.65
CA GLN F 58 14.71 -4.32 32.53
C GLN F 58 15.13 -4.18 33.99
N VAL F 59 14.15 -3.87 34.83
CA VAL F 59 14.35 -3.57 36.23
C VAL F 59 13.62 -4.65 37.00
N PRO F 60 14.29 -5.81 37.16
CA PRO F 60 13.73 -7.17 37.20
C PRO F 60 12.51 -7.39 38.14
N GLY F 61 11.70 -8.39 37.79
CA GLY F 61 10.41 -8.64 38.43
C GLY F 61 9.36 -7.85 37.68
N LYS F 62 9.83 -6.78 37.03
CA LYS F 62 9.11 -6.06 35.98
C LYS F 62 9.48 -6.57 34.58
N PRO F 63 8.56 -6.37 33.61
CA PRO F 63 8.83 -6.66 32.19
C PRO F 63 9.60 -5.56 31.46
N PRO F 64 10.37 -5.97 30.45
CA PRO F 64 11.15 -5.10 29.56
C PRO F 64 10.34 -3.91 29.02
N LYS F 65 11.05 -2.79 28.87
CA LYS F 65 10.48 -1.53 28.40
C LYS F 65 11.34 -1.02 27.26
N LEU F 66 10.71 -0.74 26.11
CA LEU F 66 11.41 -0.33 24.90
C LEU F 66 12.01 1.08 25.02
N LEU F 67 13.25 1.22 24.54
CA LEU F 67 13.99 2.48 24.59
C LEU F 67 14.29 3.01 23.20
N ILE F 68 15.05 2.23 22.43
CA ILE F 68 15.46 2.62 21.08
C ILE F 68 14.90 1.64 20.03
N TYR F 69 14.48 2.15 18.87
CA TYR F 69 14.06 1.29 17.75
C TYR F 69 14.58 1.74 16.41
N TYR F 70 14.82 0.78 15.52
CA TYR F 70 15.56 0.97 14.27
C TYR F 70 16.77 1.89 14.41
N ASP F 71 17.67 1.49 15.30
CA ASP F 71 19.01 2.07 15.55
C ASP F 71 19.00 3.48 16.13
N ASP F 72 18.11 4.33 15.65
CA ASP F 72 18.16 5.75 15.99
C ASP F 72 17.04 6.35 16.84
N LEU F 73 15.98 5.61 17.07
CA LEU F 73 14.72 6.28 17.38
C LEU F 73 14.34 6.19 18.83
N LEU F 74 13.66 7.24 19.29
CA LEU F 74 13.16 7.24 20.64
C LEU F 74 11.68 7.43 20.44
N PRO F 75 10.87 6.66 21.18
CA PRO F 75 9.42 6.78 21.17
C PRO F 75 8.93 7.69 22.28
N SER F 76 7.62 7.84 22.40
CA SER F 76 7.01 8.60 23.49
C SER F 76 7.39 8.07 24.87
N GLY F 77 7.45 8.98 25.84
CA GLY F 77 7.72 8.63 27.22
C GLY F 77 9.14 8.16 27.47
N VAL F 78 10.08 8.62 26.66
CA VAL F 78 11.47 8.17 26.79
C VAL F 78 12.40 9.38 26.83
N SER F 79 13.49 9.27 27.62
CA SER F 79 14.43 10.38 27.84
C SER F 79 15.55 10.50 26.78
N ASP F 80 15.76 11.71 26.28
CA ASP F 80 16.67 11.96 25.16
C ASP F 80 18.14 11.75 25.49
N ARG F 81 18.45 11.56 26.76
CA ARG F 81 19.81 11.20 27.17
C ARG F 81 20.12 9.74 26.78
N PHE F 82 19.06 9.00 26.46
CA PHE F 82 19.17 7.69 25.81
C PHE F 82 19.34 7.87 24.29
N SER F 83 20.47 7.39 23.77
CA SER F 83 20.78 7.50 22.35
C SER F 83 21.18 6.13 21.79
N GLY F 84 21.19 5.99 20.46
CA GLY F 84 21.70 4.78 19.84
C GLY F 84 22.34 4.98 18.48
N SER F 85 23.21 4.04 18.11
CA SER F 85 23.97 4.14 16.87
C SER F 85 24.23 2.78 16.24
N LYS F 86 24.45 2.75 14.93
CA LYS F 86 24.78 1.51 14.25
C LYS F 86 25.79 1.70 13.12
N SER F 87 26.82 0.87 13.10
CA SER F 87 27.73 0.82 11.95
C SER F 87 27.95 -0.63 11.57
N GLY F 88 27.67 -0.97 10.32
CA GLY F 88 27.88 -2.32 9.82
C GLY F 88 27.19 -3.42 10.64
N THR F 89 27.99 -4.37 11.08
CA THR F 89 27.50 -5.49 11.87
C THR F 89 27.49 -5.24 13.39
N SER F 90 27.73 -3.99 13.82
CA SER F 90 27.57 -3.64 15.26
C SER F 90 26.78 -2.37 15.59
N ALA F 91 26.43 -2.23 16.87
CA ALA F 91 25.57 -1.14 17.34
C ALA F 91 25.84 -0.74 18.79
N SER F 92 25.56 0.51 19.14
CA SER F 92 25.89 1.03 20.46
C SER F 92 24.77 1.83 21.13
N LEU F 93 24.53 1.55 22.40
CA LEU F 93 23.53 2.29 23.16
C LEU F 93 24.16 3.26 24.18
N ALA F 94 23.96 4.57 23.97
CA ALA F 94 24.62 5.60 24.78
C ALA F 94 23.71 6.27 25.81
N ILE F 95 23.96 5.98 27.09
CA ILE F 95 23.23 6.66 28.16
C ILE F 95 24.12 7.75 28.77
N SER F 96 23.61 8.98 28.83
CA SER F 96 24.40 10.13 29.33
C SER F 96 23.70 10.82 30.49
N GLY F 97 24.47 11.25 31.48
CA GLY F 97 23.88 11.92 32.63
C GLY F 97 23.01 11.00 33.45
N LEU F 98 23.60 9.94 34.00
CA LEU F 98 22.87 8.84 34.62
C LEU F 98 22.08 9.19 35.90
N GLN F 99 21.44 8.18 36.48
CA GLN F 99 20.69 8.34 37.71
C GLN F 99 20.69 7.05 38.50
N SER F 100 19.90 7.03 39.58
CA SER F 100 19.83 5.86 40.46
C SER F 100 19.05 4.70 39.83
N GLU F 101 17.87 4.99 39.27
CA GLU F 101 17.00 3.96 38.69
C GLU F 101 17.54 3.40 37.38
N ASP F 102 18.63 3.99 36.90
CA ASP F 102 19.33 3.57 35.69
C ASP F 102 20.04 2.23 35.83
N GLU F 103 20.11 1.69 37.05
CA GLU F 103 20.69 0.37 37.23
C GLU F 103 19.65 -0.58 36.68
N ALA F 104 20.01 -1.27 35.62
CA ALA F 104 19.11 -2.22 34.99
C ALA F 104 19.84 -3.18 34.07
N ASP F 105 19.17 -4.28 33.77
CA ASP F 105 19.61 -5.19 32.72
C ASP F 105 19.21 -4.53 31.40
N TYR F 106 20.16 -4.41 30.48
CA TYR F 106 19.90 -3.77 29.20
C TYR F 106 20.11 -4.73 28.01
N TYR F 107 19.10 -4.82 27.14
CA TYR F 107 19.05 -5.87 26.13
C TYR F 107 18.91 -5.31 24.72
N CYS F 108 19.77 -5.75 23.79
CA CYS F 108 19.62 -5.42 22.36
C CYS F 108 19.10 -6.57 21.50
N GLU F 109 18.35 -6.22 20.45
CA GLU F 109 17.83 -7.25 19.58
C GLU F 109 17.62 -6.79 18.15
N ALA F 110 17.80 -7.70 17.20
CA ALA F 110 17.47 -7.40 15.82
C ALA F 110 16.73 -8.55 15.15
N TRP F 111 16.14 -8.24 14.00
CA TRP F 111 15.45 -9.24 13.19
C TRP F 111 16.45 -9.90 12.26
N ASP F 112 16.63 -11.20 12.41
CA ASP F 112 17.52 -11.96 11.55
C ASP F 112 16.71 -12.65 10.47
N ASP F 113 17.04 -12.30 9.23
CA ASP F 113 16.32 -12.79 8.07
C ASP F 113 16.94 -14.03 7.41
N SER F 114 18.03 -14.55 7.96
CA SER F 114 18.43 -15.91 7.62
C SER F 114 17.92 -16.96 8.61
N LEU F 115 17.42 -16.50 9.76
CA LEU F 115 16.71 -17.39 10.70
C LEU F 115 15.22 -17.32 10.59
N ASP F 116 14.72 -16.27 9.92
CA ASP F 116 13.33 -15.81 10.06
C ASP F 116 12.97 -15.69 11.52
N GLY F 117 13.59 -14.77 12.24
CA GLY F 117 13.31 -14.77 13.65
C GLY F 117 13.94 -13.60 14.38
N VAL F 118 13.45 -13.36 15.59
CA VAL F 118 13.99 -12.30 16.42
C VAL F 118 15.16 -12.86 17.20
N VAL F 119 16.24 -12.07 17.24
CA VAL F 119 17.48 -12.48 17.87
C VAL F 119 17.84 -11.48 18.96
N PHE F 120 18.14 -11.98 20.16
CA PHE F 120 18.52 -11.12 21.28
C PHE F 120 20.01 -11.07 21.68
N GLY F 121 20.33 -10.16 22.60
CA GLY F 121 21.67 -10.04 23.15
C GLY F 121 21.76 -10.76 24.48
N GLY F 122 22.98 -11.07 24.91
CA GLY F 122 23.14 -11.85 26.13
C GLY F 122 22.62 -11.17 27.38
N GLY F 123 22.44 -9.85 27.29
CA GLY F 123 22.25 -8.99 28.44
C GLY F 123 23.51 -8.24 28.85
N THR F 124 23.33 -7.03 29.36
CA THR F 124 24.41 -6.26 29.95
C THR F 124 23.91 -5.70 31.28
N LYS F 125 24.50 -6.15 32.38
CA LYS F 125 24.13 -5.56 33.66
C LYS F 125 24.84 -4.23 33.88
N LEU F 126 24.05 -3.19 34.19
CA LEU F 126 24.57 -1.85 34.32
C LEU F 126 24.54 -1.41 35.78
N THR F 127 25.75 -1.27 36.35
CA THR F 127 25.93 -0.84 37.73
C THR F 127 26.31 0.64 37.78
N VAL F 128 25.84 1.34 38.81
CA VAL F 128 26.24 2.71 39.05
C VAL F 128 26.84 2.80 40.44
N LEU F 129 28.14 3.09 40.54
CA LEU F 129 28.76 3.26 41.85
C LEU F 129 28.96 4.75 42.13
N GLY F 130 29.43 5.09 43.33
CA GLY F 130 29.47 6.47 43.75
C GLY F 130 28.23 6.75 44.57
N GLN F 131 27.51 5.69 44.89
CA GLN F 131 26.35 5.75 45.79
C GLN F 131 26.78 5.55 47.24
N PRO F 132 26.13 6.25 48.17
CA PRO F 132 26.48 6.23 49.59
C PRO F 132 26.35 4.85 50.22
N LYS F 133 27.01 4.67 51.36
CA LYS F 133 26.94 3.42 52.10
C LYS F 133 25.86 3.52 53.17
N ALA F 134 24.78 2.78 52.99
CA ALA F 134 23.68 2.78 53.95
C ALA F 134 23.62 1.48 54.78
N ALA F 135 23.58 1.64 56.10
CA ALA F 135 23.51 0.51 57.01
C ALA F 135 22.24 -0.30 56.81
N PRO F 136 22.21 -1.56 57.28
CA PRO F 136 20.96 -2.33 57.19
C PRO F 136 19.96 -1.90 58.26
N SER F 137 18.76 -2.47 58.22
CA SER F 137 17.81 -2.30 59.31
C SER F 137 17.33 -3.68 59.71
N VAL F 138 17.74 -4.13 60.89
CA VAL F 138 17.49 -5.51 61.32
C VAL F 138 16.23 -5.62 62.16
N THR F 139 15.19 -6.24 61.60
CA THR F 139 13.93 -6.44 62.31
C THR F 139 13.71 -7.93 62.58
N LEU F 140 13.39 -8.25 63.84
CA LEU F 140 13.26 -9.63 64.26
C LEU F 140 11.88 -9.84 64.88
N PHE F 141 11.41 -11.09 64.88
CA PHE F 141 10.13 -11.45 65.48
C PHE F 141 10.24 -12.79 66.20
N PRO F 142 9.49 -12.96 67.31
CA PRO F 142 9.39 -14.23 68.02
C PRO F 142 8.43 -15.19 67.31
N PRO F 143 8.66 -16.51 67.44
CA PRO F 143 7.71 -17.49 66.91
C PRO F 143 6.30 -17.18 67.41
N SER F 144 5.36 -17.15 66.47
CA SER F 144 4.10 -16.43 66.65
C SER F 144 3.13 -17.07 67.65
N SER F 145 1.95 -16.47 67.75
CA SER F 145 0.89 -16.96 68.62
C SER F 145 0.50 -18.40 68.26
N GLU F 146 0.34 -18.64 66.95
CA GLU F 146 0.16 -19.99 66.43
C GLU F 146 1.52 -20.66 66.30
N GLU F 147 1.56 -21.80 65.62
CA GLU F 147 2.81 -22.42 65.19
C GLU F 147 3.56 -23.10 66.35
N LEU F 148 3.22 -22.72 67.58
CA LEU F 148 3.66 -23.46 68.74
C LEU F 148 2.73 -24.65 69.00
N GLN F 149 1.44 -24.45 68.69
CA GLN F 149 0.44 -25.51 68.76
C GLN F 149 0.61 -26.41 67.54
N ALA F 150 1.40 -25.93 66.58
CA ALA F 150 1.72 -26.64 65.35
C ALA F 150 2.96 -27.49 65.54
N ASN F 151 3.32 -27.72 66.81
CA ASN F 151 4.64 -28.22 67.21
C ASN F 151 5.72 -27.18 66.94
N LYS F 152 6.67 -27.49 66.05
CA LYS F 152 7.90 -26.71 66.00
C LYS F 152 7.64 -25.27 65.52
N ALA F 153 8.68 -24.45 65.53
CA ALA F 153 8.55 -23.03 65.22
C ALA F 153 9.78 -22.52 64.47
N THR F 154 9.81 -21.24 64.15
CA THR F 154 10.90 -20.68 63.34
C THR F 154 11.32 -19.26 63.74
N LEU F 155 12.64 -19.02 63.73
CA LEU F 155 13.18 -17.68 64.00
C LEU F 155 13.42 -16.92 62.70
N VAL F 156 12.71 -15.80 62.56
CA VAL F 156 12.63 -15.05 61.31
C VAL F 156 13.36 -13.71 61.38
N CYS F 157 14.24 -13.42 60.42
CA CYS F 157 14.96 -12.15 60.41
C CYS F 157 14.85 -11.40 59.08
N LEU F 158 14.42 -10.14 59.16
CA LEU F 158 14.23 -9.30 57.98
C LEU F 158 15.20 -8.12 57.98
N ILE F 159 16.03 -8.01 56.94
CA ILE F 159 16.99 -6.92 56.77
C ILE F 159 16.65 -6.11 55.51
N SER F 160 16.79 -4.79 55.55
CA SER F 160 16.51 -3.99 54.35
C SER F 160 17.40 -2.76 54.16
N ASP F 161 17.16 -2.05 53.05
CA ASP F 161 17.72 -0.72 52.79
C ASP F 161 19.25 -0.55 52.85
N PHE F 162 20.01 -1.60 52.59
CA PHE F 162 21.47 -1.46 52.60
C PHE F 162 22.01 -1.24 51.18
N TYR F 163 23.27 -0.85 51.03
CA TYR F 163 23.81 -0.71 49.68
C TYR F 163 24.32 -1.94 48.90
N PRO F 164 25.41 -2.56 49.39
CA PRO F 164 26.21 -3.40 48.47
C PRO F 164 25.61 -4.76 48.09
N GLY F 165 24.81 -5.34 48.98
CA GLY F 165 24.39 -6.71 48.78
C GLY F 165 25.36 -7.67 49.43
N ALA F 166 26.32 -7.13 50.17
CA ALA F 166 27.20 -8.00 50.96
C ALA F 166 26.74 -7.95 52.40
N VAL F 167 26.04 -9.01 52.81
CA VAL F 167 25.64 -9.21 54.19
C VAL F 167 25.74 -10.69 54.53
N THR F 168 26.45 -11.01 55.61
CA THR F 168 26.62 -12.40 56.04
C THR F 168 26.08 -12.56 57.44
N VAL F 169 25.36 -13.65 57.69
CA VAL F 169 24.76 -13.89 58.98
C VAL F 169 25.39 -15.05 59.72
N ALA F 170 25.56 -14.91 61.02
CA ALA F 170 25.84 -16.03 61.90
C ALA F 170 24.81 -16.00 63.02
N TRP F 171 23.90 -16.97 63.03
CA TRP F 171 22.84 -17.00 64.05
C TRP F 171 23.41 -17.42 65.39
N LYS F 172 23.22 -16.61 66.42
CA LYS F 172 23.60 -17.07 67.76
C LYS F 172 22.42 -17.15 68.75
N ALA F 173 22.09 -18.38 69.10
CA ALA F 173 21.11 -18.66 70.13
C ALA F 173 21.84 -18.54 71.45
N ASP F 174 21.25 -17.79 72.39
CA ASP F 174 21.94 -17.40 73.61
C ASP F 174 23.24 -16.71 73.21
N SER F 175 24.36 -17.13 73.82
CA SER F 175 25.66 -16.66 73.36
C SER F 175 26.36 -17.66 72.44
N SER F 176 25.68 -18.77 72.13
CA SER F 176 26.27 -19.85 71.34
C SER F 176 25.80 -19.85 69.88
N PRO F 177 26.75 -19.72 68.92
CA PRO F 177 26.43 -19.65 67.49
C PRO F 177 25.86 -20.96 66.93
N VAL F 178 24.81 -20.85 66.12
CA VAL F 178 24.13 -22.00 65.55
C VAL F 178 24.71 -22.39 64.19
N LYS F 179 25.34 -23.57 64.14
CA LYS F 179 26.03 -24.04 62.94
C LYS F 179 25.19 -24.97 62.05
N ALA F 180 23.98 -25.30 62.50
CA ALA F 180 23.06 -26.16 61.74
C ALA F 180 21.59 -25.82 62.01
N GLY F 181 20.76 -25.90 60.96
CA GLY F 181 19.36 -25.54 61.07
C GLY F 181 19.02 -24.15 60.54
N VAL F 182 19.92 -23.59 59.73
CA VAL F 182 19.80 -22.21 59.27
C VAL F 182 19.92 -22.08 57.74
N GLU F 183 19.20 -21.12 57.15
CA GLU F 183 19.32 -20.79 55.72
C GLU F 183 19.05 -19.30 55.39
N THR F 184 19.74 -18.81 54.37
CA THR F 184 19.70 -17.39 54.03
C THR F 184 19.51 -17.18 52.54
N THR F 185 18.85 -16.09 52.16
CA THR F 185 18.73 -15.74 50.74
C THR F 185 19.98 -15.00 50.28
N THR F 186 20.03 -14.70 48.98
CA THR F 186 21.02 -13.80 48.41
C THR F 186 20.27 -12.53 48.06
N PRO F 187 20.73 -11.37 48.58
CA PRO F 187 19.97 -10.11 48.58
C PRO F 187 19.36 -9.72 47.23
N SER F 188 18.13 -9.22 47.26
CA SER F 188 17.41 -8.86 46.05
C SER F 188 16.96 -7.38 46.01
N LYS F 189 17.14 -6.77 44.85
CA LYS F 189 17.01 -5.33 44.66
C LYS F 189 15.67 -4.74 45.06
N GLN F 190 15.70 -3.47 45.46
CA GLN F 190 14.49 -2.69 45.73
C GLN F 190 14.34 -1.53 44.74
N SER F 191 13.12 -1.06 44.55
CA SER F 191 12.81 -0.03 43.53
C SER F 191 13.35 1.37 43.80
N ASN F 192 13.79 1.63 45.03
CA ASN F 192 14.51 2.87 45.34
C ASN F 192 16.02 2.63 45.28
N ASN F 193 16.38 1.44 44.83
CA ASN F 193 17.77 0.97 44.71
C ASN F 193 18.51 0.77 46.02
N LYS F 194 17.75 0.32 47.02
CA LYS F 194 18.32 -0.27 48.22
C LYS F 194 18.22 -1.78 48.03
N TYR F 195 18.67 -2.57 49.00
CA TYR F 195 18.60 -4.02 48.86
C TYR F 195 17.69 -4.70 49.89
N ALA F 196 17.50 -6.00 49.74
CA ALA F 196 16.60 -6.79 50.59
C ALA F 196 17.15 -8.19 50.89
N ALA F 197 17.21 -8.55 52.16
CA ALA F 197 17.66 -9.89 52.57
C ALA F 197 16.74 -10.50 53.65
N SER F 198 16.82 -11.82 53.81
CA SER F 198 16.06 -12.50 54.85
C SER F 198 16.77 -13.78 55.32
N SER F 199 16.71 -14.06 56.61
CA SER F 199 17.34 -15.27 57.12
C SER F 199 16.38 -16.03 58.01
N TYR F 200 16.49 -17.36 57.98
CA TYR F 200 15.58 -18.22 58.73
C TYR F 200 16.31 -19.32 59.52
N LEU F 201 15.84 -19.56 60.75
CA LEU F 201 16.36 -20.65 61.59
C LEU F 201 15.23 -21.56 62.06
N SER F 202 15.22 -22.80 61.58
CA SER F 202 14.20 -23.76 62.01
C SER F 202 14.43 -24.19 63.45
N LEU F 203 13.34 -24.42 64.18
CA LEU F 203 13.39 -24.47 65.64
C LEU F 203 12.38 -25.46 66.23
N THR F 204 12.75 -26.12 67.32
CA THR F 204 11.82 -26.95 68.09
C THR F 204 11.64 -26.32 69.46
N PRO F 205 10.39 -25.98 69.84
CA PRO F 205 10.11 -25.20 71.05
C PRO F 205 10.73 -25.80 72.32
N GLU F 206 11.09 -27.08 72.24
CA GLU F 206 11.92 -27.71 73.26
C GLU F 206 13.29 -27.03 73.31
N GLN F 207 13.89 -26.84 72.15
CA GLN F 207 15.20 -26.20 72.05
C GLN F 207 15.10 -24.67 72.02
N TRP F 208 13.86 -24.18 72.09
CA TRP F 208 13.56 -22.76 72.24
C TRP F 208 13.53 -22.39 73.72
N LYS F 209 12.60 -23.01 74.45
CA LYS F 209 12.35 -22.68 75.85
C LYS F 209 13.38 -23.31 76.78
N SER F 210 14.33 -24.04 76.20
CA SER F 210 15.52 -24.47 76.93
C SER F 210 16.71 -23.51 76.74
N HIS F 211 16.48 -22.40 76.05
CA HIS F 211 17.45 -21.30 75.96
C HIS F 211 16.82 -19.96 76.36
N ARG F 212 17.65 -18.98 76.70
CA ARG F 212 17.18 -17.72 77.26
C ARG F 212 16.93 -16.59 76.24
N SER F 213 17.98 -16.16 75.55
CA SER F 213 17.89 -15.03 74.63
C SER F 213 18.36 -15.37 73.21
N TYR F 214 18.34 -14.39 72.31
CA TYR F 214 18.71 -14.61 70.90
C TYR F 214 19.47 -13.43 70.27
N SER F 215 20.12 -13.67 69.14
CA SER F 215 20.69 -12.58 68.37
C SER F 215 20.78 -12.86 66.86
N CYS F 216 20.59 -11.80 66.07
CA CYS F 216 20.65 -11.90 64.62
C CYS F 216 22.07 -11.85 64.04
N GLN F 217 22.88 -10.90 64.51
CA GLN F 217 24.30 -10.77 64.12
C GLN F 217 24.55 -10.59 62.62
N VAL F 218 24.25 -9.42 62.09
CA VAL F 218 24.60 -9.18 60.70
C VAL F 218 26.02 -8.64 60.56
N THR F 219 26.48 -8.54 59.31
CA THR F 219 27.74 -7.89 58.98
C THR F 219 27.55 -7.10 57.68
N HIS F 220 27.70 -5.79 57.75
CA HIS F 220 27.61 -4.96 56.55
C HIS F 220 28.96 -4.30 56.32
N GLU F 221 29.69 -4.76 55.30
CA GLU F 221 31.08 -4.36 55.12
C GLU F 221 31.92 -4.68 56.37
N GLY F 222 32.42 -3.64 57.04
CA GLY F 222 33.16 -3.84 58.28
C GLY F 222 32.34 -4.55 59.34
N SER F 223 31.22 -3.94 59.75
CA SER F 223 30.13 -4.61 60.50
C SER F 223 29.01 -3.67 60.95
N THR F 224 27.86 -4.26 61.27
CA THR F 224 26.74 -3.56 61.90
C THR F 224 26.37 -4.36 63.15
N VAL F 225 25.38 -3.89 63.91
CA VAL F 225 24.94 -4.59 65.10
C VAL F 225 23.65 -5.39 64.84
N GLU F 226 23.22 -6.14 65.85
CA GLU F 226 22.12 -7.10 65.75
C GLU F 226 20.80 -6.54 66.27
N LYS F 227 19.80 -7.42 66.36
CA LYS F 227 18.56 -7.11 67.06
C LYS F 227 18.12 -8.35 67.83
N THR F 228 17.64 -8.15 69.07
CA THR F 228 17.43 -9.23 70.03
C THR F 228 16.03 -9.22 70.68
N VAL F 229 15.39 -10.39 70.73
CA VAL F 229 14.09 -10.51 71.41
C VAL F 229 13.95 -11.84 72.17
N ALA F 230 13.20 -11.81 73.27
CA ALA F 230 13.00 -12.97 74.15
C ALA F 230 11.51 -13.14 74.49
N PRO F 231 11.07 -14.35 74.92
CA PRO F 231 9.64 -14.57 75.15
C PRO F 231 9.09 -13.94 76.43
N THR F 232 9.33 -12.64 76.62
CA THR F 232 9.00 -11.93 77.86
C THR F 232 7.63 -11.25 77.89
N GLU F 233 6.81 -11.50 76.87
CA GLU F 233 5.44 -10.97 76.73
C GLU F 233 4.74 -10.59 78.03
C1 NAG G . -5.06 7.34 -5.84
C2 NAG G . -3.95 6.97 -4.86
C3 NAG G . -3.63 8.07 -3.85
C4 NAG G . -3.52 9.45 -4.53
C5 NAG G . -4.86 9.72 -5.19
C6 NAG G . -4.78 10.64 -6.39
C7 NAG G . -3.80 4.57 -4.69
C8 NAG G . -4.18 3.30 -3.99
N2 NAG G . -4.25 5.72 -4.19
O3 NAG G . -2.43 7.67 -3.23
O4 NAG G . -3.37 10.55 -3.66
O5 NAG G . -5.64 8.60 -5.56
O6 NAG G . -5.33 11.87 -6.05
O7 NAG G . -3.09 4.50 -5.70
C1 NAG G . -2.07 10.75 -3.07
C2 NAG G . -2.04 12.09 -2.32
C3 NAG G . -0.69 12.38 -1.70
C4 NAG G . -0.26 11.21 -0.82
C5 NAG G . -0.35 9.94 -1.66
C6 NAG G . 0.20 8.70 -0.94
C7 NAG G . -3.60 13.72 -3.13
C8 NAG G . -3.89 14.84 -4.10
N2 NAG G . -2.38 13.21 -3.16
O3 NAG G . -0.88 13.55 -0.96
O4 NAG G . 1.08 11.34 -0.38
O5 NAG G . -1.67 9.74 -2.17
O6 NAG G . -0.41 8.48 0.32
O7 NAG G . -4.48 13.29 -2.36
C1 BMA G . 1.28 12.19 0.77
C2 BMA G . 2.67 11.91 1.30
C3 BMA G . 2.84 12.67 2.63
C4 BMA G . 2.56 14.16 2.42
C5 BMA G . 1.18 14.27 1.80
C6 BMA G . 0.69 15.73 1.80
O2 BMA G . 3.60 12.26 0.29
O3 BMA G . 4.00 12.42 3.44
O4 BMA G . 2.43 14.87 3.62
O5 BMA G . 1.17 13.60 0.56
O6 BMA G . 1.18 16.51 0.74
C1 BMA G . 5.21 11.93 2.81
C2 BMA G . 6.35 12.10 3.81
C3 BMA G . 7.68 11.89 3.10
C4 BMA G . 7.66 10.51 2.45
C5 BMA G . 6.41 10.39 1.57
C6 BMA G . 6.35 9.07 0.79
O2 BMA G . 6.21 11.14 4.83
O3 BMA G . 8.73 12.02 4.04
O4 BMA G . 8.81 10.33 1.66
O5 BMA G . 5.25 10.58 2.38
O6 BMA G . 7.16 9.16 -0.37
C1 BMA G . 2.28 17.35 1.20
C2 BMA G . 2.80 18.22 0.07
C3 BMA G . 4.15 18.74 0.51
C4 BMA G . 3.95 19.54 1.80
C5 BMA G . 3.16 18.76 2.87
C6 BMA G . 2.72 19.67 4.00
O2 BMA G . 1.93 19.30 -0.16
O3 BMA G . 4.73 19.53 -0.52
O4 BMA G . 5.22 19.94 2.30
O5 BMA G . 1.98 18.17 2.32
O6 BMA G . 1.69 20.53 3.54
C1 NAG H . 7.41 -4.02 5.18
C2 NAG H . 6.81 -2.85 4.39
C3 NAG H . 7.64 -2.54 3.13
C4 NAG H . 9.15 -2.55 3.40
C5 NAG H . 9.49 -3.81 4.18
C6 NAG H . 10.93 -3.92 4.56
C7 NAG H . 4.37 -2.67 4.70
C8 NAG H . 3.03 -3.10 4.17
N2 NAG H . 5.43 -3.15 4.04
O3 NAG H . 7.28 -1.26 2.61
O4 NAG H . 9.91 -2.48 2.20
O5 NAG H . 8.75 -3.79 5.40
O6 NAG H . 11.08 -3.79 5.97
O7 NAG H . 4.48 -1.93 5.67
C1 NAG H . 10.49 -1.19 1.81
C2 NAG H . 11.85 -1.45 1.18
C3 NAG H . 12.51 -0.13 0.76
C4 NAG H . 11.61 0.58 -0.24
C5 NAG H . 10.20 0.80 0.34
C6 NAG H . 9.22 1.30 -0.69
C7 NAG H . 13.49 -3.22 1.70
C8 NAG H . 13.50 -3.53 0.23
N2 NAG H . 12.70 -2.20 2.08
O3 NAG H . 13.78 -0.39 0.17
O4 NAG H . 12.18 1.85 -0.58
O5 NAG H . 9.66 -0.43 0.87
O6 NAG H . 8.21 0.34 -1.00
O7 NAG H . 14.18 -3.86 2.49
C1 BMA H . 12.55 2.00 -1.97
C2 BMA H . 12.17 3.41 -2.54
C3 BMA H . 12.48 3.36 -4.07
C4 BMA H . 13.99 3.01 -4.31
C5 BMA H . 14.22 1.61 -3.72
C6 BMA H . 15.60 0.98 -4.01
O2 BMA H . 12.95 4.45 -1.91
O3 BMA H . 11.96 4.45 -4.92
O4 BMA H . 14.32 2.99 -5.71
O5 BMA H . 13.94 1.67 -2.27
O6 BMA H . 16.50 1.10 -2.90
C1 BMA H . 12.29 5.80 -4.57
C2 BMA H . 12.74 6.58 -5.87
C3 BMA H . 12.57 8.12 -5.80
C4 BMA H . 11.56 8.64 -4.69
C5 BMA H . 11.58 7.73 -3.44
C6 BMA H . 10.63 8.16 -2.31
O2 BMA H . 12.02 6.14 -7.03
O3 BMA H . 12.23 8.67 -7.09
O4 BMA H . 11.91 9.98 -4.30
O5 BMA H . 11.23 6.42 -3.87
O6 BMA H . 9.31 8.31 -2.84
C1 BMA H . 17.32 2.25 -3.18
C2 BMA H . 18.10 2.73 -1.98
C3 BMA H . 18.29 4.22 -2.23
C4 BMA H . 18.92 4.53 -3.65
C5 BMA H . 18.48 3.51 -4.81
C6 BMA H . 19.52 3.37 -5.94
O2 BMA H . 19.41 2.14 -1.95
O3 BMA H . 19.02 4.84 -1.16
O4 BMA H . 18.58 5.85 -4.04
O5 BMA H . 18.18 2.19 -4.29
O6 BMA H . 19.07 2.34 -6.84
#